data_1O9K
#
_entry.id   1O9K
#
_cell.length_a   101.996
_cell.length_b   158.548
_cell.length_c   110.617
_cell.angle_alpha   90.00
_cell.angle_beta   93.70
_cell.angle_gamma   90.00
#
_symmetry.space_group_name_H-M   'C 1 2 1'
#
loop_
_entity.id
_entity.type
_entity.pdbx_description
1 polymer 'RETINOBLASTOMA-ASSOCIATED PROTEIN'
2 polymer 'RETINOBLASTOMA-ASSOCIATED PROTEIN'
3 polymer 'TRANSCRIPTION FACTOR E2F1'
4 water water
#
loop_
_entity_poly.entity_id
_entity_poly.type
_entity_poly.pdbx_seq_one_letter_code
_entity_poly.pdbx_strand_id
1 'polypeptide(L)'
;HTPVRTVMNTIQQLMMILNSASDQPSENLISYFNNCTVNPKESILKRVKDIGYIFKEKFAKAVGQGCVEIGSQRYKLGVR
LYYRVMESMLKSEEERLSIQNFSKLLNDNIFHMSLLACALEVVMATYSRSTSQNLDSGTDLSFPWILNVLNLKAFDFYKV
IESFIKAEGNLTREMIKHLERCEHRIMESLAWLSDSPLFDLIKQSKDREGPTDHLESA
;
A,C,E,G
2 'polypeptide(L)'
;FQTQKPLKSTSLSLFYKKVYRLAYLRLNTLCERLLSEHPELEHIIWTLFQHTLQNEYELMRDRHLDQIMMCSMYGICKVK
NIDLKFKIIVTAYKDLPHAVQETFKRVLIKEEEYDSIIVFYNSVFMQRLKTNILQYASTRPPTLSPIPHIPR
;
B,D,F,H
3 'polypeptide(L)' LDYHFGLEEGEGIRDLFD P,Q,R,S
#
# COMPACT_ATOMS: atom_id res chain seq x y z
N MET A 8 17.15 -7.24 -3.43
CA MET A 8 17.62 -7.33 -4.85
C MET A 8 16.51 -6.91 -5.81
N ASN A 9 15.46 -6.31 -5.27
CA ASN A 9 14.33 -5.83 -6.06
C ASN A 9 14.59 -4.40 -6.51
N THR A 10 14.05 -4.05 -7.68
CA THR A 10 14.16 -2.67 -8.16
C THR A 10 12.81 -1.99 -8.25
N ILE A 11 12.82 -0.69 -8.01
CA ILE A 11 11.64 0.16 -8.06
C ILE A 11 10.84 -0.12 -9.32
N GLN A 12 11.57 -0.42 -10.39
CA GLN A 12 10.99 -0.66 -11.70
C GLN A 12 9.94 -1.77 -11.81
N GLN A 13 10.12 -2.88 -11.11
CA GLN A 13 9.18 -3.98 -11.19
C GLN A 13 7.86 -3.71 -10.48
N LEU A 14 7.93 -3.15 -9.27
CA LEU A 14 6.69 -2.84 -8.58
C LEU A 14 5.93 -1.80 -9.37
N MET A 15 6.68 -0.87 -9.99
CA MET A 15 6.04 0.17 -10.82
C MET A 15 5.32 -0.43 -12.03
N MET A 16 5.84 -1.51 -12.60
CA MET A 16 5.19 -2.14 -13.74
C MET A 16 3.97 -2.95 -13.32
N ILE A 17 4.08 -3.58 -12.17
CA ILE A 17 2.99 -4.35 -11.62
C ILE A 17 1.81 -3.45 -11.32
N LEU A 18 2.05 -2.32 -10.66
CA LEU A 18 0.94 -1.43 -10.29
C LEU A 18 0.38 -0.72 -11.51
N ASN A 19 1.25 -0.42 -12.46
CA ASN A 19 0.81 0.20 -13.68
C ASN A 19 -0.24 -0.61 -14.41
N SER A 20 -0.16 -1.94 -14.39
CA SER A 20 -1.16 -2.70 -15.15
C SER A 20 -2.22 -3.38 -14.27
N ALA A 21 -1.98 -3.41 -12.97
CA ALA A 21 -2.94 -3.99 -12.03
C ALA A 21 -4.29 -3.29 -12.10
N SER A 22 -5.33 -4.01 -11.72
CA SER A 22 -6.71 -3.53 -11.74
C SER A 22 -7.13 -2.68 -10.55
N ASP A 23 -8.06 -1.75 -10.78
CA ASP A 23 -8.58 -0.88 -9.72
C ASP A 23 -9.68 -1.58 -8.90
N GLN A 24 -10.04 -2.78 -9.31
CA GLN A 24 -11.11 -3.48 -8.64
C GLN A 24 -10.65 -4.79 -8.00
N PRO A 25 -11.37 -5.26 -7.00
CA PRO A 25 -11.04 -6.55 -6.38
C PRO A 25 -11.01 -7.64 -7.47
N SER A 26 -10.12 -8.60 -7.36
CA SER A 26 -10.02 -9.62 -8.38
C SER A 26 -11.12 -10.63 -8.20
N GLU A 27 -11.27 -11.51 -9.19
CA GLU A 27 -12.27 -12.55 -9.13
C GLU A 27 -12.01 -13.39 -7.89
N ASN A 28 -10.74 -13.62 -7.60
CA ASN A 28 -10.39 -14.41 -6.45
C ASN A 28 -10.70 -13.73 -5.13
N LEU A 29 -10.50 -12.41 -5.06
CA LEU A 29 -10.76 -11.69 -3.82
C LEU A 29 -12.25 -11.68 -3.47
N ILE A 30 -13.08 -11.51 -4.49
CA ILE A 30 -14.52 -11.55 -4.35
C ILE A 30 -14.89 -12.94 -3.89
N SER A 31 -14.10 -13.91 -4.30
CA SER A 31 -14.37 -15.26 -3.89
C SER A 31 -14.35 -15.28 -2.37
N TYR A 32 -13.32 -14.68 -1.79
CA TYR A 32 -13.22 -14.59 -0.33
C TYR A 32 -14.36 -13.78 0.33
N PHE A 33 -14.77 -12.68 -0.30
CA PHE A 33 -15.87 -11.89 0.22
C PHE A 33 -17.16 -12.74 0.29
N ASN A 34 -17.40 -13.56 -0.72
CA ASN A 34 -18.59 -14.40 -0.72
C ASN A 34 -18.52 -15.59 0.25
N ASN A 35 -17.34 -15.89 0.77
CA ASN A 35 -17.21 -17.01 1.69
C ASN A 35 -17.41 -16.61 3.15
N CYS A 36 -17.58 -15.30 3.40
CA CYS A 36 -17.73 -14.76 4.75
C CYS A 36 -19.13 -14.94 5.36
N THR A 37 -19.18 -15.11 6.67
CA THR A 37 -20.45 -15.20 7.38
C THR A 37 -21.24 -13.92 7.10
N VAL A 38 -20.53 -12.81 6.96
CA VAL A 38 -21.15 -11.53 6.66
C VAL A 38 -20.39 -10.99 5.46
N ASN A 39 -21.10 -10.58 4.41
CA ASN A 39 -20.46 -10.12 3.19
C ASN A 39 -19.89 -8.68 3.27
N PRO A 40 -18.58 -8.53 3.11
CA PRO A 40 -17.92 -7.21 3.16
C PRO A 40 -17.77 -6.44 1.85
N LYS A 41 -17.99 -7.09 0.71
CA LYS A 41 -17.85 -6.41 -0.58
C LYS A 41 -18.47 -5.01 -0.65
N GLU A 42 -19.54 -4.80 0.11
CA GLU A 42 -20.26 -3.53 0.10
C GLU A 42 -19.53 -2.40 0.85
N SER A 43 -19.22 -2.66 2.10
CA SER A 43 -18.48 -1.68 2.87
C SER A 43 -17.08 -1.44 2.27
N ILE A 44 -16.49 -2.47 1.67
CA ILE A 44 -15.15 -2.32 1.12
C ILE A 44 -15.08 -1.36 -0.08
N LEU A 45 -16.08 -1.43 -0.97
CA LEU A 45 -16.14 -0.60 -2.14
C LEU A 45 -16.47 0.85 -1.75
N LYS A 46 -17.41 0.99 -0.82
CA LYS A 46 -17.88 2.31 -0.42
C LYS A 46 -16.80 3.07 0.32
N ARG A 47 -16.06 2.33 1.13
CA ARG A 47 -14.96 2.92 1.89
C ARG A 47 -13.89 3.46 0.93
N VAL A 48 -13.54 2.67 -0.09
CA VAL A 48 -12.57 3.13 -1.11
C VAL A 48 -13.08 4.41 -1.80
N LYS A 49 -14.34 4.43 -2.17
CA LYS A 49 -14.97 5.59 -2.81
C LYS A 49 -14.88 6.87 -1.94
N ASP A 50 -15.28 6.78 -0.67
CA ASP A 50 -15.30 7.96 0.20
C ASP A 50 -13.89 8.43 0.58
N ILE A 51 -13.05 7.53 1.04
CA ILE A 51 -11.70 7.95 1.38
C ILE A 51 -11.04 8.62 0.19
N GLY A 52 -11.16 8.06 -1.01
CA GLY A 52 -10.55 8.71 -2.14
C GLY A 52 -11.04 10.14 -2.30
N TYR A 53 -12.29 10.39 -1.93
CA TYR A 53 -12.88 11.70 -2.08
C TYR A 53 -12.22 12.67 -1.09
N ILE A 54 -12.04 12.17 0.13
CA ILE A 54 -11.43 12.91 1.19
C ILE A 54 -9.94 13.15 0.96
N PHE A 55 -9.27 12.15 0.38
CA PHE A 55 -7.84 12.16 0.13
C PHE A 55 -7.37 13.22 -0.89
N LYS A 56 -8.09 13.37 -1.99
CA LYS A 56 -7.69 14.34 -3.01
C LYS A 56 -7.80 15.76 -2.49
N GLU A 57 -8.91 16.04 -1.82
CA GLU A 57 -9.11 17.38 -1.30
C GLU A 57 -8.00 17.72 -0.31
N LYS A 58 -7.69 16.77 0.55
CA LYS A 58 -6.64 16.97 1.54
C LYS A 58 -5.29 17.10 0.87
N PHE A 59 -5.04 16.28 -0.14
CA PHE A 59 -3.77 16.31 -0.83
C PHE A 59 -3.56 17.72 -1.39
N ALA A 60 -4.46 18.12 -2.29
CA ALA A 60 -4.44 19.46 -2.87
C ALA A 60 -4.19 20.55 -1.83
N LYS A 61 -4.90 20.45 -0.70
CA LYS A 61 -4.77 21.43 0.37
C LYS A 61 -3.35 21.42 0.94
N ALA A 62 -2.85 20.25 1.29
CA ALA A 62 -1.50 20.19 1.86
C ALA A 62 -0.49 20.66 0.85
N VAL A 63 -0.71 20.32 -0.40
CA VAL A 63 0.24 20.68 -1.44
C VAL A 63 0.04 22.11 -1.84
N GLY A 64 0.82 23.00 -1.26
CA GLY A 64 0.69 24.39 -1.61
C GLY A 64 -0.79 24.68 -1.65
N GLN A 65 -1.30 25.05 -2.82
CA GLN A 65 -2.67 25.45 -2.96
C GLN A 65 -3.28 25.19 -4.34
N GLY A 66 -4.61 25.14 -4.40
CA GLY A 66 -5.38 25.02 -5.64
C GLY A 66 -5.99 23.67 -6.03
N CYS A 67 -5.69 23.25 -7.25
CA CYS A 67 -6.15 22.00 -7.84
C CYS A 67 -4.89 21.22 -8.20
N VAL A 68 -4.79 19.99 -7.72
CA VAL A 68 -3.59 19.16 -7.93
C VAL A 68 -3.87 17.80 -8.58
N GLU A 69 -3.98 17.80 -9.90
CA GLU A 69 -4.27 16.60 -10.66
C GLU A 69 -3.44 15.37 -10.27
N ILE A 70 -2.45 15.53 -9.40
CA ILE A 70 -1.58 14.39 -9.09
C ILE A 70 -2.08 13.53 -7.94
N GLY A 71 -2.93 14.12 -7.11
CA GLY A 71 -3.51 13.42 -5.99
C GLY A 71 -4.28 12.20 -6.42
N SER A 72 -5.08 12.33 -7.48
CA SER A 72 -5.84 11.21 -8.00
C SER A 72 -4.97 10.04 -8.42
N GLN A 73 -3.97 10.32 -9.26
CA GLN A 73 -3.11 9.27 -9.83
C GLN A 73 -2.47 8.46 -8.69
N ARG A 74 -2.16 9.13 -7.58
CA ARG A 74 -1.53 8.42 -6.48
C ARG A 74 -2.49 7.52 -5.72
N TYR A 75 -3.65 8.06 -5.36
CA TYR A 75 -4.65 7.30 -4.62
C TYR A 75 -4.98 5.99 -5.34
N LYS A 76 -5.14 6.08 -6.66
CA LYS A 76 -5.42 4.91 -7.50
C LYS A 76 -4.36 3.84 -7.40
N LEU A 77 -3.09 4.26 -7.38
CA LEU A 77 -1.99 3.34 -7.26
C LEU A 77 -2.08 2.72 -5.88
N GLY A 78 -2.43 3.56 -4.90
CA GLY A 78 -2.62 3.08 -3.54
C GLY A 78 -3.63 1.93 -3.53
N VAL A 79 -4.81 2.18 -4.12
CA VAL A 79 -5.85 1.17 -4.16
C VAL A 79 -5.46 -0.12 -4.88
N ARG A 80 -4.69 0.00 -5.95
CA ARG A 80 -4.29 -1.18 -6.69
C ARG A 80 -3.35 -2.05 -5.83
N LEU A 81 -2.56 -1.40 -5.00
CA LEU A 81 -1.66 -2.11 -4.11
C LEU A 81 -2.45 -2.75 -2.98
N TYR A 82 -3.34 -1.94 -2.41
CA TYR A 82 -4.25 -2.34 -1.34
C TYR A 82 -4.92 -3.67 -1.62
N TYR A 83 -5.54 -3.75 -2.80
CA TYR A 83 -6.22 -4.97 -3.20
C TYR A 83 -5.24 -6.12 -3.44
N ARG A 84 -4.12 -5.83 -4.08
CA ARG A 84 -3.14 -6.88 -4.38
C ARG A 84 -2.55 -7.48 -3.09
N VAL A 85 -2.40 -6.65 -2.07
CA VAL A 85 -1.88 -7.07 -0.78
C VAL A 85 -2.92 -7.81 0.07
N MET A 86 -4.17 -7.35 0.01
CA MET A 86 -5.25 -8.00 0.76
C MET A 86 -5.43 -9.44 0.28
N GLU A 87 -5.37 -9.63 -1.03
CA GLU A 87 -5.52 -10.96 -1.61
C GLU A 87 -4.33 -11.84 -1.30
N SER A 88 -3.14 -11.26 -1.21
CA SER A 88 -1.95 -12.03 -0.85
C SER A 88 -2.03 -12.47 0.61
N MET A 89 -2.54 -11.60 1.46
CA MET A 89 -2.67 -11.94 2.87
C MET A 89 -3.69 -13.06 3.07
N LEU A 90 -4.84 -12.98 2.38
CA LEU A 90 -5.89 -13.97 2.50
C LEU A 90 -5.41 -15.35 2.02
N LYS A 91 -4.80 -15.41 0.85
CA LYS A 91 -4.30 -16.68 0.31
C LYS A 91 -3.39 -17.30 1.32
N SER A 92 -2.59 -16.45 1.94
CA SER A 92 -1.64 -16.88 2.95
C SER A 92 -2.31 -17.41 4.20
N GLU A 93 -3.28 -16.69 4.70
CA GLU A 93 -3.96 -17.12 5.90
C GLU A 93 -4.67 -18.44 5.71
N GLU A 94 -5.23 -18.63 4.52
CA GLU A 94 -5.96 -19.85 4.18
C GLU A 94 -5.09 -21.10 4.28
N GLU A 95 -3.83 -20.99 3.90
CA GLU A 95 -2.94 -22.16 3.93
C GLU A 95 -2.29 -22.32 5.28
N ARG A 96 -2.53 -21.35 6.15
CA ARG A 96 -1.94 -21.35 7.50
C ARG A 96 -2.91 -21.85 8.57
N LEU A 97 -4.20 -21.68 8.34
CA LEU A 97 -5.22 -22.04 9.33
C LEU A 97 -6.20 -23.06 8.76
N SER A 98 -6.06 -23.29 7.47
CA SER A 98 -6.98 -24.07 6.67
C SER A 98 -8.48 -23.84 6.88
N ILE A 99 -8.88 -22.57 6.88
CA ILE A 99 -10.29 -22.21 6.91
C ILE A 99 -10.48 -21.25 5.74
N GLN A 100 -11.71 -21.04 5.26
CA GLN A 100 -11.94 -20.09 4.15
C GLN A 100 -12.81 -18.91 4.49
N ASN A 101 -13.16 -18.78 5.76
CA ASN A 101 -14.05 -17.70 6.18
C ASN A 101 -13.30 -16.36 6.27
N PHE A 102 -13.07 -15.88 7.48
CA PHE A 102 -12.36 -14.61 7.66
C PHE A 102 -13.32 -13.44 7.83
N SER A 103 -14.61 -13.73 8.02
CA SER A 103 -15.63 -12.69 8.12
C SER A 103 -15.24 -11.57 9.07
N LYS A 104 -14.76 -11.94 10.26
CA LYS A 104 -14.40 -10.98 11.27
C LYS A 104 -13.34 -10.00 10.82
N LEU A 105 -12.24 -10.52 10.28
CA LEU A 105 -11.13 -9.67 9.84
C LEU A 105 -11.57 -8.70 8.77
N LEU A 106 -12.24 -9.22 7.75
CA LEU A 106 -12.70 -8.43 6.60
C LEU A 106 -13.89 -7.48 6.88
N ASN A 107 -14.47 -7.51 8.07
CA ASN A 107 -15.54 -6.55 8.36
C ASN A 107 -15.07 -5.40 9.28
N ASP A 108 -13.82 -5.49 9.71
CA ASP A 108 -13.22 -4.55 10.64
C ASP A 108 -12.76 -3.29 9.93
N ASN A 109 -13.37 -2.17 10.29
CA ASN A 109 -13.05 -0.89 9.71
C ASN A 109 -11.56 -0.55 9.83
N ILE A 110 -11.03 -0.69 11.04
CA ILE A 110 -9.61 -0.39 11.31
C ILE A 110 -8.64 -1.16 10.43
N PHE A 111 -8.90 -2.46 10.26
CA PHE A 111 -8.05 -3.30 9.40
C PHE A 111 -7.88 -2.74 7.98
N HIS A 112 -8.99 -2.40 7.32
CA HIS A 112 -8.98 -1.86 5.96
C HIS A 112 -8.45 -0.45 5.94
N MET A 113 -8.66 0.24 7.05
CA MET A 113 -8.18 1.60 7.14
C MET A 113 -6.66 1.57 7.22
N SER A 114 -6.11 0.58 7.93
CA SER A 114 -4.68 0.47 8.13
C SER A 114 -3.95 -0.05 6.90
N LEU A 115 -4.54 -1.07 6.26
CA LEU A 115 -3.97 -1.65 5.06
C LEU A 115 -3.82 -0.55 4.01
N LEU A 116 -4.90 0.20 3.78
CA LEU A 116 -4.95 1.25 2.77
C LEU A 116 -3.86 2.32 3.00
N ALA A 117 -3.81 2.84 4.23
CA ALA A 117 -2.83 3.84 4.63
C ALA A 117 -1.44 3.32 4.36
N CYS A 118 -1.17 2.12 4.84
CA CYS A 118 0.15 1.58 4.65
C CYS A 118 0.48 1.57 3.17
N ALA A 119 -0.45 1.04 2.38
CA ALA A 119 -0.28 0.95 0.93
C ALA A 119 -0.11 2.31 0.27
N LEU A 120 -0.79 3.33 0.78
CA LEU A 120 -0.64 4.66 0.23
C LEU A 120 0.68 5.27 0.72
N GLU A 121 1.18 4.83 1.87
CA GLU A 121 2.36 5.47 2.35
C GLU A 121 3.52 5.04 1.47
N VAL A 122 3.44 3.82 0.98
CA VAL A 122 4.48 3.27 0.14
C VAL A 122 4.49 3.97 -1.21
N VAL A 123 3.30 4.17 -1.77
CA VAL A 123 3.20 4.77 -3.10
C VAL A 123 3.71 6.19 -3.08
N MET A 124 3.31 6.96 -2.07
CA MET A 124 3.76 8.34 -1.96
C MET A 124 5.25 8.46 -1.63
N ALA A 125 5.82 7.41 -1.04
CA ALA A 125 7.22 7.42 -0.67
C ALA A 125 8.07 7.40 -1.92
N THR A 126 7.75 6.48 -2.81
CA THR A 126 8.54 6.37 -4.01
C THR A 126 8.60 7.69 -4.78
N TYR A 127 7.54 8.49 -4.73
CA TYR A 127 7.51 9.77 -5.45
C TYR A 127 7.80 11.01 -4.62
N SER A 128 8.63 10.89 -3.59
CA SER A 128 8.96 12.04 -2.74
C SER A 128 9.51 13.21 -3.56
N ARG A 129 10.43 12.93 -4.49
CA ARG A 129 11.02 13.95 -5.36
C ARG A 129 10.08 14.29 -6.51
N SER A 130 8.83 14.61 -6.16
CA SER A 130 7.80 14.94 -7.13
C SER A 130 7.34 16.39 -6.97
N SER A 137 3.35 25.19 -1.05
CA SER A 137 4.07 24.18 -0.32
C SER A 137 3.19 24.00 0.93
N GLY A 138 3.67 24.14 2.14
CA GLY A 138 2.80 23.81 3.26
C GLY A 138 3.46 22.49 3.38
N THR A 139 2.81 21.43 3.79
CA THR A 139 3.64 20.26 3.82
C THR A 139 2.86 19.10 3.47
N ASP A 140 3.58 18.17 2.89
CA ASP A 140 2.92 16.98 2.53
C ASP A 140 3.33 15.77 3.36
N LEU A 141 3.08 14.65 2.70
CA LEU A 141 3.08 13.30 3.24
C LEU A 141 4.04 12.73 4.26
N SER A 142 5.23 13.25 4.42
CA SER A 142 6.09 12.55 5.37
C SER A 142 5.28 11.67 6.40
N PHE A 143 5.46 10.34 6.33
CA PHE A 143 4.70 9.31 7.12
C PHE A 143 3.56 9.68 8.02
N PRO A 144 3.79 10.45 9.08
CA PRO A 144 2.69 10.78 9.98
C PRO A 144 1.49 11.43 9.23
N TRP A 145 1.74 12.23 8.19
CA TRP A 145 0.66 12.94 7.46
C TRP A 145 -0.56 12.08 7.11
N ILE A 146 -0.30 10.91 6.56
CA ILE A 146 -1.35 10.00 6.13
C ILE A 146 -2.25 9.62 7.28
N LEU A 147 -1.71 9.59 8.49
CA LEU A 147 -2.53 9.21 9.64
C LEU A 147 -3.59 10.24 9.85
N ASN A 148 -3.18 11.50 9.98
CA ASN A 148 -4.12 12.57 10.22
C ASN A 148 -5.14 12.64 9.09
N VAL A 149 -4.67 12.54 7.87
CA VAL A 149 -5.56 12.57 6.72
C VAL A 149 -6.74 11.58 6.84
N LEU A 150 -6.45 10.37 7.33
CA LEU A 150 -7.46 9.31 7.44
C LEU A 150 -8.06 9.18 8.85
N ASN A 151 -7.61 10.00 9.80
CA ASN A 151 -8.08 9.90 11.17
C ASN A 151 -7.79 8.52 11.78
N LEU A 152 -6.62 8.00 11.47
CA LEU A 152 -6.19 6.67 11.88
C LEU A 152 -5.08 6.75 12.89
N LYS A 153 -5.21 5.99 13.97
CA LYS A 153 -4.17 6.00 15.00
C LYS A 153 -2.89 5.24 14.64
N ALA A 154 -1.78 5.70 15.19
CA ALA A 154 -0.49 5.06 14.95
C ALA A 154 -0.44 3.60 15.42
N PHE A 155 -1.08 3.31 16.55
CA PHE A 155 -0.99 1.97 17.08
C PHE A 155 -1.66 0.96 16.14
N ASP A 156 -2.75 1.39 15.48
CA ASP A 156 -3.49 0.52 14.54
C ASP A 156 -2.74 0.29 13.23
N PHE A 157 -2.04 1.32 12.75
CA PHE A 157 -1.26 1.28 11.52
C PHE A 157 -0.18 0.24 11.67
N TYR A 158 0.55 0.34 12.77
CA TYR A 158 1.62 -0.57 13.10
C TYR A 158 1.21 -2.04 12.97
N LYS A 159 0.00 -2.38 13.42
CA LYS A 159 -0.45 -3.76 13.36
C LYS A 159 -0.46 -4.34 11.95
N VAL A 160 -0.29 -3.49 10.94
CA VAL A 160 -0.39 -3.95 9.56
C VAL A 160 0.95 -4.03 8.86
N ILE A 161 1.95 -3.37 9.45
CA ILE A 161 3.29 -3.29 8.87
C ILE A 161 4.01 -4.65 8.61
N GLU A 162 4.22 -5.47 9.63
CA GLU A 162 4.95 -6.73 9.37
C GLU A 162 4.29 -7.62 8.32
N SER A 163 2.96 -7.72 8.35
CA SER A 163 2.26 -8.59 7.41
C SER A 163 2.34 -8.04 6.00
N PHE A 164 2.25 -6.72 5.89
CA PHE A 164 2.34 -6.06 4.60
C PHE A 164 3.69 -6.40 3.96
N ILE A 165 4.76 -6.35 4.75
CA ILE A 165 6.10 -6.71 4.26
C ILE A 165 6.22 -8.17 3.80
N LYS A 166 5.50 -9.10 4.42
CA LYS A 166 5.58 -10.50 4.01
C LYS A 166 4.64 -10.81 2.88
N ALA A 167 3.61 -10.00 2.72
CA ALA A 167 2.64 -10.25 1.66
C ALA A 167 3.09 -9.73 0.30
N GLU A 168 3.95 -8.71 0.28
CA GLU A 168 4.40 -8.09 -0.97
C GLU A 168 5.84 -8.42 -1.27
N GLY A 169 6.05 -9.40 -2.15
CA GLY A 169 7.41 -9.77 -2.49
C GLY A 169 8.16 -8.79 -3.37
N ASN A 170 7.50 -7.75 -3.86
CA ASN A 170 8.17 -6.82 -4.77
C ASN A 170 8.61 -5.48 -4.15
N LEU A 171 8.72 -5.42 -2.83
CA LEU A 171 9.12 -4.17 -2.19
C LEU A 171 10.63 -3.98 -2.28
N THR A 172 11.08 -2.76 -2.58
CA THR A 172 12.51 -2.51 -2.62
C THR A 172 13.12 -2.52 -1.24
N ARG A 173 14.44 -2.45 -1.21
CA ARG A 173 15.19 -2.44 0.03
C ARG A 173 14.92 -1.12 0.72
N GLU A 174 14.78 -0.07 -0.07
CA GLU A 174 14.55 1.28 0.43
C GLU A 174 13.16 1.43 1.02
N MET A 175 12.22 0.68 0.46
CA MET A 175 10.83 0.74 0.88
C MET A 175 10.63 0.00 2.20
N ILE A 176 11.31 -1.14 2.37
CA ILE A 176 11.22 -1.88 3.62
C ILE A 176 11.87 -1.00 4.68
N LYS A 177 12.98 -0.40 4.32
CA LYS A 177 13.67 0.49 5.21
C LYS A 177 12.74 1.62 5.66
N HIS A 178 11.99 2.21 4.74
CA HIS A 178 11.13 3.33 5.07
C HIS A 178 10.03 2.85 6.00
N LEU A 179 9.49 1.66 5.70
CA LEU A 179 8.44 1.08 6.52
C LEU A 179 8.90 0.82 7.95
N GLU A 180 10.14 0.39 8.09
CA GLU A 180 10.70 0.14 9.40
C GLU A 180 10.86 1.43 10.20
N ARG A 181 11.27 2.50 9.52
CA ARG A 181 11.41 3.79 10.17
C ARG A 181 10.07 4.32 10.71
N CYS A 182 8.99 4.09 9.98
CA CYS A 182 7.66 4.48 10.44
C CYS A 182 7.32 3.64 11.68
N GLU A 183 7.67 2.37 11.62
CA GLU A 183 7.39 1.50 12.75
C GLU A 183 8.14 1.89 14.01
N HIS A 184 9.36 2.34 13.83
CA HIS A 184 10.17 2.75 14.96
C HIS A 184 9.63 4.03 15.56
N ARG A 185 9.03 4.86 14.75
CA ARG A 185 8.52 6.11 15.28
C ARG A 185 7.23 5.88 16.00
N ILE A 186 6.53 4.81 15.65
CA ILE A 186 5.27 4.50 16.32
C ILE A 186 5.63 3.98 17.69
N MET A 187 6.60 3.08 17.70
CA MET A 187 7.10 2.48 18.93
C MET A 187 7.80 3.46 19.86
N GLU A 188 8.41 4.51 19.32
CA GLU A 188 9.17 5.42 20.18
C GLU A 188 8.26 6.43 20.86
N SER A 189 7.24 6.92 20.16
CA SER A 189 6.32 7.90 20.76
C SER A 189 4.87 7.91 20.31
N LEU A 190 4.60 7.94 19.01
CA LEU A 190 3.23 8.04 18.53
C LEU A 190 2.23 7.08 19.20
N ALA A 191 2.61 5.81 19.37
CA ALA A 191 1.68 4.87 19.97
C ALA A 191 1.50 5.16 21.45
N TRP A 192 2.24 6.12 21.97
CA TRP A 192 2.12 6.47 23.38
C TRP A 192 1.43 7.83 23.60
N LEU A 193 0.84 8.40 22.57
CA LEU A 193 0.09 9.65 22.78
C LEU A 193 -1.20 9.31 23.52
N SER A 194 -1.76 10.33 24.17
CA SER A 194 -2.98 10.17 24.96
C SER A 194 -4.17 9.69 24.17
N ASP A 195 -4.16 9.93 22.86
CA ASP A 195 -5.25 9.42 22.02
C ASP A 195 -5.04 7.96 21.57
N SER A 196 -4.07 7.26 22.15
CA SER A 196 -3.74 5.94 21.63
C SER A 196 -4.46 4.74 22.26
N PRO A 197 -5.06 3.90 21.40
CA PRO A 197 -5.76 2.71 21.85
C PRO A 197 -4.90 1.83 22.75
N LEU A 198 -3.58 1.91 22.61
CA LEU A 198 -2.64 1.16 23.44
C LEU A 198 -2.97 1.16 24.97
N PHE A 199 -3.30 2.32 25.54
CA PHE A 199 -3.55 2.38 26.98
C PHE A 199 -4.75 1.55 27.40
N ASP A 200 -5.71 1.40 26.50
CA ASP A 200 -6.89 0.58 26.78
C ASP A 200 -6.45 -0.89 26.67
N LEU A 201 -5.66 -1.16 25.63
CA LEU A 201 -5.12 -2.50 25.44
C LEU A 201 -4.24 -2.90 26.61
N ILE A 202 -3.63 -1.93 27.28
CA ILE A 202 -2.81 -2.25 28.42
C ILE A 202 -3.71 -2.43 29.65
N LYS A 203 -4.75 -1.63 29.76
CA LYS A 203 -5.59 -1.76 30.92
C LYS A 203 -6.35 -3.07 30.84
N GLN A 204 -6.93 -3.33 29.68
CA GLN A 204 -7.68 -4.54 29.44
C GLN A 204 -6.85 -5.75 29.85
N SER A 205 -5.53 -5.61 29.73
CA SER A 205 -4.62 -6.71 30.06
C SER A 205 -4.16 -6.72 31.51
N LYS A 206 -4.07 -5.53 32.10
CA LYS A 206 -3.66 -5.39 33.49
C LYS A 206 -4.69 -5.99 34.46
N ASP A 207 -5.82 -6.46 33.92
CA ASP A 207 -6.85 -7.06 34.76
C ASP A 207 -6.91 -8.57 34.56
N SER B 9 -3.99 -11.59 23.54
CA SER B 9 -3.77 -10.26 22.89
C SER B 9 -2.45 -10.21 22.12
N THR B 10 -2.45 -10.83 20.95
CA THR B 10 -1.31 -10.87 20.05
C THR B 10 -0.76 -9.47 19.80
N SER B 11 -1.68 -8.57 19.46
CA SER B 11 -1.36 -7.16 19.23
C SER B 11 -0.45 -6.60 20.31
N LEU B 12 -0.89 -6.69 21.57
CA LEU B 12 -0.12 -6.16 22.68
C LEU B 12 1.21 -6.86 22.95
N SER B 13 1.27 -8.17 22.73
CA SER B 13 2.53 -8.86 22.93
C SER B 13 3.50 -8.64 21.76
N LEU B 14 2.98 -8.45 20.56
CA LEU B 14 3.86 -8.20 19.41
C LEU B 14 4.51 -6.86 19.61
N PHE B 15 3.69 -5.92 20.08
CA PHE B 15 4.12 -4.58 20.30
C PHE B 15 5.22 -4.53 21.35
N TYR B 16 4.95 -5.09 22.52
CA TYR B 16 5.94 -5.05 23.56
C TYR B 16 7.21 -5.74 23.11
N LYS B 17 7.05 -6.94 22.57
CA LYS B 17 8.19 -7.70 22.09
C LYS B 17 9.11 -6.80 21.28
N LYS B 18 8.58 -6.17 20.25
CA LYS B 18 9.39 -5.26 19.43
C LYS B 18 9.88 -4.01 20.16
N VAL B 19 9.03 -3.35 20.94
CA VAL B 19 9.52 -2.17 21.66
C VAL B 19 10.75 -2.56 22.53
N TYR B 20 10.78 -3.78 23.07
CA TYR B 20 11.93 -4.21 23.88
C TYR B 20 13.21 -4.34 23.05
N ARG B 21 13.11 -4.92 21.87
CA ARG B 21 14.26 -5.14 21.03
C ARG B 21 14.88 -3.79 20.70
N LEU B 22 14.04 -2.88 20.21
CA LEU B 22 14.45 -1.53 19.85
C LEU B 22 15.14 -0.89 21.06
N ALA B 23 14.43 -0.87 22.19
CA ALA B 23 14.93 -0.22 23.39
C ALA B 23 16.26 -0.77 23.85
N TYR B 24 16.36 -2.10 23.89
CA TYR B 24 17.60 -2.72 24.31
C TYR B 24 18.76 -2.35 23.38
N LEU B 25 18.56 -2.47 22.07
CA LEU B 25 19.61 -2.15 21.10
C LEU B 25 20.15 -0.73 21.28
N ARG B 26 19.27 0.22 21.56
CA ARG B 26 19.72 1.58 21.72
C ARG B 26 20.46 1.71 23.06
N LEU B 27 19.99 0.99 24.08
CA LEU B 27 20.57 1.02 25.41
C LEU B 27 21.96 0.41 25.37
N ASN B 28 22.06 -0.70 24.65
CA ASN B 28 23.30 -1.41 24.53
C ASN B 28 24.29 -0.58 23.76
N THR B 29 23.79 0.22 22.82
CA THR B 29 24.67 1.06 22.03
C THR B 29 25.29 2.16 22.87
N LEU B 30 24.48 2.77 23.75
CA LEU B 30 24.98 3.84 24.60
C LEU B 30 25.85 3.31 25.74
N CYS B 31 25.48 2.17 26.30
CA CYS B 31 26.25 1.59 27.40
C CYS B 31 27.61 1.08 26.99
N GLU B 32 27.74 0.64 25.74
CA GLU B 32 29.02 0.09 25.26
C GLU B 32 30.01 1.21 24.98
N ARG B 33 29.52 2.43 24.78
CA ARG B 33 30.40 3.54 24.50
C ARG B 33 30.61 4.43 25.74
N LEU B 34 29.67 4.38 26.67
CA LEU B 34 29.73 5.22 27.85
C LEU B 34 30.14 4.49 29.13
N LEU B 35 29.73 3.23 29.27
CA LEU B 35 30.03 2.47 30.47
C LEU B 35 30.85 1.21 30.29
N SER B 36 31.82 1.24 29.38
CA SER B 36 32.66 0.07 29.14
C SER B 36 33.48 -0.29 30.37
N GLU B 37 33.81 0.71 31.19
CA GLU B 37 34.58 0.49 32.43
C GLU B 37 33.80 -0.35 33.41
N HIS B 38 32.47 -0.23 33.41
CA HIS B 38 31.62 -1.02 34.32
C HIS B 38 30.60 -1.86 33.54
N PRO B 39 31.09 -2.87 32.83
CA PRO B 39 30.25 -3.73 31.99
C PRO B 39 29.01 -4.27 32.68
N GLU B 40 29.00 -4.29 34.00
CA GLU B 40 27.86 -4.83 34.73
C GLU B 40 26.64 -3.92 34.72
N LEU B 41 26.82 -2.61 34.55
CA LEU B 41 25.68 -1.69 34.64
C LEU B 41 24.55 -1.88 33.63
N GLU B 42 24.87 -2.32 32.42
CA GLU B 42 23.84 -2.45 31.38
C GLU B 42 22.65 -3.30 31.77
N HIS B 43 22.92 -4.46 32.36
CA HIS B 43 21.84 -5.37 32.74
C HIS B 43 20.95 -4.81 33.86
N ILE B 44 21.53 -4.05 34.79
CA ILE B 44 20.74 -3.46 35.86
C ILE B 44 19.86 -2.33 35.30
N ILE B 45 20.46 -1.48 34.47
CA ILE B 45 19.73 -0.40 33.81
C ILE B 45 18.60 -0.95 32.94
N TRP B 46 18.89 -2.02 32.19
CA TRP B 46 17.87 -2.61 31.33
C TRP B 46 16.73 -3.12 32.19
N THR B 47 17.07 -3.58 33.38
CA THR B 47 16.07 -4.07 34.33
C THR B 47 15.13 -2.95 34.78
N LEU B 48 15.69 -1.81 35.16
CA LEU B 48 14.90 -0.63 35.54
C LEU B 48 14.09 -0.12 34.35
N PHE B 49 14.72 -0.13 33.17
CA PHE B 49 14.12 0.32 31.93
C PHE B 49 12.85 -0.47 31.64
N GLN B 50 12.97 -1.80 31.70
CA GLN B 50 11.90 -2.73 31.37
C GLN B 50 10.80 -2.66 32.40
N HIS B 51 11.21 -2.48 33.66
CA HIS B 51 10.28 -2.39 34.78
C HIS B 51 9.34 -1.22 34.58
N THR B 52 9.89 -0.20 33.93
CA THR B 52 9.18 1.04 33.72
C THR B 52 8.18 0.85 32.63
N LEU B 53 8.64 0.41 31.47
CA LEU B 53 7.76 0.21 30.34
C LEU B 53 6.61 -0.70 30.71
N GLN B 54 6.88 -1.63 31.62
CA GLN B 54 5.90 -2.65 31.98
C GLN B 54 5.02 -2.28 33.14
N ASN B 55 5.56 -1.55 34.11
CA ASN B 55 4.76 -1.25 35.30
C ASN B 55 4.49 0.22 35.55
N GLU B 56 5.31 1.10 35.01
CA GLU B 56 5.06 2.53 35.17
C GLU B 56 4.79 3.15 33.80
N TYR B 57 4.00 2.44 33.00
CA TYR B 57 3.67 2.85 31.63
C TYR B 57 3.03 4.23 31.48
N GLU B 58 2.44 4.75 32.55
CA GLU B 58 1.84 6.09 32.48
C GLU B 58 2.90 7.13 32.26
N LEU B 59 4.13 6.76 32.57
CA LEU B 59 5.28 7.62 32.42
C LEU B 59 5.60 7.92 30.95
N MET B 60 5.22 7.01 30.07
CA MET B 60 5.47 7.15 28.64
C MET B 60 4.46 8.08 27.99
N ARG B 61 3.34 8.33 28.67
CA ARG B 61 2.23 9.09 28.11
C ARG B 61 2.62 10.44 27.53
N ASP B 62 2.54 10.57 26.21
CA ASP B 62 2.95 11.82 25.55
C ASP B 62 4.45 12.09 25.73
N ARG B 63 5.22 11.02 25.93
CA ARG B 63 6.66 11.13 26.12
C ARG B 63 7.43 10.17 25.18
N HIS B 64 8.75 10.26 25.20
CA HIS B 64 9.54 9.49 24.25
C HIS B 64 10.33 8.36 24.92
N LEU B 65 10.39 7.22 24.24
CA LEU B 65 11.14 6.07 24.70
C LEU B 65 12.58 6.43 25.10
N ASP B 66 13.23 7.28 24.32
CA ASP B 66 14.62 7.63 24.61
C ASP B 66 14.74 8.46 25.92
N GLN B 67 13.72 9.23 26.25
CA GLN B 67 13.76 10.01 27.48
C GLN B 67 13.76 9.11 28.72
N ILE B 68 12.99 8.03 28.71
CA ILE B 68 12.99 7.06 29.80
C ILE B 68 14.31 6.31 29.82
N MET B 69 14.86 6.04 28.63
CA MET B 69 16.12 5.30 28.52
C MET B 69 17.25 6.05 29.20
N MET B 70 17.48 7.28 28.76
CA MET B 70 18.58 8.08 29.29
C MET B 70 18.37 8.35 30.77
N CYS B 71 17.11 8.44 31.18
CA CYS B 71 16.78 8.65 32.60
C CYS B 71 17.08 7.41 33.46
N SER B 72 17.01 6.21 32.87
CA SER B 72 17.32 5.02 33.64
C SER B 72 18.84 4.91 33.81
N MET B 73 19.60 5.24 32.76
CA MET B 73 21.06 5.19 32.82
C MET B 73 21.52 6.12 33.92
N TYR B 74 21.09 7.37 33.82
CA TYR B 74 21.43 8.38 34.81
C TYR B 74 21.05 7.99 36.23
N GLY B 75 19.94 7.26 36.37
CA GLY B 75 19.49 6.81 37.68
C GLY B 75 20.36 5.74 38.34
N ILE B 76 20.42 4.55 37.75
CA ILE B 76 21.22 3.47 38.34
C ILE B 76 22.67 3.92 38.58
N CYS B 77 23.22 4.71 37.66
CA CYS B 77 24.58 5.17 37.89
C CYS B 77 24.60 5.90 39.24
N LYS B 78 23.55 6.68 39.51
CA LYS B 78 23.49 7.46 40.74
C LYS B 78 23.56 6.61 42.00
N VAL B 79 22.75 5.58 42.06
CA VAL B 79 22.74 4.72 43.25
C VAL B 79 23.98 3.84 43.36
N LYS B 80 24.68 3.65 42.25
CA LYS B 80 25.90 2.87 42.24
C LYS B 80 27.11 3.80 42.28
N ASN B 81 26.86 5.07 42.56
CA ASN B 81 27.91 6.08 42.63
C ASN B 81 28.82 6.23 41.40
N ILE B 82 28.41 5.68 40.26
CA ILE B 82 29.18 5.83 39.03
C ILE B 82 28.96 7.24 38.50
N ASP B 83 30.04 7.97 38.32
CA ASP B 83 29.94 9.36 37.87
C ASP B 83 29.58 9.51 36.38
N LEU B 84 28.31 9.78 36.11
CA LEU B 84 27.85 9.94 34.73
C LEU B 84 26.94 11.14 34.62
N LYS B 85 27.45 12.21 34.02
CA LYS B 85 26.66 13.42 33.89
C LYS B 85 25.68 13.33 32.73
N PHE B 86 24.53 13.96 32.91
CA PHE B 86 23.48 13.95 31.90
C PHE B 86 23.97 14.63 30.63
N LYS B 87 24.86 15.59 30.80
CA LYS B 87 25.40 16.32 29.67
C LYS B 87 26.25 15.38 28.82
N ILE B 88 26.82 14.37 29.46
CA ILE B 88 27.63 13.38 28.77
C ILE B 88 26.71 12.40 28.04
N ILE B 89 25.58 12.09 28.66
CA ILE B 89 24.65 11.17 28.07
C ILE B 89 24.02 11.79 26.83
N VAL B 90 23.65 13.06 26.93
CA VAL B 90 23.03 13.76 25.82
C VAL B 90 23.92 13.77 24.58
N THR B 91 25.17 14.17 24.77
CA THR B 91 26.14 14.23 23.68
C THR B 91 26.29 12.91 22.92
N ALA B 92 26.26 11.80 23.63
CA ALA B 92 26.36 10.48 22.99
C ALA B 92 25.08 10.20 22.21
N TYR B 93 23.95 10.27 22.89
CA TYR B 93 22.64 10.11 22.25
C TYR B 93 22.62 10.81 20.90
N LYS B 94 23.11 12.06 20.85
CA LYS B 94 23.10 12.85 19.61
C LYS B 94 23.69 12.07 18.43
N ASP B 95 24.64 11.17 18.72
CA ASP B 95 25.25 10.34 17.67
C ASP B 95 24.33 9.27 17.05
N LEU B 96 23.32 8.82 17.78
CA LEU B 96 22.41 7.84 17.18
C LEU B 96 21.79 8.47 15.93
N PRO B 97 21.67 7.70 14.85
CA PRO B 97 21.16 8.20 13.56
C PRO B 97 19.73 8.76 13.51
N HIS B 98 18.90 8.44 14.48
CA HIS B 98 17.52 8.92 14.44
C HIS B 98 17.36 10.05 15.44
N ALA B 99 18.40 10.29 16.22
CA ALA B 99 18.38 11.28 17.30
C ALA B 99 17.98 12.71 16.93
N VAL B 100 17.04 13.27 17.68
CA VAL B 100 16.64 14.66 17.51
C VAL B 100 16.87 15.42 18.82
N GLN B 101 17.56 16.55 18.75
CA GLN B 101 17.86 17.34 19.94
C GLN B 101 16.65 17.55 20.84
N GLU B 102 15.54 17.90 20.20
CA GLU B 102 14.30 18.16 20.90
C GLU B 102 13.93 17.09 21.95
N THR B 103 14.33 15.83 21.74
CA THR B 103 14.00 14.76 22.69
C THR B 103 14.53 14.96 24.13
N PHE B 104 15.65 15.69 24.29
CA PHE B 104 16.14 16.01 25.63
C PHE B 104 16.05 17.50 26.00
N LYS B 105 15.76 18.36 25.02
CA LYS B 105 15.56 19.79 25.31
C LYS B 105 14.11 20.16 25.67
N ARG B 106 13.13 19.40 25.16
CA ARG B 106 11.71 19.69 25.33
C ARG B 106 11.00 18.41 25.75
N VAL B 107 10.88 18.18 27.05
CA VAL B 107 10.28 16.97 27.58
C VAL B 107 9.12 17.38 28.46
N LEU B 108 8.07 16.59 28.48
CA LEU B 108 6.83 16.89 29.19
C LEU B 108 7.02 16.86 30.70
N ILE B 109 6.41 17.81 31.37
CA ILE B 109 6.52 17.84 32.82
C ILE B 109 5.20 17.60 33.53
N LYS B 110 4.22 18.48 33.36
CA LYS B 110 2.95 18.33 34.09
C LYS B 110 1.67 18.25 33.25
N GLU B 111 1.37 19.31 32.50
CA GLU B 111 0.16 19.34 31.66
C GLU B 111 0.49 19.78 30.24
N GLU B 112 1.08 20.97 30.12
CA GLU B 112 1.49 21.50 28.83
C GLU B 112 2.86 22.15 28.97
N GLU B 113 3.54 21.81 30.07
CA GLU B 113 4.85 22.36 30.41
C GLU B 113 6.05 21.47 30.03
N TYR B 114 6.98 22.04 29.26
CA TYR B 114 8.17 21.30 28.82
C TYR B 114 9.44 21.99 29.28
N ASP B 115 10.46 21.20 29.55
CA ASP B 115 11.74 21.70 30.03
C ASP B 115 12.75 20.64 29.66
N SER B 116 14.02 20.91 29.96
CA SER B 116 15.14 20.00 29.68
C SER B 116 14.89 18.63 30.30
N ILE B 117 15.59 17.61 29.81
CA ILE B 117 15.41 16.27 30.35
C ILE B 117 15.80 16.15 31.81
N ILE B 118 16.59 17.10 32.31
CA ILE B 118 17.00 17.11 33.71
C ILE B 118 15.83 17.45 34.61
N VAL B 119 15.12 18.53 34.28
CA VAL B 119 13.98 18.89 35.09
C VAL B 119 13.04 17.70 35.13
N PHE B 120 12.96 16.95 34.03
CA PHE B 120 12.08 15.78 34.00
C PHE B 120 12.53 14.73 34.98
N TYR B 121 13.80 14.38 34.94
CA TYR B 121 14.33 13.38 35.86
C TYR B 121 14.00 13.79 37.30
N ASN B 122 14.51 14.94 37.71
CA ASN B 122 14.29 15.42 39.07
C ASN B 122 12.84 15.71 39.46
N SER B 123 12.00 16.14 38.53
CA SER B 123 10.65 16.52 38.90
C SER B 123 9.62 15.43 38.77
N VAL B 124 9.88 14.43 37.93
CA VAL B 124 8.88 13.41 37.67
C VAL B 124 9.38 11.98 37.76
N PHE B 125 10.47 11.68 37.05
CA PHE B 125 11.00 10.33 36.96
C PHE B 125 11.40 9.79 38.32
N MET B 126 12.40 10.43 38.90
CA MET B 126 12.95 10.02 40.16
C MET B 126 11.91 9.80 41.24
N GLN B 127 10.85 10.59 41.21
CA GLN B 127 9.81 10.49 42.23
C GLN B 127 8.96 9.25 42.03
N ARG B 128 8.54 9.01 40.81
CA ARG B 128 7.68 7.87 40.58
C ARG B 128 8.42 6.56 40.83
N LEU B 129 9.73 6.59 40.65
CA LEU B 129 10.55 5.40 40.73
C LEU B 129 11.51 5.36 41.92
N LYS B 130 11.56 6.43 42.72
CA LYS B 130 12.49 6.51 43.84
C LYS B 130 12.48 5.23 44.68
N THR B 131 11.29 4.90 45.15
CA THR B 131 11.07 3.68 45.91
C THR B 131 11.75 2.47 45.28
N ASN B 132 11.43 2.19 44.02
CA ASN B 132 11.99 1.04 43.35
C ASN B 132 13.48 1.14 43.05
N ILE B 133 13.93 2.28 42.53
CA ILE B 133 15.34 2.44 42.21
C ILE B 133 16.19 2.12 43.42
N LEU B 134 15.59 2.25 44.60
CA LEU B 134 16.30 2.00 45.85
C LEU B 134 16.71 0.54 45.96
N GLN B 135 15.83 -0.38 45.59
CA GLN B 135 16.16 -1.80 45.64
C GLN B 135 17.62 -1.98 45.20
N TYR B 136 17.89 -1.63 43.95
CA TYR B 136 19.23 -1.79 43.38
C TYR B 136 20.33 -1.21 44.26
N ALA B 137 19.97 -0.26 45.13
CA ALA B 137 20.95 0.37 46.00
C ALA B 137 21.48 -0.63 47.00
N SER B 138 20.62 -1.57 47.39
CA SER B 138 21.01 -2.61 48.34
C SER B 138 22.27 -3.32 47.83
N THR B 139 23.27 -3.41 48.69
CA THR B 139 24.53 -4.08 48.36
C THR B 139 24.36 -5.57 48.02
N ARG B 140 23.14 -5.96 47.67
CA ARG B 140 22.83 -7.33 47.29
C ARG B 140 22.42 -7.37 45.80
N PRO B 141 22.81 -8.44 45.10
CA PRO B 141 22.48 -8.57 43.66
C PRO B 141 20.98 -8.63 43.38
N PRO B 142 20.53 -7.97 42.32
CA PRO B 142 19.12 -7.91 41.93
C PRO B 142 18.63 -9.03 41.01
N THR B 143 17.31 -9.12 40.85
CA THR B 143 16.69 -10.09 39.94
C THR B 143 16.70 -9.50 38.53
N LEU B 144 17.88 -9.47 37.91
CA LEU B 144 18.02 -8.92 36.57
C LEU B 144 16.91 -9.43 35.66
N SER B 145 16.34 -8.52 34.86
CA SER B 145 15.30 -8.86 33.88
C SER B 145 15.91 -9.51 32.64
N PRO B 146 15.20 -10.44 32.00
CA PRO B 146 15.75 -11.16 30.85
C PRO B 146 15.92 -10.28 29.62
N ILE B 147 17.10 -10.33 29.03
CA ILE B 147 17.42 -9.56 27.82
C ILE B 147 16.65 -10.10 26.62
N PRO B 148 16.21 -9.20 25.73
CA PRO B 148 15.52 -9.60 24.50
C PRO B 148 16.44 -10.44 23.64
N HIS B 149 16.05 -11.69 23.42
CA HIS B 149 16.83 -12.63 22.61
C HIS B 149 17.61 -11.95 21.49
N ILE B 150 16.90 -11.43 20.50
CA ILE B 150 17.51 -10.70 19.39
C ILE B 150 18.73 -11.35 18.72
N PRO B 151 18.53 -12.52 18.13
CA PRO B 151 19.60 -13.21 17.40
C PRO B 151 19.61 -12.89 15.91
N ARG B 152 19.67 -13.93 15.08
CA ARG B 152 19.66 -13.79 13.62
C ARG B 152 20.83 -12.95 13.08
N MET C 8 24.14 -10.76 20.65
CA MET C 8 24.10 -11.84 21.69
C MET C 8 25.34 -11.78 22.58
N ASN C 9 26.35 -11.01 22.16
CA ASN C 9 27.58 -10.87 22.94
C ASN C 9 27.66 -9.57 23.72
N THR C 10 28.38 -9.62 24.84
CA THR C 10 28.56 -8.47 25.69
C THR C 10 30.02 -8.09 25.72
N ILE C 11 30.27 -6.79 25.82
CA ILE C 11 31.64 -6.31 25.88
C ILE C 11 32.37 -6.98 27.03
N GLN C 12 31.60 -7.21 28.09
CA GLN C 12 32.10 -7.80 29.32
C GLN C 12 32.81 -9.13 29.12
N GLN C 13 32.29 -9.96 28.22
CA GLN C 13 32.89 -11.28 28.04
C GLN C 13 34.22 -11.21 27.31
N LEU C 14 34.39 -10.28 26.39
CA LEU C 14 35.67 -10.19 25.70
C LEU C 14 36.67 -9.58 26.65
N MET C 15 36.19 -8.74 27.56
CA MET C 15 37.08 -8.10 28.52
C MET C 15 37.63 -9.15 29.47
N MET C 16 36.77 -10.04 29.95
CA MET C 16 37.23 -11.07 30.86
C MET C 16 38.27 -11.90 30.13
N ILE C 17 37.97 -12.26 28.89
CA ILE C 17 38.95 -13.00 28.14
C ILE C 17 40.29 -12.26 28.07
N LEU C 18 40.28 -11.05 27.54
CA LEU C 18 41.53 -10.32 27.35
C LEU C 18 42.31 -10.09 28.63
N ASN C 19 41.58 -9.88 29.72
CA ASN C 19 42.17 -9.63 31.02
C ASN C 19 42.96 -10.81 31.60
N SER C 20 42.63 -12.03 31.20
CA SER C 20 43.37 -13.18 31.71
C SER C 20 44.19 -13.85 30.61
N ALA C 21 44.15 -13.26 29.42
CA ALA C 21 44.88 -13.83 28.29
C ALA C 21 46.38 -13.64 28.46
N SER C 22 47.17 -14.54 27.89
CA SER C 22 48.61 -14.45 28.02
C SER C 22 49.24 -13.33 27.21
N ASP C 23 50.40 -12.87 27.66
CA ASP C 23 51.13 -11.88 26.91
C ASP C 23 52.06 -12.55 25.90
N GLN C 24 52.13 -13.87 25.97
CA GLN C 24 53.03 -14.61 25.11
C GLN C 24 52.25 -15.62 24.28
N PRO C 25 52.79 -15.99 23.14
CA PRO C 25 52.11 -16.98 22.29
C PRO C 25 51.89 -18.26 23.10
N SER C 26 50.86 -19.01 22.77
CA SER C 26 50.57 -20.25 23.47
C SER C 26 51.50 -21.34 22.92
N GLU C 27 51.53 -22.49 23.60
CA GLU C 27 52.35 -23.61 23.18
C GLU C 27 51.82 -24.05 21.84
N ASN C 28 50.52 -23.92 21.69
CA ASN C 28 49.89 -24.29 20.46
C ASN C 28 50.36 -23.40 19.29
N LEU C 29 50.54 -22.09 19.52
CA LEU C 29 51.01 -21.17 18.47
C LEU C 29 52.48 -21.40 18.09
N ILE C 30 53.34 -21.51 19.10
CA ILE C 30 54.75 -21.79 18.88
C ILE C 30 54.84 -23.07 18.02
N SER C 31 53.88 -23.94 18.24
CA SER C 31 53.83 -25.18 17.50
C SER C 31 53.79 -24.91 16.00
N TYR C 32 53.02 -23.90 15.59
CA TYR C 32 52.93 -23.53 14.18
C TYR C 32 54.22 -22.84 13.72
N PHE C 33 54.84 -22.11 14.64
CA PHE C 33 56.11 -21.45 14.33
C PHE C 33 57.16 -22.55 14.05
N ASN C 34 57.26 -23.54 14.93
CA ASN C 34 58.23 -24.60 14.73
C ASN C 34 57.96 -25.41 13.47
N ASN C 35 56.73 -25.34 12.98
CA ASN C 35 56.33 -26.10 11.80
C ASN C 35 56.63 -25.43 10.45
N CYS C 36 57.14 -24.20 10.47
CA CYS C 36 57.39 -23.43 9.25
C CYS C 36 58.73 -23.74 8.57
N THR C 37 58.78 -23.67 7.26
CA THR C 37 60.04 -23.81 6.57
C THR C 37 61.08 -22.86 7.13
N VAL C 38 60.69 -21.61 7.38
CA VAL C 38 61.58 -20.66 7.99
C VAL C 38 60.92 -20.32 9.32
N ASN C 39 61.71 -20.21 10.39
CA ASN C 39 61.11 -19.97 11.68
C ASN C 39 60.84 -18.47 11.93
N PRO C 40 59.58 -18.13 12.20
CA PRO C 40 59.16 -16.75 12.45
C PRO C 40 59.20 -16.29 13.90
N LYS C 41 59.21 -17.24 14.83
CA LYS C 41 59.22 -16.92 16.25
C LYS C 41 60.05 -15.69 16.66
N GLU C 42 61.26 -15.60 16.12
CA GLU C 42 62.17 -14.51 16.48
C GLU C 42 61.71 -13.14 16.03
N SER C 43 61.42 -13.03 14.74
CA SER C 43 60.93 -11.82 14.15
C SER C 43 59.64 -11.34 14.80
N ILE C 44 58.79 -12.28 15.20
CA ILE C 44 57.49 -11.93 15.75
C ILE C 44 57.60 -11.31 17.15
N LEU C 45 58.56 -11.82 17.92
CA LEU C 45 58.76 -11.34 19.28
C LEU C 45 59.41 -9.97 19.26
N LYS C 46 60.40 -9.79 18.39
CA LYS C 46 61.08 -8.50 18.28
C LYS C 46 60.16 -7.38 17.75
N ARG C 47 59.34 -7.71 16.76
CA ARG C 47 58.39 -6.76 16.18
C ARG C 47 57.41 -6.26 17.27
N VAL C 48 56.88 -7.17 18.08
CA VAL C 48 56.01 -6.79 19.19
C VAL C 48 56.73 -5.89 20.20
N LYS C 49 57.97 -6.20 20.51
CA LYS C 49 58.76 -5.37 21.41
C LYS C 49 59.01 -3.97 20.82
N ASP C 50 59.37 -3.90 19.54
CA ASP C 50 59.69 -2.60 18.95
C ASP C 50 58.46 -1.72 18.75
N ILE C 51 57.38 -2.31 18.25
CA ILE C 51 56.17 -1.53 18.05
C ILE C 51 55.73 -0.97 19.37
N GLY C 52 55.72 -1.80 20.40
CA GLY C 52 55.32 -1.33 21.72
C GLY C 52 56.10 -0.09 22.18
N TYR C 53 57.39 -0.04 21.87
CA TYR C 53 58.24 1.08 22.28
C TYR C 53 57.81 2.37 21.58
N ILE C 54 57.57 2.26 20.28
CA ILE C 54 57.13 3.37 19.47
C ILE C 54 55.72 3.78 19.84
N PHE C 55 54.83 2.79 19.96
CA PHE C 55 53.42 3.03 20.25
C PHE C 55 53.21 3.92 21.49
N LYS C 56 53.74 3.51 22.64
CA LYS C 56 53.54 4.26 23.87
C LYS C 56 54.00 5.70 23.68
N GLU C 57 55.10 5.86 22.99
CA GLU C 57 55.66 7.18 22.81
C GLU C 57 54.70 8.05 21.98
N LYS C 58 54.19 7.49 20.90
CA LYS C 58 53.23 8.18 20.04
C LYS C 58 51.89 8.38 20.73
N PHE C 59 51.55 7.45 21.61
CA PHE C 59 50.30 7.57 22.32
C PHE C 59 50.43 8.82 23.19
N ALA C 60 51.49 8.85 24.00
CA ALA C 60 51.83 10.02 24.81
C ALA C 60 51.84 11.35 24.03
N LYS C 61 52.67 11.46 22.99
CA LYS C 61 52.75 12.71 22.21
C LYS C 61 51.40 13.21 21.72
N ALA C 62 50.53 12.26 21.36
CA ALA C 62 49.21 12.56 20.81
C ALA C 62 48.18 12.99 21.84
N VAL C 63 48.17 12.31 22.99
CA VAL C 63 47.21 12.62 24.05
C VAL C 63 47.69 13.81 24.82
N GLY C 64 47.37 15.00 24.38
CA GLY C 64 47.86 16.16 25.08
C GLY C 64 49.35 15.90 25.17
N GLN C 65 49.91 15.94 26.38
CA GLN C 65 51.33 15.72 26.52
C GLN C 65 51.76 15.11 27.86
N GLY C 66 53.08 14.91 27.97
CA GLY C 66 53.76 14.46 29.17
C GLY C 66 54.05 12.98 29.33
N CYS C 67 53.28 12.35 30.19
CA CYS C 67 53.42 10.95 30.50
C CYS C 67 52.01 10.43 30.64
N VAL C 68 51.72 9.32 29.97
CA VAL C 68 50.37 8.74 29.95
C VAL C 68 50.41 7.24 30.23
N GLU C 69 50.51 6.89 31.51
CA GLU C 69 50.59 5.49 31.93
C GLU C 69 49.59 4.55 31.23
N ILE C 70 48.46 5.08 30.76
CA ILE C 70 47.43 4.25 30.13
C ILE C 70 47.76 3.63 28.76
N GLY C 71 48.66 4.25 28.00
CA GLY C 71 48.98 3.75 26.67
C GLY C 71 49.58 2.35 26.70
N SER C 72 50.28 2.09 27.79
CA SER C 72 50.93 0.82 28.04
C SER C 72 49.90 -0.27 28.28
N GLN C 73 48.86 0.05 29.06
CA GLN C 73 47.82 -0.91 29.39
C GLN C 73 47.07 -1.26 28.10
N ARG C 74 46.85 -0.27 27.26
CA ARG C 74 46.20 -0.48 25.97
C ARG C 74 47.02 -1.46 25.12
N TYR C 75 48.29 -1.11 24.87
CA TYR C 75 49.13 -1.93 24.00
C TYR C 75 49.19 -3.41 24.40
N LYS C 76 49.33 -3.63 25.71
CA LYS C 76 49.38 -4.98 26.25
C LYS C 76 48.14 -5.76 25.86
N LEU C 77 46.97 -5.14 26.08
CA LEU C 77 45.70 -5.76 25.75
C LEU C 77 45.59 -6.00 24.26
N GLY C 78 46.17 -5.11 23.46
CA GLY C 78 46.12 -5.25 22.03
C GLY C 78 46.85 -6.49 21.58
N VAL C 79 48.00 -6.74 22.19
CA VAL C 79 48.86 -7.86 21.86
C VAL C 79 48.24 -9.20 22.27
N ARG C 80 47.53 -9.21 23.39
CA ARG C 80 46.91 -10.46 23.80
C ARG C 80 45.85 -10.85 22.78
N LEU C 81 45.14 -9.86 22.25
CA LEU C 81 44.11 -10.09 21.25
C LEU C 81 44.76 -10.58 19.94
N TYR C 82 45.93 -10.01 19.66
CA TYR C 82 46.73 -10.34 18.48
C TYR C 82 47.16 -11.80 18.47
N TYR C 83 47.79 -12.26 19.54
CA TYR C 83 48.20 -13.65 19.58
C TYR C 83 46.98 -14.58 19.51
N ARG C 84 45.92 -14.22 20.23
CA ARG C 84 44.70 -15.04 20.28
C ARG C 84 44.06 -15.20 18.89
N VAL C 85 44.09 -14.14 18.11
CA VAL C 85 43.51 -14.20 16.77
C VAL C 85 44.41 -14.89 15.75
N MET C 86 45.72 -14.71 15.88
CA MET C 86 46.66 -15.33 14.96
C MET C 86 46.48 -16.83 15.01
N GLU C 87 46.37 -17.34 16.22
CA GLU C 87 46.22 -18.77 16.50
C GLU C 87 44.87 -19.28 16.07
N SER C 88 43.85 -18.44 16.21
CA SER C 88 42.52 -18.84 15.73
C SER C 88 42.54 -18.93 14.20
N MET C 89 43.15 -17.96 13.54
CA MET C 89 43.21 -18.05 12.08
C MET C 89 43.94 -19.31 11.62
N LEU C 90 45.08 -19.57 12.25
CA LEU C 90 45.89 -20.72 11.89
C LEU C 90 45.12 -22.04 11.99
N LYS C 91 44.46 -22.25 13.12
CA LYS C 91 43.65 -23.43 13.30
C LYS C 91 42.65 -23.51 12.17
N SER C 92 42.04 -22.38 11.85
CA SER C 92 41.02 -22.35 10.83
C SER C 92 41.56 -22.72 9.46
N GLU C 93 42.79 -22.32 9.14
CA GLU C 93 43.38 -22.64 7.84
C GLU C 93 43.78 -24.10 7.77
N GLU C 94 44.30 -24.62 8.88
CA GLU C 94 44.69 -26.03 8.93
C GLU C 94 43.51 -26.96 8.59
N GLU C 95 42.35 -26.66 9.14
CA GLU C 95 41.15 -27.45 8.89
C GLU C 95 40.56 -27.21 7.49
N ARG C 96 41.07 -26.20 6.78
CA ARG C 96 40.51 -25.82 5.49
C ARG C 96 41.37 -26.31 4.32
N LEU C 97 42.67 -26.32 4.54
CA LEU C 97 43.65 -26.83 3.58
C LEU C 97 44.20 -27.82 4.56
N SER C 98 44.81 -28.91 4.14
CA SER C 98 45.18 -29.86 5.17
C SER C 98 46.66 -29.88 5.39
N ILE C 99 47.22 -28.70 5.63
CA ILE C 99 48.65 -28.57 5.71
C ILE C 99 49.02 -27.87 7.04
N GLN C 100 50.22 -28.11 7.56
CA GLN C 100 50.59 -27.57 8.87
C GLN C 100 51.78 -26.64 8.86
N ASN C 101 52.02 -25.97 7.76
CA ASN C 101 53.19 -25.12 7.71
C ASN C 101 52.84 -23.88 6.93
N PHE C 102 52.73 -22.78 7.67
CA PHE C 102 52.28 -21.56 7.04
C PHE C 102 53.40 -20.55 6.95
N SER C 103 54.54 -20.99 6.46
CA SER C 103 55.75 -20.16 6.41
C SER C 103 55.56 -18.78 5.78
N LYS C 104 55.18 -18.75 4.50
CA LYS C 104 55.01 -17.49 3.78
C LYS C 104 54.15 -16.46 4.53
N LEU C 105 52.97 -16.88 4.97
CA LEU C 105 52.07 -15.99 5.68
C LEU C 105 52.70 -15.51 6.96
N LEU C 106 53.34 -16.43 7.68
CA LEU C 106 53.90 -16.08 8.97
C LEU C 106 55.25 -15.35 8.91
N ASN C 107 55.88 -15.25 7.75
CA ASN C 107 57.09 -14.44 7.67
C ASN C 107 56.84 -13.06 7.05
N ASP C 108 55.58 -12.72 6.82
CA ASP C 108 55.21 -11.47 6.16
C ASP C 108 55.03 -10.26 7.09
N ASN C 109 56.02 -9.38 7.11
CA ASN C 109 55.96 -8.19 7.95
C ASN C 109 54.59 -7.49 7.91
N ILE C 110 54.04 -7.28 6.72
CA ILE C 110 52.75 -6.58 6.58
C ILE C 110 51.63 -7.37 7.22
N PHE C 111 51.59 -8.67 6.97
CA PHE C 111 50.54 -9.47 7.58
C PHE C 111 50.45 -9.22 9.09
N HIS C 112 51.58 -9.35 9.79
CA HIS C 112 51.62 -9.17 11.24
C HIS C 112 51.29 -7.75 11.65
N MET C 113 51.73 -6.82 10.81
CA MET C 113 51.52 -5.41 11.02
C MET C 113 50.03 -5.08 10.98
N SER C 114 49.35 -5.55 9.93
CA SER C 114 47.93 -5.30 9.78
C SER C 114 47.16 -5.91 10.95
N LEU C 115 47.44 -7.18 11.22
CA LEU C 115 46.77 -7.94 12.26
C LEU C 115 46.83 -7.20 13.58
N LEU C 116 48.03 -6.79 13.95
CA LEU C 116 48.28 -6.10 15.20
C LEU C 116 47.61 -4.74 15.17
N ALA C 117 47.67 -4.08 14.01
CA ALA C 117 46.99 -2.79 13.83
C ALA C 117 45.50 -2.99 14.07
N CYS C 118 44.93 -4.03 13.48
CA CYS C 118 43.53 -4.30 13.67
C CYS C 118 43.23 -4.58 15.14
N ALA C 119 44.03 -5.46 15.73
CA ALA C 119 43.87 -5.79 17.15
C ALA C 119 43.81 -4.53 18.01
N LEU C 120 44.74 -3.63 17.76
CA LEU C 120 44.84 -2.39 18.49
C LEU C 120 43.63 -1.50 18.23
N GLU C 121 43.14 -1.50 16.99
CA GLU C 121 42.00 -0.66 16.68
C GLU C 121 40.81 -1.07 17.55
N VAL C 122 40.58 -2.37 17.68
CA VAL C 122 39.50 -2.91 18.50
C VAL C 122 39.65 -2.47 19.95
N VAL C 123 40.74 -2.89 20.59
CA VAL C 123 40.98 -2.51 21.97
C VAL C 123 40.70 -1.02 22.22
N MET C 124 41.41 -0.15 21.50
CA MET C 124 41.23 1.28 21.71
C MET C 124 39.79 1.75 21.53
N ALA C 125 39.09 1.19 20.55
CA ALA C 125 37.72 1.61 20.28
C ALA C 125 36.80 1.29 21.44
N THR C 126 36.98 0.16 22.11
CA THR C 126 36.13 -0.12 23.24
C THR C 126 36.28 0.97 24.30
N TYR C 127 37.54 1.28 24.66
CA TYR C 127 37.84 2.29 25.70
C TYR C 127 37.87 3.69 25.11
N SER C 128 37.36 3.81 23.89
CA SER C 128 37.37 5.07 23.14
C SER C 128 36.65 6.17 23.90
N ARG C 129 35.34 6.23 23.71
CA ARG C 129 34.52 7.25 24.33
C ARG C 129 34.85 7.40 25.81
N SER C 130 35.76 8.32 26.08
CA SER C 130 36.19 8.60 27.45
C SER C 130 36.48 10.09 27.64
N SER C 137 44.93 16.37 23.84
CA SER C 137 44.73 15.22 22.97
C SER C 137 44.45 15.64 21.54
N GLY C 138 45.06 14.95 20.58
CA GLY C 138 44.84 15.24 19.17
C GLY C 138 44.21 14.14 18.35
N THR C 139 42.91 14.27 18.06
CA THR C 139 42.15 13.31 17.25
C THR C 139 42.72 11.91 17.31
N ASP C 140 42.96 11.46 18.53
CA ASP C 140 43.56 10.16 18.72
C ASP C 140 42.74 9.11 18.01
N LEU C 141 43.27 7.89 18.00
CA LEU C 141 42.67 6.79 17.27
C LEU C 141 41.24 6.97 16.85
N SER C 142 41.05 7.24 15.56
CA SER C 142 39.73 7.33 14.98
C SER C 142 39.93 6.55 13.70
N PHE C 143 40.62 5.46 13.92
CA PHE C 143 41.01 4.53 12.88
C PHE C 143 42.23 5.03 12.12
N PRO C 144 42.07 5.95 11.15
CA PRO C 144 43.25 6.33 10.39
C PRO C 144 44.44 6.52 11.37
N TRP C 145 44.24 7.14 12.55
CA TRP C 145 45.34 7.34 13.52
C TRP C 145 46.33 6.18 13.63
N ILE C 146 45.82 4.97 13.89
CA ILE C 146 46.66 3.78 14.05
C ILE C 146 47.60 3.60 12.85
N LEU C 147 47.08 3.85 11.66
CA LEU C 147 47.84 3.65 10.43
C LEU C 147 49.07 4.50 10.40
N ASN C 148 48.91 5.77 10.76
CA ASN C 148 50.02 6.71 10.72
C ASN C 148 51.02 6.33 11.81
N VAL C 149 50.51 5.97 12.99
CA VAL C 149 51.36 5.55 14.09
C VAL C 149 52.30 4.40 13.69
N LEU C 150 51.78 3.42 12.97
CA LEU C 150 52.56 2.26 12.57
C LEU C 150 53.16 2.30 11.16
N ASN C 151 52.96 3.39 10.42
CA ASN C 151 53.45 3.46 9.04
C ASN C 151 52.86 2.35 8.15
N LEU C 152 51.57 2.09 8.32
CA LEU C 152 50.89 1.05 7.59
C LEU C 152 49.88 1.62 6.59
N LYS C 153 49.89 1.13 5.36
CA LYS C 153 48.93 1.62 4.38
C LYS C 153 47.55 1.02 4.63
N ALA C 154 46.51 1.80 4.35
CA ALA C 154 45.12 1.36 4.51
C ALA C 154 44.70 0.12 3.74
N PHE C 155 45.31 -0.09 2.57
CA PHE C 155 44.89 -1.20 1.74
C PHE C 155 45.31 -2.48 2.43
N ASP C 156 46.51 -2.47 2.99
CA ASP C 156 47.05 -3.64 3.70
C ASP C 156 46.20 -3.98 4.89
N PHE C 157 45.86 -2.96 5.69
CA PHE C 157 45.01 -3.09 6.86
C PHE C 157 43.69 -3.76 6.49
N TYR C 158 43.13 -3.38 5.35
CA TYR C 158 41.86 -3.95 4.91
C TYR C 158 41.97 -5.48 4.69
N LYS C 159 43.12 -5.94 4.24
CA LYS C 159 43.33 -7.34 3.92
C LYS C 159 43.05 -8.31 5.09
N VAL C 160 42.99 -7.79 6.31
CA VAL C 160 42.84 -8.68 7.44
C VAL C 160 41.54 -8.50 8.21
N ILE C 161 40.74 -7.53 7.81
CA ILE C 161 39.49 -7.27 8.51
C ILE C 161 38.44 -8.41 8.43
N GLU C 162 38.07 -8.88 7.24
CA GLU C 162 37.04 -9.91 7.20
C GLU C 162 37.44 -11.15 8.02
N SER C 163 38.66 -11.64 7.76
CA SER C 163 39.21 -12.82 8.41
C SER C 163 39.24 -12.66 9.93
N PHE C 164 39.52 -11.44 10.37
CA PHE C 164 39.54 -11.06 11.78
C PHE C 164 38.16 -11.24 12.42
N ILE C 165 37.11 -10.92 11.67
CA ILE C 165 35.76 -11.02 12.19
C ILE C 165 35.28 -12.47 12.18
N LYS C 166 35.83 -13.26 11.26
CA LYS C 166 35.53 -14.67 11.22
C LYS C 166 36.24 -15.38 12.38
N ALA C 167 37.43 -14.90 12.72
CA ALA C 167 38.27 -15.56 13.71
C ALA C 167 37.96 -15.25 15.17
N GLU C 168 37.34 -14.10 15.45
CA GLU C 168 37.01 -13.74 16.81
C GLU C 168 35.52 -13.79 17.03
N GLY C 169 35.01 -14.93 17.47
CA GLY C 169 33.59 -15.07 17.72
C GLY C 169 33.09 -14.30 18.91
N ASN C 170 33.96 -13.52 19.55
CA ASN C 170 33.53 -12.75 20.72
C ASN C 170 33.41 -11.25 20.48
N LEU C 171 33.57 -10.83 19.22
CA LEU C 171 33.40 -9.43 18.88
C LEU C 171 31.94 -9.03 19.13
N THR C 172 31.69 -7.84 19.66
CA THR C 172 30.31 -7.40 19.85
C THR C 172 29.74 -6.79 18.59
N ARG C 173 28.43 -6.58 18.63
CA ARG C 173 27.70 -5.96 17.54
C ARG C 173 28.31 -4.60 17.19
N GLU C 174 28.62 -3.82 18.21
CA GLU C 174 29.12 -2.45 18.05
C GLU C 174 30.54 -2.43 17.50
N MET C 175 31.31 -3.45 17.91
CA MET C 175 32.70 -3.60 17.49
C MET C 175 32.76 -4.03 16.04
N ILE C 176 31.86 -4.91 15.62
CA ILE C 176 31.84 -5.33 14.22
C ILE C 176 31.46 -4.15 13.36
N LYS C 177 30.42 -3.44 13.77
CA LYS C 177 30.03 -2.24 13.06
C LYS C 177 31.22 -1.28 12.92
N HIS C 178 31.98 -1.07 13.98
CA HIS C 178 33.10 -0.14 13.90
C HIS C 178 34.12 -0.60 12.86
N LEU C 179 34.38 -1.90 12.82
CA LEU C 179 35.30 -2.46 11.86
C LEU C 179 34.80 -2.31 10.42
N GLU C 180 33.48 -2.34 10.22
CA GLU C 180 32.92 -2.15 8.88
C GLU C 180 33.06 -0.68 8.46
N ARG C 181 32.97 0.22 9.41
CA ARG C 181 33.11 1.62 9.05
C ARG C 181 34.54 1.90 8.60
N CYS C 182 35.50 1.31 9.30
CA CYS C 182 36.90 1.44 8.94
C CYS C 182 37.10 0.91 7.52
N GLU C 183 36.58 -0.28 7.26
CA GLU C 183 36.68 -0.88 5.94
C GLU C 183 36.00 -0.01 4.89
N HIS C 184 34.85 0.53 5.23
CA HIS C 184 34.16 1.41 4.29
C HIS C 184 34.98 2.65 3.90
N ARG C 185 35.60 3.31 4.89
CA ARG C 185 36.42 4.49 4.62
C ARG C 185 37.62 4.14 3.75
N ILE C 186 38.05 2.87 3.84
CA ILE C 186 39.21 2.42 3.07
C ILE C 186 38.80 2.28 1.62
N MET C 187 37.74 1.51 1.39
CA MET C 187 37.24 1.33 0.02
C MET C 187 36.77 2.62 -0.58
N GLU C 188 36.43 3.60 0.25
CA GLU C 188 35.92 4.84 -0.29
C GLU C 188 37.01 5.83 -0.68
N SER C 189 38.14 5.87 0.05
CA SER C 189 39.19 6.82 -0.29
C SER C 189 40.62 6.47 0.13
N LEU C 190 40.82 6.11 1.38
CA LEU C 190 42.18 5.86 1.85
C LEU C 190 42.99 4.95 0.94
N ALA C 191 42.31 3.97 0.34
CA ALA C 191 42.98 3.04 -0.55
C ALA C 191 43.22 3.61 -1.93
N TRP C 192 42.73 4.80 -2.20
CA TRP C 192 42.95 5.36 -3.52
C TRP C 192 43.92 6.54 -3.42
N LEU C 193 44.56 6.68 -2.27
CA LEU C 193 45.55 7.72 -2.13
C LEU C 193 46.77 7.29 -2.94
N SER C 194 47.53 8.27 -3.43
CA SER C 194 48.68 8.02 -4.27
C SER C 194 49.80 7.22 -3.65
N ASP C 195 49.68 6.85 -2.40
CA ASP C 195 50.73 6.04 -1.78
C ASP C 195 50.18 4.67 -1.53
N SER C 196 49.15 4.29 -2.24
CA SER C 196 48.53 3.00 -1.97
C SER C 196 49.07 1.89 -2.85
N PRO C 197 49.42 0.77 -2.23
CA PRO C 197 49.93 -0.38 -2.97
C PRO C 197 48.95 -0.82 -4.04
N LEU C 198 47.69 -0.44 -3.87
CA LEU C 198 46.63 -0.80 -4.79
C LEU C 198 46.98 -0.46 -6.25
N PHE C 199 47.57 0.69 -6.50
CA PHE C 199 47.86 1.04 -7.88
C PHE C 199 48.86 0.10 -8.58
N ASP C 200 49.80 -0.48 -7.84
CA ASP C 200 50.74 -1.43 -8.44
C ASP C 200 50.02 -2.76 -8.67
N LEU C 201 49.10 -3.07 -7.76
CA LEU C 201 48.32 -4.28 -7.84
C LEU C 201 47.40 -4.28 -9.07
N ILE C 202 46.82 -3.13 -9.38
CA ILE C 202 45.95 -2.97 -10.54
C ILE C 202 46.81 -3.04 -11.80
N LYS C 203 48.03 -2.56 -11.70
CA LYS C 203 48.89 -2.52 -12.87
C LYS C 203 49.49 -3.89 -13.11
N GLN C 204 49.64 -4.66 -12.03
CA GLN C 204 50.21 -6.00 -12.06
C GLN C 204 49.26 -6.91 -12.79
N SER C 205 47.97 -6.63 -12.69
CA SER C 205 46.98 -7.46 -13.35
C SER C 205 46.71 -6.92 -14.74
N LYS C 206 46.62 -5.60 -14.85
CA LYS C 206 46.41 -4.98 -16.15
C LYS C 206 47.33 -5.58 -17.21
N ASP C 207 48.36 -6.29 -16.79
CA ASP C 207 49.33 -6.86 -17.73
C ASP C 207 49.28 -8.38 -17.79
N SER D 9 44.95 -12.98 -8.26
CA SER D 9 45.16 -12.08 -7.08
C SER D 9 43.91 -11.92 -6.23
N THR D 10 43.77 -12.80 -5.25
CA THR D 10 42.65 -12.73 -4.33
C THR D 10 42.43 -11.33 -3.76
N SER D 11 43.49 -10.67 -3.31
CA SER D 11 43.30 -9.36 -2.67
C SER D 11 42.60 -8.38 -3.60
N LEU D 12 43.06 -8.32 -4.85
CA LEU D 12 42.50 -7.41 -5.83
C LEU D 12 41.05 -7.70 -6.14
N SER D 13 40.69 -8.98 -6.17
CA SER D 13 39.32 -9.35 -6.50
C SER D 13 38.42 -9.20 -5.30
N LEU D 14 38.96 -9.45 -4.12
CA LEU D 14 38.12 -9.25 -2.94
C LEU D 14 37.83 -7.76 -2.75
N PHE D 15 38.82 -6.93 -3.08
CA PHE D 15 38.68 -5.49 -2.94
C PHE D 15 37.63 -4.95 -3.90
N TYR D 16 37.70 -5.39 -5.15
CA TYR D 16 36.76 -4.93 -6.14
C TYR D 16 35.33 -5.40 -5.85
N LYS D 17 35.14 -6.65 -5.45
CA LYS D 17 33.78 -7.08 -5.12
C LYS D 17 33.22 -6.16 -4.05
N LYS D 18 33.93 -6.03 -2.95
CA LYS D 18 33.42 -5.17 -1.89
C LYS D 18 33.19 -3.75 -2.38
N VAL D 19 34.14 -3.19 -3.12
CA VAL D 19 33.96 -1.83 -3.62
C VAL D 19 32.67 -1.71 -4.48
N TYR D 20 32.43 -2.69 -5.35
CA TYR D 20 31.22 -2.66 -6.16
C TYR D 20 29.94 -2.73 -5.33
N ARG D 21 29.85 -3.69 -4.42
CA ARG D 21 28.64 -3.79 -3.63
C ARG D 21 28.35 -2.47 -2.91
N LEU D 22 29.38 -1.89 -2.30
CA LEU D 22 29.24 -0.61 -1.61
C LEU D 22 28.85 0.50 -2.60
N ALA D 23 29.47 0.52 -3.77
CA ALA D 23 29.14 1.55 -4.76
C ALA D 23 27.69 1.47 -5.20
N TYR D 24 27.26 0.25 -5.56
CA TYR D 24 25.90 0.08 -6.03
C TYR D 24 24.83 0.42 -5.00
N LEU D 25 24.99 0.00 -3.76
CA LEU D 25 24.00 0.33 -2.72
C LEU D 25 23.82 1.85 -2.54
N ARG D 26 24.89 2.61 -2.69
CA ARG D 26 24.77 4.04 -2.49
C ARG D 26 24.10 4.64 -3.72
N LEU D 27 24.42 4.12 -4.90
CA LEU D 27 23.83 4.56 -6.15
C LEU D 27 22.35 4.31 -6.12
N ASN D 28 22.02 3.07 -5.78
CA ASN D 28 20.65 2.60 -5.73
C ASN D 28 19.79 3.40 -4.78
N THR D 29 20.42 3.96 -3.75
CA THR D 29 19.70 4.75 -2.77
C THR D 29 19.32 6.11 -3.35
N LEU D 30 20.27 6.77 -4.02
CA LEU D 30 20.02 8.08 -4.61
C LEU D 30 19.05 7.97 -5.80
N CYS D 31 19.27 6.96 -6.63
CA CYS D 31 18.45 6.79 -7.82
C CYS D 31 16.98 6.54 -7.50
N GLU D 32 16.75 5.69 -6.51
CA GLU D 32 15.38 5.38 -6.11
C GLU D 32 14.71 6.66 -5.59
N ARG D 33 15.50 7.55 -4.99
CA ARG D 33 14.94 8.76 -4.44
C ARG D 33 14.84 9.92 -5.43
N LEU D 34 15.81 10.01 -6.34
CA LEU D 34 15.84 11.12 -7.27
C LEU D 34 15.29 10.77 -8.63
N LEU D 35 15.38 9.50 -9.01
CA LEU D 35 14.97 9.09 -10.35
C LEU D 35 13.88 8.03 -10.41
N SER D 36 12.94 8.07 -9.47
CA SER D 36 11.88 7.08 -9.40
C SER D 36 11.00 7.06 -10.65
N GLU D 37 11.07 8.13 -11.44
CA GLU D 37 10.25 8.25 -12.64
C GLU D 37 10.97 7.89 -13.94
N HIS D 38 12.28 7.65 -13.86
CA HIS D 38 13.06 7.19 -15.01
C HIS D 38 13.82 5.92 -14.59
N PRO D 39 13.08 4.92 -14.13
CA PRO D 39 13.64 3.68 -13.59
C PRO D 39 14.77 3.06 -14.38
N GLU D 40 14.83 3.31 -15.69
CA GLU D 40 15.86 2.71 -16.52
C GLU D 40 17.26 3.36 -16.43
N LEU D 41 17.37 4.53 -15.79
CA LEU D 41 18.66 5.23 -15.72
C LEU D 41 19.71 4.57 -14.83
N GLU D 42 19.28 4.03 -13.70
CA GLU D 42 20.20 3.41 -12.74
C GLU D 42 21.15 2.41 -13.38
N HIS D 43 20.61 1.49 -14.18
CA HIS D 43 21.46 0.49 -14.81
C HIS D 43 22.46 1.13 -15.77
N ILE D 44 22.07 2.22 -16.44
CA ILE D 44 22.96 2.89 -17.38
C ILE D 44 24.07 3.59 -16.60
N ILE D 45 23.67 4.27 -15.53
CA ILE D 45 24.62 4.97 -14.68
C ILE D 45 25.62 3.97 -14.07
N TRP D 46 25.11 2.86 -13.54
CA TRP D 46 25.98 1.86 -12.95
C TRP D 46 26.99 1.39 -13.97
N THR D 47 26.56 1.24 -15.21
CA THR D 47 27.48 0.83 -16.26
C THR D 47 28.61 1.85 -16.46
N LEU D 48 28.31 3.14 -16.41
CA LEU D 48 29.33 4.19 -16.56
C LEU D 48 30.26 4.17 -15.36
N PHE D 49 29.67 4.09 -14.17
CA PHE D 49 30.38 4.05 -12.89
C PHE D 49 31.43 2.92 -12.83
N GLN D 50 31.00 1.73 -13.19
CA GLN D 50 31.85 0.55 -13.16
C GLN D 50 32.97 0.67 -14.18
N HIS D 51 32.62 1.07 -15.39
CA HIS D 51 33.59 1.23 -16.47
C HIS D 51 34.69 2.13 -15.94
N THR D 52 34.27 3.23 -15.31
CA THR D 52 35.18 4.18 -14.72
C THR D 52 36.06 3.48 -13.70
N LEU D 53 35.45 2.88 -12.70
CA LEU D 53 36.20 2.22 -11.63
C LEU D 53 37.20 1.22 -12.16
N GLN D 54 36.79 0.50 -13.20
CA GLN D 54 37.60 -0.56 -13.78
C GLN D 54 38.59 -0.13 -14.85
N ASN D 55 38.22 0.82 -15.69
CA ASN D 55 39.15 1.21 -16.74
C ASN D 55 39.76 2.59 -16.58
N GLU D 56 39.03 3.52 -16.02
CA GLU D 56 39.56 4.86 -15.84
C GLU D 56 39.93 5.12 -14.38
N TYR D 57 40.50 4.11 -13.73
CA TYR D 57 40.81 4.16 -12.30
C TYR D 57 41.74 5.29 -11.86
N GLU D 58 42.30 6.04 -12.80
CA GLU D 58 43.17 7.14 -12.42
C GLU D 58 42.36 8.29 -11.88
N LEU D 59 41.10 8.37 -12.29
CA LEU D 59 40.15 9.34 -11.76
C LEU D 59 40.01 9.20 -10.24
N MET D 60 40.17 7.99 -9.71
CA MET D 60 40.05 7.78 -8.25
C MET D 60 41.26 8.25 -7.47
N ARG D 61 42.39 8.51 -8.14
CA ARG D 61 43.63 8.86 -7.45
C ARG D 61 43.48 10.10 -6.58
N ASP D 62 43.65 9.93 -5.27
CA ASP D 62 43.51 11.02 -4.33
C ASP D 62 42.09 11.57 -4.33
N ARG D 63 41.15 10.78 -4.84
CA ARG D 63 39.76 11.23 -4.89
C ARG D 63 38.80 10.34 -4.10
N HIS D 64 37.50 10.61 -4.22
CA HIS D 64 36.52 9.89 -3.40
C HIS D 64 35.51 9.14 -4.25
N LEU D 65 35.27 7.90 -3.87
CA LEU D 65 34.30 7.04 -4.54
C LEU D 65 32.97 7.75 -4.83
N ASP D 66 32.49 8.57 -3.90
CA ASP D 66 31.19 9.24 -4.09
C ASP D 66 31.25 10.40 -5.11
N GLN D 67 32.41 11.00 -5.29
CA GLN D 67 32.56 12.06 -6.27
C GLN D 67 32.34 11.49 -7.68
N ILE D 68 32.86 10.28 -7.89
CA ILE D 68 32.69 9.56 -9.14
C ILE D 68 31.22 9.13 -9.32
N MET D 69 30.62 8.65 -8.24
CA MET D 69 29.21 8.22 -8.28
C MET D 69 28.29 9.36 -8.71
N MET D 70 28.39 10.49 -8.05
CA MET D 70 27.52 11.60 -8.38
C MET D 70 27.76 12.13 -9.79
N CYS D 71 29.00 12.11 -10.23
CA CYS D 71 29.34 12.59 -11.57
C CYS D 71 28.86 11.62 -12.61
N SER D 72 28.85 10.33 -12.28
CA SER D 72 28.33 9.38 -13.23
C SER D 72 26.83 9.63 -13.40
N MET D 73 26.15 9.93 -12.31
CA MET D 73 24.72 10.19 -12.38
C MET D 73 24.45 11.41 -13.25
N TYR D 74 25.13 12.49 -12.92
CA TYR D 74 24.97 13.75 -13.59
C TYR D 74 25.26 13.63 -15.06
N GLY D 75 26.23 12.78 -15.38
CA GLY D 75 26.63 12.56 -16.75
C GLY D 75 25.52 11.96 -17.59
N ILE D 76 25.19 10.70 -17.30
CA ILE D 76 24.15 9.99 -18.04
C ILE D 76 22.87 10.80 -18.16
N CYS D 77 22.54 11.61 -17.17
CA CYS D 77 21.32 12.39 -17.31
C CYS D 77 21.49 13.37 -18.47
N LYS D 78 22.56 14.13 -18.43
CA LYS D 78 22.80 15.13 -19.47
C LYS D 78 22.58 14.57 -20.87
N VAL D 79 23.18 13.42 -21.16
CA VAL D 79 23.11 12.85 -22.50
C VAL D 79 21.83 12.07 -22.76
N LYS D 80 20.91 12.09 -21.81
CA LYS D 80 19.64 11.43 -21.95
C LYS D 80 18.55 12.50 -21.87
N ASN D 81 18.98 13.72 -21.61
CA ASN D 81 18.11 14.89 -21.51
C ASN D 81 17.26 14.97 -20.25
N ILE D 82 17.69 14.29 -19.19
CA ILE D 82 16.97 14.32 -17.93
C ILE D 82 17.49 15.50 -17.13
N ASP D 83 16.59 16.33 -16.63
CA ASP D 83 17.05 17.48 -15.87
C ASP D 83 17.34 17.14 -14.41
N LEU D 84 18.61 16.97 -14.09
CA LEU D 84 19.02 16.66 -12.72
C LEU D 84 20.06 17.67 -12.27
N LYS D 85 19.60 18.75 -11.65
CA LYS D 85 20.52 19.77 -11.17
C LYS D 85 21.48 19.15 -10.17
N PHE D 86 22.75 19.56 -10.21
CA PHE D 86 23.74 19.00 -9.30
C PHE D 86 23.43 19.34 -7.85
N LYS D 87 22.71 20.44 -7.64
CA LYS D 87 22.34 20.83 -6.28
C LYS D 87 21.31 19.84 -5.76
N ILE D 88 20.63 19.16 -6.65
CA ILE D 88 19.66 18.16 -6.20
C ILE D 88 20.36 16.85 -5.90
N ILE D 89 21.43 16.57 -6.63
CA ILE D 89 22.19 15.39 -6.40
C ILE D 89 22.91 15.57 -5.08
N VAL D 90 23.42 16.77 -4.89
CA VAL D 90 24.20 17.09 -3.71
C VAL D 90 23.39 17.12 -2.42
N THR D 91 22.17 17.65 -2.52
CA THR D 91 21.30 17.78 -1.34
C THR D 91 20.83 16.44 -0.81
N ALA D 92 20.48 15.53 -1.70
CA ALA D 92 20.09 14.18 -1.30
C ALA D 92 21.29 13.42 -0.75
N TYR D 93 22.44 13.58 -1.41
CA TYR D 93 23.66 12.93 -0.93
C TYR D 93 23.90 13.22 0.53
N LYS D 94 23.69 14.48 0.93
CA LYS D 94 23.91 14.89 2.31
C LYS D 94 23.14 14.04 3.32
N ASP D 95 22.02 13.47 2.90
CA ASP D 95 21.20 12.65 3.79
C ASP D 95 21.70 11.21 4.04
N LEU D 96 22.70 10.79 3.28
CA LEU D 96 23.29 9.49 3.56
C LEU D 96 24.02 9.62 4.90
N PRO D 97 24.07 8.55 5.68
CA PRO D 97 24.70 8.55 7.01
C PRO D 97 26.21 8.79 7.08
N HIS D 98 26.95 8.42 6.04
CA HIS D 98 28.40 8.58 6.07
C HIS D 98 28.77 9.90 5.41
N ALA D 99 27.83 10.46 4.66
CA ALA D 99 28.09 11.66 3.88
C ALA D 99 28.76 12.82 4.63
N VAL D 100 29.77 13.40 4.02
CA VAL D 100 30.44 14.57 4.56
C VAL D 100 30.45 15.66 3.49
N GLN D 101 30.10 16.88 3.87
CA GLN D 101 30.01 17.96 2.90
C GLN D 101 31.28 18.22 2.10
N GLU D 102 32.43 18.18 2.74
CA GLU D 102 33.67 18.43 2.02
C GLU D 102 33.80 17.55 0.77
N THR D 103 33.08 16.43 0.74
CA THR D 103 33.14 15.51 -0.39
C THR D 103 32.67 16.09 -1.74
N PHE D 104 31.76 17.06 -1.71
CA PHE D 104 31.35 17.73 -2.95
C PHE D 104 31.74 19.20 -3.01
N LYS D 105 32.18 19.75 -1.88
CA LYS D 105 32.61 21.14 -1.84
C LYS D 105 34.13 21.34 -2.04
N ARG D 106 34.90 20.25 -1.95
CA ARG D 106 36.37 20.31 -2.08
C ARG D 106 36.88 19.08 -2.80
N VAL D 107 36.86 19.12 -4.12
CA VAL D 107 37.32 17.99 -4.91
C VAL D 107 38.62 18.35 -5.62
N LEU D 108 39.48 17.36 -5.79
CA LEU D 108 40.77 17.55 -6.43
C LEU D 108 40.60 17.83 -7.91
N ILE D 109 41.24 18.88 -8.40
CA ILE D 109 41.19 19.19 -9.82
C ILE D 109 42.41 18.68 -10.56
N LYS D 110 43.53 19.39 -10.47
CA LYS D 110 44.71 19.00 -11.23
C LYS D 110 45.91 18.46 -10.43
N GLU D 111 46.62 19.34 -9.75
CA GLU D 111 47.80 18.94 -8.99
C GLU D 111 47.51 19.00 -7.51
N GLU D 112 47.25 20.20 -7.02
CA GLU D 112 46.86 20.38 -5.63
C GLU D 112 45.80 21.47 -5.49
N GLU D 113 45.01 21.66 -6.54
CA GLU D 113 43.92 22.63 -6.53
C GLU D 113 42.58 21.95 -6.29
N TYR D 114 41.86 22.37 -5.26
CA TYR D 114 40.56 21.78 -4.95
C TYR D 114 39.39 22.74 -5.14
N ASP D 115 38.40 22.31 -5.91
CA ASP D 115 37.23 23.13 -6.17
C ASP D 115 35.99 22.29 -5.90
N SER D 116 34.82 22.89 -6.10
CA SER D 116 33.56 22.20 -5.92
C SER D 116 33.43 21.04 -6.91
N ILE D 117 32.51 20.12 -6.66
CA ILE D 117 32.35 18.96 -7.54
C ILE D 117 31.95 19.32 -8.98
N ILE D 118 31.33 20.48 -9.15
CA ILE D 118 30.89 20.93 -10.48
C ILE D 118 32.09 21.19 -11.36
N VAL D 119 33.08 21.86 -10.81
CA VAL D 119 34.27 22.15 -11.58
C VAL D 119 34.91 20.84 -11.99
N PHE D 120 35.01 19.90 -11.04
CA PHE D 120 35.61 18.60 -11.33
C PHE D 120 34.90 17.93 -12.50
N TYR D 121 33.57 17.94 -12.48
CA TYR D 121 32.81 17.34 -13.58
C TYR D 121 33.22 17.94 -14.92
N ASN D 122 33.22 19.28 -14.98
CA ASN D 122 33.53 20.00 -16.21
C ASN D 122 35.01 20.04 -16.62
N SER D 123 35.92 20.23 -15.66
CA SER D 123 37.37 20.30 -15.97
C SER D 123 38.07 18.97 -16.04
N VAL D 124 37.52 17.95 -15.41
CA VAL D 124 38.24 16.68 -15.37
C VAL D 124 37.47 15.47 -15.80
N PHE D 125 36.37 15.20 -15.10
CA PHE D 125 35.56 14.01 -15.32
C PHE D 125 35.11 13.82 -16.77
N MET D 126 34.16 14.64 -17.19
CA MET D 126 33.60 14.59 -18.53
C MET D 126 34.69 14.61 -19.61
N GLN D 127 35.70 15.44 -19.43
CA GLN D 127 36.79 15.47 -20.39
C GLN D 127 37.33 14.05 -20.59
N ARG D 128 37.70 13.41 -19.48
CA ARG D 128 38.29 12.09 -19.54
C ARG D 128 37.33 11.02 -20.07
N LEU D 129 36.02 11.24 -19.86
CA LEU D 129 35.02 10.26 -20.25
C LEU D 129 34.11 10.62 -21.44
N LYS D 130 34.22 11.84 -21.94
CA LYS D 130 33.39 12.33 -23.05
C LYS D 130 33.13 11.29 -24.13
N THR D 131 34.21 10.85 -24.77
CA THR D 131 34.13 9.87 -25.84
C THR D 131 33.28 8.67 -25.47
N ASN D 132 33.46 8.18 -24.25
CA ASN D 132 32.72 7.01 -23.82
C ASN D 132 31.29 7.32 -23.43
N ILE D 133 31.08 8.43 -22.73
CA ILE D 133 29.74 8.79 -22.28
C ILE D 133 28.82 8.91 -23.47
N LEU D 134 29.38 9.35 -24.60
CA LEU D 134 28.58 9.54 -25.81
C LEU D 134 28.22 8.24 -26.52
N GLN D 135 28.61 7.11 -25.95
CA GLN D 135 28.23 5.80 -26.50
C GLN D 135 26.76 5.55 -26.16
N TYR D 136 26.42 5.75 -24.89
CA TYR D 136 25.05 5.58 -24.44
C TYR D 136 24.21 6.64 -25.14
N ALA D 137 24.89 7.60 -25.76
CA ALA D 137 24.22 8.70 -26.45
C ALA D 137 23.34 8.21 -27.60
N SER D 138 23.67 7.04 -28.12
CA SER D 138 22.90 6.44 -29.21
C SER D 138 21.57 5.93 -28.65
N THR D 139 20.61 5.64 -29.53
CA THR D 139 19.32 5.10 -29.08
C THR D 139 19.34 3.57 -29.11
N ARG D 140 20.42 3.02 -29.67
CA ARG D 140 20.62 1.58 -29.78
C ARG D 140 20.81 0.98 -28.39
N PRO D 141 20.81 -0.36 -28.29
CA PRO D 141 21.03 -1.04 -27.00
C PRO D 141 22.48 -0.95 -26.50
N PRO D 142 22.64 -0.48 -25.27
CA PRO D 142 23.96 -0.37 -24.63
C PRO D 142 24.42 -1.65 -23.92
N THR D 143 25.71 -1.96 -24.02
CA THR D 143 26.29 -3.15 -23.41
C THR D 143 26.42 -2.95 -21.90
N LEU D 144 25.38 -3.29 -21.16
CA LEU D 144 25.35 -3.08 -19.71
C LEU D 144 26.26 -4.00 -18.89
N SER D 145 26.57 -3.57 -17.68
CA SER D 145 27.38 -4.37 -16.76
C SER D 145 26.47 -4.96 -15.71
N PRO D 146 26.80 -6.16 -15.24
CA PRO D 146 26.04 -6.84 -14.19
C PRO D 146 26.00 -6.12 -12.83
N ILE D 147 24.79 -5.99 -12.30
CA ILE D 147 24.59 -5.41 -10.99
C ILE D 147 25.16 -6.41 -10.01
N PRO D 148 25.90 -5.95 -9.01
CA PRO D 148 26.50 -6.88 -8.05
C PRO D 148 25.43 -7.64 -7.30
N HIS D 149 25.78 -8.87 -6.92
CA HIS D 149 24.92 -9.78 -6.17
C HIS D 149 23.92 -9.12 -5.22
N ILE D 150 24.21 -9.21 -3.91
CA ILE D 150 23.31 -8.63 -2.91
C ILE D 150 21.95 -9.33 -2.95
N PRO D 151 21.95 -10.60 -2.56
CA PRO D 151 20.71 -11.41 -2.61
C PRO D 151 19.65 -10.95 -1.62
N ARG D 152 19.24 -11.84 -0.72
CA ARG D 152 18.25 -11.51 0.30
C ARG D 152 18.88 -10.71 1.43
N MET E 8 -45.37 28.68 14.76
CA MET E 8 -44.59 27.51 15.29
C MET E 8 -44.74 26.31 14.37
N ASN E 9 -43.96 26.30 13.29
CA ASN E 9 -43.99 25.19 12.33
C ASN E 9 -43.07 24.07 12.79
N THR E 10 -43.07 22.96 12.06
CA THR E 10 -42.25 21.80 12.40
C THR E 10 -40.75 22.02 12.20
N ILE E 11 -40.35 23.22 11.82
CA ILE E 11 -38.95 23.53 11.61
C ILE E 11 -38.45 24.47 12.70
N GLN E 12 -39.38 25.23 13.26
CA GLN E 12 -39.09 26.13 14.36
C GLN E 12 -38.83 25.32 15.61
N GLN E 13 -39.67 24.30 15.79
CA GLN E 13 -39.61 23.40 16.91
C GLN E 13 -38.19 22.89 17.13
N LEU E 14 -37.65 22.23 16.12
CA LEU E 14 -36.31 21.67 16.19
C LEU E 14 -35.30 22.76 16.53
N MET E 15 -35.42 23.91 15.86
CA MET E 15 -34.50 25.03 16.10
C MET E 15 -34.39 25.38 17.57
N MET E 16 -35.53 25.35 18.27
CA MET E 16 -35.58 25.69 19.67
C MET E 16 -34.83 24.69 20.55
N ILE E 17 -35.03 23.40 20.34
CA ILE E 17 -34.29 22.40 21.09
C ILE E 17 -32.81 22.70 20.99
N LEU E 18 -32.37 23.14 19.82
CA LEU E 18 -30.96 23.41 19.61
C LEU E 18 -30.63 24.88 19.82
N ASN E 19 -31.47 25.58 20.57
CA ASN E 19 -31.29 27.02 20.78
C ASN E 19 -30.18 27.37 21.78
N SER E 20 -29.44 26.37 22.22
CA SER E 20 -28.39 26.56 23.19
C SER E 20 -27.33 25.48 22.96
N ALA E 21 -27.42 24.87 21.79
CA ALA E 21 -26.52 23.79 21.41
C ALA E 21 -25.44 24.26 20.44
N SER E 22 -24.20 24.06 20.83
CA SER E 22 -23.08 24.49 20.03
C SER E 22 -22.80 23.48 18.93
N ASP E 23 -21.99 23.92 17.99
CA ASP E 23 -21.56 23.12 16.86
C ASP E 23 -20.22 22.47 17.23
N GLN E 24 -19.87 22.61 18.50
CA GLN E 24 -18.64 22.07 19.05
C GLN E 24 -19.01 21.38 20.34
N PRO E 25 -18.30 20.35 20.72
CA PRO E 25 -18.61 19.66 21.97
C PRO E 25 -18.64 20.66 23.12
N SER E 26 -19.63 20.54 23.98
CA SER E 26 -19.73 21.42 25.13
C SER E 26 -18.57 21.19 26.12
N GLU E 27 -18.33 22.17 26.98
CA GLU E 27 -17.24 22.05 27.95
C GLU E 27 -17.46 20.86 28.83
N ASN E 28 -18.72 20.50 28.98
CA ASN E 28 -19.10 19.35 29.77
C ASN E 28 -18.70 18.04 29.09
N LEU E 29 -18.90 17.97 27.78
CA LEU E 29 -18.47 16.81 27.02
C LEU E 29 -16.94 16.70 27.10
N ILE E 30 -16.27 17.85 27.13
CA ILE E 30 -14.81 17.84 27.18
C ILE E 30 -14.33 17.20 28.48
N SER E 31 -15.00 17.56 29.55
CA SER E 31 -14.73 16.98 30.83
C SER E 31 -14.84 15.43 30.79
N TYR E 32 -15.70 14.91 29.93
CA TYR E 32 -15.85 13.47 29.84
C TYR E 32 -14.71 12.92 29.00
N PHE E 33 -14.35 13.67 27.96
CA PHE E 33 -13.26 13.20 27.12
C PHE E 33 -11.97 13.13 27.97
N ASN E 34 -11.79 14.10 28.86
CA ASN E 34 -10.60 14.11 29.74
C ASN E 34 -10.59 13.04 30.83
N ASN E 35 -11.70 12.37 31.04
CA ASN E 35 -11.73 11.34 32.07
C ASN E 35 -11.62 9.95 31.49
N CYS E 36 -11.37 9.86 30.19
CA CYS E 36 -11.24 8.58 29.51
C CYS E 36 -9.80 8.08 29.59
N THR E 37 -9.64 6.76 29.55
CA THR E 37 -8.32 6.16 29.58
C THR E 37 -7.63 6.51 28.27
N VAL E 38 -8.42 6.67 27.22
CA VAL E 38 -7.91 7.09 25.93
C VAL E 38 -8.69 8.32 25.55
N ASN E 39 -8.02 9.44 25.30
CA ASN E 39 -8.77 10.65 25.02
C ASN E 39 -9.32 10.55 23.62
N PRO E 40 -10.64 10.65 23.46
CA PRO E 40 -11.24 10.57 22.14
C PRO E 40 -11.56 11.92 21.55
N LYS E 41 -11.16 13.01 22.17
CA LYS E 41 -11.48 14.32 21.62
C LYS E 41 -11.08 14.51 20.14
N GLU E 42 -9.86 14.14 19.77
CA GLU E 42 -9.38 14.39 18.40
C GLU E 42 -10.08 13.57 17.32
N SER E 43 -10.31 12.29 17.60
CA SER E 43 -11.04 11.44 16.69
C SER E 43 -12.47 11.95 16.53
N ILE E 44 -13.05 12.45 17.61
CA ILE E 44 -14.41 12.99 17.56
C ILE E 44 -14.54 14.26 16.70
N LEU E 45 -13.64 15.23 16.89
CA LEU E 45 -13.69 16.46 16.10
C LEU E 45 -13.43 16.15 14.64
N LYS E 46 -12.47 15.26 14.40
CA LYS E 46 -12.10 14.89 13.04
C LYS E 46 -13.17 14.08 12.33
N ARG E 47 -13.93 13.27 13.06
CA ARG E 47 -14.97 12.46 12.41
C ARG E 47 -16.14 13.34 12.00
N VAL E 48 -16.37 14.40 12.74
CA VAL E 48 -17.44 15.31 12.40
C VAL E 48 -17.06 16.07 11.13
N LYS E 49 -15.79 16.39 11.01
CA LYS E 49 -15.31 17.16 9.86
C LYS E 49 -15.29 16.28 8.60
N ASP E 50 -14.63 15.14 8.65
CA ASP E 50 -14.59 14.21 7.52
C ASP E 50 -16.00 13.85 7.03
N ILE E 51 -16.83 13.32 7.94
CA ILE E 51 -18.22 13.02 7.58
C ILE E 51 -18.90 14.26 6.99
N GLY E 52 -18.63 15.42 7.58
CA GLY E 52 -19.21 16.65 7.09
C GLY E 52 -18.97 16.86 5.60
N TYR E 53 -17.75 16.58 5.17
CA TYR E 53 -17.40 16.74 3.77
C TYR E 53 -18.12 15.72 2.89
N ILE E 54 -18.30 14.50 3.36
CA ILE E 54 -18.98 13.49 2.54
C ILE E 54 -20.48 13.75 2.40
N PHE E 55 -21.14 14.04 3.51
CA PHE E 55 -22.56 14.35 3.52
C PHE E 55 -22.90 15.51 2.58
N LYS E 56 -22.00 16.48 2.46
CA LYS E 56 -22.30 17.66 1.67
C LYS E 56 -22.26 17.39 0.18
N GLU E 57 -21.32 16.57 -0.27
CA GLU E 57 -21.28 16.25 -1.69
C GLU E 57 -22.43 15.32 -2.08
N LYS E 58 -22.75 14.36 -1.23
CA LYS E 58 -23.80 13.38 -1.56
C LYS E 58 -25.17 14.02 -1.56
N PHE E 59 -25.38 14.92 -0.60
CA PHE E 59 -26.60 15.68 -0.52
C PHE E 59 -26.73 16.46 -1.82
N ALA E 60 -25.65 17.08 -2.25
CA ALA E 60 -25.70 17.89 -3.45
C ALA E 60 -25.95 17.02 -4.68
N LYS E 61 -25.21 15.94 -4.80
CA LYS E 61 -25.46 15.05 -5.91
C LYS E 61 -26.89 14.52 -5.85
N ALA E 62 -27.48 14.48 -4.66
CA ALA E 62 -28.83 13.96 -4.52
C ALA E 62 -29.93 14.97 -4.85
N VAL E 63 -29.71 16.23 -4.54
CA VAL E 63 -30.78 17.20 -4.78
C VAL E 63 -30.44 18.31 -5.78
N GLY E 64 -29.15 18.50 -6.03
CA GLY E 64 -28.75 19.50 -6.98
C GLY E 64 -27.65 20.38 -6.44
N GLN E 65 -26.97 21.06 -7.37
CA GLN E 65 -25.86 21.93 -7.11
C GLN E 65 -26.29 23.15 -6.31
N GLY E 66 -27.43 23.72 -6.65
CA GLY E 66 -27.91 24.87 -5.90
C GLY E 66 -28.43 24.45 -4.54
N CYS E 67 -27.81 23.44 -3.94
CA CYS E 67 -28.26 22.94 -2.64
C CYS E 67 -27.11 22.72 -1.67
N VAL E 68 -25.89 22.88 -2.16
CA VAL E 68 -24.68 22.71 -1.36
C VAL E 68 -24.69 23.40 0.01
N GLU E 69 -25.06 24.68 0.04
CA GLU E 69 -25.08 25.39 1.31
C GLU E 69 -26.21 24.90 2.21
N ILE E 70 -27.40 24.72 1.63
CA ILE E 70 -28.52 24.20 2.40
C ILE E 70 -28.11 22.89 3.06
N GLY E 71 -27.39 22.06 2.33
CA GLY E 71 -26.89 20.81 2.87
C GLY E 71 -25.97 21.06 4.06
N SER E 72 -25.09 22.05 3.93
CA SER E 72 -24.21 22.42 5.04
C SER E 72 -25.00 22.80 6.27
N GLN E 73 -26.02 23.64 6.09
CA GLN E 73 -26.83 24.08 7.22
C GLN E 73 -27.54 22.93 7.93
N ARG E 74 -27.87 21.86 7.21
CA ARG E 74 -28.54 20.75 7.87
C ARG E 74 -27.60 19.81 8.63
N TYR E 75 -26.42 19.59 8.07
CA TYR E 75 -25.44 18.74 8.73
C TYR E 75 -25.19 19.37 10.10
N LYS E 76 -25.06 20.69 10.12
CA LYS E 76 -24.80 21.39 11.37
C LYS E 76 -25.89 21.12 12.40
N LEU E 77 -27.14 21.24 11.99
CA LEU E 77 -28.23 20.95 12.91
C LEU E 77 -28.00 19.54 13.42
N GLY E 78 -27.64 18.64 12.52
CA GLY E 78 -27.41 17.28 12.93
C GLY E 78 -26.32 17.20 13.99
N VAL E 79 -25.24 17.93 13.78
CA VAL E 79 -24.11 17.90 14.70
C VAL E 79 -24.48 18.42 16.07
N ARG E 80 -25.13 19.58 16.09
CA ARG E 80 -25.60 20.18 17.33
C ARG E 80 -26.50 19.20 18.09
N LEU E 81 -27.37 18.49 17.39
CA LEU E 81 -28.29 17.52 18.01
C LEU E 81 -27.50 16.34 18.57
N TYR E 82 -26.45 15.94 17.85
CA TYR E 82 -25.59 14.80 18.19
C TYR E 82 -24.89 15.00 19.52
N TYR E 83 -24.22 16.15 19.67
CA TYR E 83 -23.52 16.46 20.91
C TYR E 83 -24.49 16.65 22.08
N ARG E 84 -25.67 17.18 21.79
CA ARG E 84 -26.64 17.35 22.83
C ARG E 84 -27.08 15.97 23.37
N VAL E 85 -27.45 15.04 22.48
CA VAL E 85 -27.80 13.70 22.92
C VAL E 85 -26.62 12.97 23.61
N MET E 86 -25.43 13.06 23.04
CA MET E 86 -24.24 12.45 23.64
C MET E 86 -24.06 12.86 25.13
N GLU E 87 -24.11 14.15 25.41
CA GLU E 87 -23.94 14.64 26.78
C GLU E 87 -25.00 14.04 27.70
N SER E 88 -26.19 13.86 27.14
CA SER E 88 -27.31 13.37 27.89
C SER E 88 -27.19 11.87 28.14
N MET E 89 -26.75 11.11 27.14
CA MET E 89 -26.51 9.71 27.41
C MET E 89 -25.42 9.57 28.47
N LEU E 90 -24.31 10.26 28.28
CA LEU E 90 -23.26 10.21 29.27
C LEU E 90 -23.74 10.58 30.68
N LYS E 91 -24.48 11.68 30.84
CA LYS E 91 -24.89 12.05 32.19
C LYS E 91 -25.74 10.94 32.80
N SER E 92 -26.66 10.45 32.00
CA SER E 92 -27.53 9.37 32.41
C SER E 92 -26.76 8.08 32.74
N GLU E 93 -25.73 7.78 31.97
CA GLU E 93 -24.98 6.55 32.24
C GLU E 93 -24.20 6.71 33.53
N GLU E 94 -23.69 7.92 33.76
CA GLU E 94 -22.92 8.21 34.96
C GLU E 94 -23.78 7.91 36.17
N GLU E 95 -25.06 8.25 36.08
CA GLU E 95 -25.97 7.92 37.16
C GLU E 95 -26.28 6.42 37.26
N ARG E 96 -26.71 5.81 36.16
CA ARG E 96 -27.04 4.38 36.18
C ARG E 96 -25.88 3.59 36.74
N LEU E 97 -24.72 3.76 36.14
CA LEU E 97 -23.54 3.12 36.66
C LEU E 97 -23.02 4.07 37.70
N SER E 98 -21.74 4.01 37.98
CA SER E 98 -21.19 4.93 38.95
C SER E 98 -19.77 5.21 38.51
N ILE E 99 -19.63 5.46 37.22
CA ILE E 99 -18.33 5.63 36.62
C ILE E 99 -18.25 6.96 35.91
N GLN E 100 -17.06 7.51 35.81
CA GLN E 100 -16.86 8.76 35.09
C GLN E 100 -16.00 8.55 33.86
N ASN E 101 -15.63 7.30 33.59
CA ASN E 101 -14.72 6.98 32.50
C ASN E 101 -15.38 6.07 31.47
N PHE E 102 -15.78 6.68 30.36
CA PHE E 102 -16.46 5.95 29.27
C PHE E 102 -15.58 5.77 28.05
N SER E 103 -14.29 5.57 28.31
CA SER E 103 -13.30 5.40 27.26
C SER E 103 -13.67 4.40 26.16
N LYS E 104 -14.05 3.18 26.54
CA LYS E 104 -14.38 2.18 25.55
C LYS E 104 -15.54 2.55 24.61
N LEU E 105 -16.60 3.15 25.16
CA LEU E 105 -17.75 3.59 24.37
C LEU E 105 -17.39 4.82 23.51
N LEU E 106 -16.73 5.80 24.12
CA LEU E 106 -16.41 7.03 23.41
C LEU E 106 -15.32 6.86 22.34
N ASN E 107 -14.59 5.74 22.40
CA ASN E 107 -13.58 5.48 21.37
C ASN E 107 -14.10 4.49 20.34
N ASP E 108 -15.38 4.15 20.44
CA ASP E 108 -16.04 3.22 19.53
C ASP E 108 -16.56 3.91 18.24
N ASN E 109 -15.87 3.74 17.12
CA ASN E 109 -16.30 4.37 15.88
C ASN E 109 -17.75 4.04 15.44
N ILE E 110 -18.21 2.81 15.68
CA ILE E 110 -19.57 2.44 15.32
C ILE E 110 -20.57 3.25 16.14
N PHE E 111 -20.35 3.33 17.44
CA PHE E 111 -21.26 4.06 18.32
C PHE E 111 -21.46 5.49 17.84
N HIS E 112 -20.36 6.21 17.65
CA HIS E 112 -20.42 7.58 17.17
C HIS E 112 -21.14 7.76 15.84
N MET E 113 -21.03 6.75 14.99
CA MET E 113 -21.52 6.78 13.62
C MET E 113 -23.01 6.63 13.59
N SER E 114 -23.51 5.76 14.47
CA SER E 114 -24.94 5.55 14.57
C SER E 114 -25.63 6.76 15.19
N LEU E 115 -25.04 7.34 16.24
CA LEU E 115 -25.66 8.49 16.90
C LEU E 115 -25.85 9.66 15.95
N LEU E 116 -24.82 9.95 15.13
CA LEU E 116 -24.90 11.06 14.18
C LEU E 116 -25.98 10.76 13.16
N ALA E 117 -25.95 9.56 12.60
CA ALA E 117 -26.94 9.17 11.61
C ALA E 117 -28.34 9.32 12.17
N CYS E 118 -28.51 8.99 13.44
CA CYS E 118 -29.82 9.11 14.06
C CYS E 118 -30.13 10.58 14.21
N ALA E 119 -29.14 11.37 14.62
CA ALA E 119 -29.34 12.82 14.73
C ALA E 119 -29.70 13.43 13.38
N LEU E 120 -29.01 12.99 12.33
CA LEU E 120 -29.28 13.50 11.00
C LEU E 120 -30.66 13.05 10.50
N GLU E 121 -31.02 11.82 10.85
CA GLU E 121 -32.32 11.28 10.50
C GLU E 121 -33.43 12.19 11.01
N VAL E 122 -33.33 12.61 12.26
CA VAL E 122 -34.34 13.48 12.81
C VAL E 122 -34.40 14.78 12.01
N VAL E 123 -33.25 15.32 11.63
CA VAL E 123 -33.25 16.61 10.94
C VAL E 123 -33.82 16.49 9.52
N MET E 124 -33.44 15.43 8.81
CA MET E 124 -33.92 15.20 7.45
C MET E 124 -35.44 15.01 7.42
N ALA E 125 -35.95 14.16 8.30
CA ALA E 125 -37.39 13.92 8.39
C ALA E 125 -38.16 15.17 8.80
N THR E 126 -37.55 16.04 9.58
CA THR E 126 -38.26 17.25 9.98
C THR E 126 -38.37 18.16 8.77
N TYR E 127 -37.31 18.23 7.98
CA TYR E 127 -37.32 19.09 6.80
C TYR E 127 -38.12 18.51 5.66
N SER E 128 -38.11 17.18 5.56
CA SER E 128 -38.91 16.47 4.56
C SER E 128 -40.36 16.94 4.64
N ARG E 129 -40.64 17.75 5.66
CA ARG E 129 -41.98 18.27 5.97
C ARG E 129 -42.86 17.21 6.63
N SER E 130 -42.41 15.96 6.56
CA SER E 130 -43.11 14.82 7.16
C SER E 130 -44.61 15.04 7.35
N SER E 137 -39.13 5.31 -0.62
CA SER E 137 -39.57 6.26 -1.64
C SER E 137 -38.41 7.15 -2.11
N GLY E 138 -38.77 8.12 -2.96
CA GLY E 138 -37.80 9.02 -3.53
C GLY E 138 -37.53 10.25 -2.69
N THR E 139 -38.02 10.25 -1.45
CA THR E 139 -37.79 11.39 -0.55
C THR E 139 -36.29 11.46 -0.32
N ASP E 140 -35.77 12.66 -0.28
CA ASP E 140 -34.35 12.78 -0.05
C ASP E 140 -34.03 11.79 1.01
N LEU E 141 -34.25 12.17 2.26
CA LEU E 141 -33.98 11.26 3.36
C LEU E 141 -35.11 10.30 3.57
N SER E 142 -34.90 9.11 3.04
CA SER E 142 -35.79 8.02 3.29
C SER E 142 -35.14 7.59 4.58
N PHE E 143 -35.77 6.76 5.39
CA PHE E 143 -35.07 6.44 6.61
C PHE E 143 -33.75 5.91 6.16
N PRO E 144 -33.77 5.09 5.11
CA PRO E 144 -32.55 4.41 4.68
C PRO E 144 -31.49 5.34 4.10
N TRP E 145 -31.91 6.38 3.39
CA TRP E 145 -30.97 7.26 2.68
C TRP E 145 -29.62 7.50 3.41
N ILE E 146 -29.66 7.98 4.65
CA ILE E 146 -28.46 8.24 5.42
C ILE E 146 -27.55 7.03 5.68
N LEU E 147 -28.09 5.82 5.58
CA LEU E 147 -27.23 4.63 5.79
C LEU E 147 -26.28 4.54 4.63
N ASN E 148 -26.79 4.84 3.45
CA ASN E 148 -25.98 4.80 2.25
C ASN E 148 -24.94 5.92 2.21
N VAL E 149 -25.30 7.09 2.73
CA VAL E 149 -24.41 8.24 2.72
C VAL E 149 -23.23 8.06 3.68
N LEU E 150 -23.51 7.45 4.83
CA LEU E 150 -22.50 7.23 5.85
C LEU E 150 -21.86 5.83 5.84
N ASN E 151 -22.29 4.92 4.97
CA ASN E 151 -21.71 3.55 4.94
C ASN E 151 -22.00 2.82 6.25
N LEU E 152 -23.17 3.05 6.82
CA LEU E 152 -23.51 2.47 8.12
C LEU E 152 -24.54 1.36 7.91
N LYS E 153 -24.43 0.27 8.67
CA LYS E 153 -25.35 -0.85 8.51
C LYS E 153 -26.58 -0.65 9.34
N ALA E 154 -27.72 -1.09 8.80
CA ALA E 154 -29.02 -0.97 9.46
C ALA E 154 -28.99 -1.41 10.92
N PHE E 155 -28.43 -2.59 11.16
CA PHE E 155 -28.39 -3.17 12.49
C PHE E 155 -27.65 -2.30 13.51
N ASP E 156 -26.55 -1.68 13.09
CA ASP E 156 -25.79 -0.82 14.00
C ASP E 156 -26.62 0.41 14.32
N PHE E 157 -27.29 0.95 13.31
CA PHE E 157 -28.15 2.13 13.46
C PHE E 157 -29.22 1.82 14.48
N TYR E 158 -29.81 0.63 14.36
CA TYR E 158 -30.87 0.22 15.26
C TYR E 158 -30.47 0.30 16.74
N LYS E 159 -29.25 -0.11 17.07
CA LYS E 159 -28.72 -0.13 18.46
C LYS E 159 -28.79 1.21 19.23
N VAL E 160 -28.94 2.32 18.52
CA VAL E 160 -28.93 3.57 19.22
C VAL E 160 -30.34 4.17 19.37
N ILE E 161 -31.33 3.63 18.65
CA ILE E 161 -32.66 4.25 18.61
C ILE E 161 -33.43 4.37 19.93
N GLU E 162 -33.75 3.25 20.58
CA GLU E 162 -34.39 3.35 21.88
C GLU E 162 -33.63 4.32 22.78
N SER E 163 -32.30 4.22 22.81
CA SER E 163 -31.53 5.08 23.71
C SER E 163 -31.62 6.55 23.29
N PHE E 164 -31.66 6.79 21.99
CA PHE E 164 -31.78 8.14 21.47
C PHE E 164 -33.13 8.76 21.88
N ILE E 165 -34.19 7.97 21.82
CA ILE E 165 -35.52 8.45 22.18
C ILE E 165 -35.58 8.86 23.65
N LYS E 166 -35.08 8.01 24.53
CA LYS E 166 -35.07 8.32 25.95
C LYS E 166 -34.26 9.56 26.28
N ALA E 167 -33.18 9.78 25.55
CA ALA E 167 -32.30 10.90 25.88
C ALA E 167 -32.80 12.26 25.40
N GLU E 168 -33.71 12.28 24.44
CA GLU E 168 -34.17 13.56 23.91
C GLU E 168 -35.67 13.76 24.11
N GLY E 169 -36.02 14.10 25.35
CA GLY E 169 -37.40 14.31 25.75
C GLY E 169 -38.16 15.32 24.91
N ASN E 170 -37.46 16.27 24.32
CA ASN E 170 -38.15 17.25 23.49
C ASN E 170 -38.59 16.69 22.14
N LEU E 171 -38.25 15.43 21.87
CA LEU E 171 -38.66 14.80 20.62
C LEU E 171 -40.17 14.78 20.54
N THR E 172 -40.72 15.26 19.42
CA THR E 172 -42.16 15.25 19.21
C THR E 172 -42.76 13.85 18.95
N ARG E 173 -44.06 13.75 19.15
CA ARG E 173 -44.74 12.50 18.95
C ARG E 173 -44.59 12.00 17.52
N GLU E 174 -44.55 12.92 16.56
CA GLU E 174 -44.43 12.54 15.17
C GLU E 174 -43.02 12.08 14.84
N MET E 175 -42.04 12.63 15.55
CA MET E 175 -40.67 12.23 15.34
C MET E 175 -40.42 10.83 15.91
N ILE E 176 -41.13 10.48 16.98
CA ILE E 176 -40.93 9.17 17.58
C ILE E 176 -41.55 8.12 16.67
N LYS E 177 -42.71 8.44 16.09
CA LYS E 177 -43.38 7.50 15.20
C LYS E 177 -42.53 7.21 13.99
N HIS E 178 -41.70 8.18 13.61
CA HIS E 178 -40.84 8.02 12.47
C HIS E 178 -39.69 7.11 12.88
N LEU E 179 -38.96 7.47 13.93
CA LEU E 179 -37.87 6.62 14.41
C LEU E 179 -38.32 5.17 14.58
N GLU E 180 -39.54 5.00 15.09
CA GLU E 180 -40.10 3.68 15.34
C GLU E 180 -40.31 2.92 14.05
N ARG E 181 -40.84 3.62 13.08
CA ARG E 181 -41.06 3.04 11.77
C ARG E 181 -39.74 2.57 11.12
N CYS E 182 -38.64 3.29 11.37
CA CYS E 182 -37.33 2.92 10.85
C CYS E 182 -36.94 1.60 11.51
N GLU E 183 -37.24 1.52 12.80
CA GLU E 183 -36.91 0.37 13.62
C GLU E 183 -37.63 -0.84 13.07
N HIS E 184 -38.84 -0.63 12.57
CA HIS E 184 -39.62 -1.71 12.02
C HIS E 184 -39.09 -2.14 10.67
N ARG E 185 -38.49 -1.23 9.92
CA ARG E 185 -37.96 -1.64 8.62
C ARG E 185 -36.61 -2.34 8.75
N ILE E 186 -35.90 -2.05 9.84
CA ILE E 186 -34.62 -2.68 10.04
C ILE E 186 -34.94 -4.08 10.46
N MET E 187 -35.95 -4.19 11.32
CA MET E 187 -36.37 -5.47 11.87
C MET E 187 -36.99 -6.46 10.88
N GLU E 188 -37.81 -5.96 9.95
CA GLU E 188 -38.47 -6.83 8.99
C GLU E 188 -37.61 -7.29 7.80
N SER E 189 -36.48 -6.62 7.54
CA SER E 189 -35.63 -7.03 6.40
C SER E 189 -34.21 -6.43 6.28
N LEU E 190 -34.09 -5.12 6.44
CA LEU E 190 -32.78 -4.48 6.32
C LEU E 190 -31.70 -5.13 7.21
N ALA E 191 -32.05 -5.51 8.42
CA ALA E 191 -31.03 -6.07 9.27
C ALA E 191 -30.79 -7.52 8.96
N TRP E 192 -31.51 -8.06 7.98
CA TRP E 192 -31.31 -9.47 7.63
C TRP E 192 -30.56 -9.66 6.31
N LEU E 193 -30.05 -8.58 5.73
CA LEU E 193 -29.29 -8.69 4.47
C LEU E 193 -27.96 -9.41 4.70
N SER E 194 -27.42 -9.98 3.63
CA SER E 194 -26.18 -10.74 3.71
C SER E 194 -24.99 -9.92 4.19
N ASP E 195 -25.17 -8.59 4.20
CA ASP E 195 -24.13 -7.71 4.69
C ASP E 195 -24.42 -7.20 6.08
N SER E 196 -25.22 -7.93 6.86
CA SER E 196 -25.58 -7.51 8.22
C SER E 196 -24.73 -8.11 9.36
N PRO E 197 -24.24 -7.24 10.24
CA PRO E 197 -23.41 -7.69 11.37
C PRO E 197 -24.18 -8.73 12.21
N LEU E 198 -25.50 -8.64 12.15
CA LEU E 198 -26.40 -9.56 12.84
C LEU E 198 -26.05 -11.03 12.64
N PHE E 199 -25.45 -11.39 11.51
CA PHE E 199 -25.16 -12.80 11.30
C PHE E 199 -23.97 -13.29 12.09
N ASP E 200 -22.99 -12.43 12.31
CA ASP E 200 -21.85 -12.83 13.13
C ASP E 200 -22.23 -12.81 14.62
N LEU E 201 -23.31 -12.11 14.94
CA LEU E 201 -23.77 -12.03 16.31
C LEU E 201 -24.53 -13.31 16.67
N ILE E 202 -25.33 -13.78 15.73
CA ILE E 202 -26.10 -14.98 15.95
C ILE E 202 -25.19 -16.20 16.00
N LYS E 203 -24.30 -16.28 15.01
CA LYS E 203 -23.34 -17.37 14.89
C LYS E 203 -22.48 -17.53 16.16
N GLN E 204 -22.12 -16.43 16.77
CA GLN E 204 -21.33 -16.54 17.98
C GLN E 204 -22.20 -16.94 19.18
N SER E 205 -23.39 -16.37 19.31
CA SER E 205 -24.23 -16.77 20.42
C SER E 205 -24.31 -18.29 20.42
N LYS E 206 -24.37 -18.86 19.21
CA LYS E 206 -24.48 -20.31 19.05
C LYS E 206 -23.34 -21.03 19.75
N ASP E 207 -22.10 -20.73 19.34
CA ASP E 207 -20.94 -21.35 19.96
C ASP E 207 -20.94 -21.16 21.47
N SER F 9 -24.91 -10.95 25.04
CA SER F 9 -25.19 -9.80 24.13
C SER F 9 -26.53 -9.10 24.37
N THR F 10 -26.47 -7.87 24.88
CA THR F 10 -27.68 -7.09 25.08
C THR F 10 -28.35 -6.68 23.74
N SER F 11 -27.54 -6.35 22.74
CA SER F 11 -28.11 -5.93 21.46
C SER F 11 -28.85 -7.03 20.75
N LEU F 12 -28.32 -8.25 20.80
CA LEU F 12 -28.98 -9.39 20.19
C LEU F 12 -30.27 -9.80 20.92
N SER F 13 -30.24 -9.79 22.26
CA SER F 13 -31.44 -10.12 23.03
C SER F 13 -32.51 -9.08 22.74
N LEU F 14 -32.09 -7.82 22.80
CA LEU F 14 -33.00 -6.71 22.60
C LEU F 14 -33.62 -6.79 21.23
N PHE F 15 -32.81 -7.08 20.22
CA PHE F 15 -33.27 -7.22 18.84
C PHE F 15 -34.31 -8.33 18.70
N TYR F 16 -34.10 -9.48 19.33
CA TYR F 16 -35.11 -10.54 19.20
C TYR F 16 -36.36 -10.23 20.00
N LYS F 17 -36.21 -9.53 21.11
CA LYS F 17 -37.38 -9.17 21.90
C LYS F 17 -38.31 -8.30 21.08
N LYS F 18 -37.74 -7.39 20.30
CA LYS F 18 -38.55 -6.48 19.51
C LYS F 18 -39.14 -7.15 18.28
N VAL F 19 -38.32 -7.87 17.52
CA VAL F 19 -38.79 -8.59 16.35
C VAL F 19 -39.91 -9.61 16.67
N TYR F 20 -39.86 -10.25 17.85
CA TYR F 20 -40.90 -11.20 18.26
C TYR F 20 -42.23 -10.49 18.47
N ARG F 21 -42.17 -9.31 19.08
CA ARG F 21 -43.36 -8.51 19.30
C ARG F 21 -43.88 -7.94 18.00
N LEU F 22 -42.99 -7.62 17.07
CA LEU F 22 -43.43 -7.05 15.80
C LEU F 22 -44.06 -8.19 14.98
N ALA F 23 -43.41 -9.35 15.00
CA ALA F 23 -43.92 -10.52 14.30
C ALA F 23 -45.28 -11.00 14.81
N TYR F 24 -45.45 -11.03 16.13
CA TYR F 24 -46.68 -11.55 16.70
C TYR F 24 -47.89 -10.69 16.39
N LEU F 25 -47.72 -9.37 16.44
CA LEU F 25 -48.81 -8.44 16.16
C LEU F 25 -49.36 -8.58 14.74
N ARG F 26 -48.47 -8.76 13.77
CA ARG F 26 -48.92 -8.89 12.39
C ARG F 26 -49.61 -10.24 12.15
N LEU F 27 -49.18 -11.25 12.90
CA LEU F 27 -49.74 -12.59 12.79
C LEU F 27 -51.15 -12.56 13.31
N ASN F 28 -51.27 -12.17 14.58
CA ASN F 28 -52.55 -12.08 15.27
C ASN F 28 -53.61 -11.29 14.49
N THR F 29 -53.20 -10.22 13.82
CA THR F 29 -54.10 -9.43 12.98
C THR F 29 -54.57 -10.23 11.77
N LEU F 30 -53.70 -11.06 11.23
CA LEU F 30 -54.04 -11.86 10.07
C LEU F 30 -54.86 -13.08 10.49
N CYS F 31 -54.63 -13.57 11.70
CA CYS F 31 -55.31 -14.75 12.20
C CYS F 31 -56.74 -14.40 12.67
N GLU F 32 -56.92 -13.19 13.19
CA GLU F 32 -58.24 -12.85 13.70
C GLU F 32 -59.19 -12.47 12.56
N ARG F 33 -58.65 -12.42 11.34
CA ARG F 33 -59.45 -12.04 10.19
C ARG F 33 -59.67 -13.21 9.23
N LEU F 34 -58.76 -14.18 9.27
CA LEU F 34 -58.85 -15.34 8.39
C LEU F 34 -59.19 -16.65 9.10
N LEU F 35 -58.67 -16.82 10.31
CA LEU F 35 -58.85 -18.07 11.04
C LEU F 35 -59.69 -17.93 12.30
N SER F 36 -60.47 -16.86 12.35
CA SER F 36 -61.36 -16.63 13.49
C SER F 36 -62.23 -17.86 13.80
N GLU F 37 -62.43 -18.74 12.81
CA GLU F 37 -63.23 -19.93 13.06
C GLU F 37 -62.40 -21.10 13.59
N HIS F 38 -61.07 -20.94 13.63
CA HIS F 38 -60.17 -21.99 14.10
C HIS F 38 -59.16 -21.48 15.15
N PRO F 39 -59.69 -20.90 16.23
CA PRO F 39 -58.91 -20.22 17.28
C PRO F 39 -57.76 -20.93 17.96
N GLU F 40 -57.51 -22.20 17.67
CA GLU F 40 -56.39 -22.88 18.28
C GLU F 40 -55.11 -22.84 17.40
N LEU F 41 -55.28 -22.39 16.17
CA LEU F 41 -54.19 -22.35 15.22
C LEU F 41 -53.14 -21.26 15.46
N GLU F 42 -53.58 -20.03 15.74
CA GLU F 42 -52.66 -18.89 15.97
C GLU F 42 -51.43 -19.25 16.80
N HIS F 43 -51.69 -19.81 17.98
CA HIS F 43 -50.65 -20.23 18.91
C HIS F 43 -49.76 -21.31 18.28
N ILE F 44 -50.36 -22.27 17.60
CA ILE F 44 -49.56 -23.31 16.97
C ILE F 44 -48.70 -22.64 15.91
N ILE F 45 -49.30 -21.74 15.15
CA ILE F 45 -48.57 -21.02 14.12
C ILE F 45 -47.40 -20.20 14.69
N TRP F 46 -47.63 -19.50 15.79
CA TRP F 46 -46.60 -18.66 16.37
C TRP F 46 -45.40 -19.50 16.84
N THR F 47 -45.66 -20.76 17.17
CA THR F 47 -44.59 -21.65 17.60
C THR F 47 -43.65 -21.97 16.42
N LEU F 48 -44.24 -22.17 15.23
CA LEU F 48 -43.50 -22.44 14.00
C LEU F 48 -42.71 -21.20 13.58
N PHE F 49 -43.41 -20.07 13.56
CA PHE F 49 -42.83 -18.77 13.20
C PHE F 49 -41.60 -18.55 14.09
N GLN F 50 -41.79 -18.78 15.39
CA GLN F 50 -40.74 -18.60 16.38
C GLN F 50 -39.59 -19.58 16.19
N HIS F 51 -39.91 -20.88 16.09
CA HIS F 51 -38.89 -21.90 15.90
C HIS F 51 -38.00 -21.56 14.70
N THR F 52 -38.60 -21.09 13.61
CA THR F 52 -37.86 -20.67 12.41
C THR F 52 -36.84 -19.52 12.69
N LEU F 53 -37.33 -18.41 13.24
CA LEU F 53 -36.47 -17.26 13.52
C LEU F 53 -35.31 -17.56 14.45
N GLN F 54 -35.53 -18.47 15.39
CA GLN F 54 -34.53 -18.82 16.39
C GLN F 54 -33.58 -19.94 15.97
N ASN F 55 -34.08 -20.87 15.16
CA ASN F 55 -33.30 -22.03 14.73
C ASN F 55 -32.98 -22.08 13.23
N GLU F 56 -33.90 -21.64 12.39
CA GLU F 56 -33.63 -21.61 10.95
C GLU F 56 -33.41 -20.17 10.46
N TYR F 57 -32.65 -19.39 11.24
CA TYR F 57 -32.39 -17.98 10.92
C TYR F 57 -31.81 -17.70 9.53
N GLU F 58 -31.02 -18.62 8.99
CA GLU F 58 -30.46 -18.43 7.67
C GLU F 58 -31.57 -18.30 6.64
N LEU F 59 -32.77 -18.76 6.98
CA LEU F 59 -33.90 -18.62 6.07
C LEU F 59 -34.30 -17.16 5.93
N MET F 60 -33.86 -16.31 6.85
CA MET F 60 -34.19 -14.89 6.77
C MET F 60 -33.23 -14.11 5.89
N ARG F 61 -32.05 -14.69 5.67
CA ARG F 61 -30.98 -14.08 4.89
C ARG F 61 -31.48 -13.57 3.56
N ASP F 62 -31.46 -12.24 3.40
CA ASP F 62 -31.92 -11.59 2.17
C ASP F 62 -33.41 -11.74 1.91
N ARG F 63 -34.18 -11.97 2.96
CA ARG F 63 -35.62 -12.09 2.78
C ARG F 63 -36.37 -11.20 3.77
N HIS F 64 -37.70 -11.37 3.80
CA HIS F 64 -38.60 -10.54 4.59
C HIS F 64 -39.39 -11.33 5.62
N LEU F 65 -39.45 -10.77 6.83
CA LEU F 65 -40.18 -11.30 7.96
C LEU F 65 -41.56 -11.83 7.57
N ASP F 66 -42.35 -10.98 6.91
CA ASP F 66 -43.69 -11.36 6.50
C ASP F 66 -43.72 -12.54 5.53
N GLN F 67 -42.58 -12.87 4.94
CA GLN F 67 -42.58 -14.00 4.03
C GLN F 67 -42.58 -15.29 4.84
N ILE F 68 -41.82 -15.29 5.94
CA ILE F 68 -41.76 -16.42 6.84
C ILE F 68 -43.09 -16.52 7.59
N MET F 69 -43.69 -15.37 7.89
CA MET F 69 -44.98 -15.35 8.59
C MET F 69 -46.05 -16.11 7.82
N MET F 70 -46.32 -15.61 6.60
CA MET F 70 -47.31 -16.20 5.72
C MET F 70 -47.02 -17.67 5.46
N CYS F 71 -45.74 -18.00 5.27
CA CYS F 71 -45.42 -19.40 5.05
C CYS F 71 -45.73 -20.23 6.29
N SER F 72 -45.69 -19.61 7.45
CA SER F 72 -46.02 -20.34 8.68
C SER F 72 -47.51 -20.58 8.71
N MET F 73 -48.27 -19.56 8.36
CA MET F 73 -49.72 -19.67 8.32
C MET F 73 -50.16 -20.78 7.39
N TYR F 74 -49.63 -20.75 6.18
CA TYR F 74 -50.01 -21.71 5.15
C TYR F 74 -49.61 -23.14 5.53
N GLY F 75 -48.36 -23.33 5.90
CA GLY F 75 -47.87 -24.65 6.25
C GLY F 75 -48.64 -25.34 7.35
N ILE F 76 -49.04 -24.59 8.37
CA ILE F 76 -49.73 -25.18 9.50
C ILE F 76 -51.19 -25.48 9.22
N CYS F 77 -51.81 -24.70 8.34
CA CYS F 77 -53.18 -24.95 7.98
C CYS F 77 -53.23 -26.18 7.09
N LYS F 78 -52.27 -26.28 6.18
CA LYS F 78 -52.23 -27.41 5.25
C LYS F 78 -52.06 -28.75 5.97
N VAL F 79 -51.29 -28.74 7.04
CA VAL F 79 -51.03 -29.96 7.78
C VAL F 79 -52.20 -30.34 8.70
N LYS F 80 -52.98 -29.35 9.14
CA LYS F 80 -54.13 -29.60 10.01
C LYS F 80 -55.43 -29.84 9.25
N ASN F 81 -55.30 -30.11 7.95
CA ASN F 81 -56.44 -30.32 7.06
C ASN F 81 -57.36 -29.10 6.91
N ILE F 82 -56.85 -27.90 7.16
CA ILE F 82 -57.66 -26.69 7.01
C ILE F 82 -57.40 -26.12 5.62
N ASP F 83 -58.43 -25.56 5.00
CA ASP F 83 -58.31 -25.04 3.63
C ASP F 83 -58.00 -23.55 3.57
N LEU F 84 -56.73 -23.18 3.65
CA LEU F 84 -56.34 -21.76 3.59
C LEU F 84 -55.39 -21.52 2.42
N LYS F 85 -55.96 -21.16 1.27
CA LYS F 85 -55.16 -20.94 0.05
C LYS F 85 -54.31 -19.65 0.12
N PHE F 86 -53.11 -19.74 -0.43
CA PHE F 86 -52.20 -18.60 -0.43
C PHE F 86 -52.83 -17.31 -0.97
N LYS F 87 -53.75 -17.48 -1.90
CA LYS F 87 -54.44 -16.35 -2.51
C LYS F 87 -55.26 -15.56 -1.49
N ILE F 88 -55.90 -16.24 -0.55
CA ILE F 88 -56.69 -15.54 0.46
C ILE F 88 -55.75 -14.90 1.48
N ILE F 89 -54.64 -15.55 1.75
CA ILE F 89 -53.67 -14.97 2.67
C ILE F 89 -53.14 -13.66 2.12
N VAL F 90 -52.64 -13.68 0.89
CA VAL F 90 -52.08 -12.49 0.27
C VAL F 90 -53.07 -11.36 0.28
N THR F 91 -54.33 -11.70 0.07
CA THR F 91 -55.40 -10.71 0.00
C THR F 91 -55.60 -10.07 1.35
N ALA F 92 -55.48 -10.86 2.40
CA ALA F 92 -55.59 -10.31 3.74
C ALA F 92 -54.32 -9.49 4.00
N TYR F 93 -53.18 -10.06 3.62
CA TYR F 93 -51.90 -9.38 3.78
C TYR F 93 -51.88 -8.00 3.11
N LYS F 94 -52.34 -7.91 1.85
CA LYS F 94 -52.34 -6.61 1.20
C LYS F 94 -53.00 -5.55 2.06
N ASP F 95 -53.87 -5.98 2.98
CA ASP F 95 -54.60 -5.05 3.85
C ASP F 95 -53.80 -4.41 4.99
N LEU F 96 -52.70 -5.03 5.40
CA LEU F 96 -51.87 -4.45 6.47
C LEU F 96 -51.36 -3.07 6.06
N PRO F 97 -51.22 -2.18 7.04
CA PRO F 97 -50.86 -0.79 6.76
C PRO F 97 -49.48 -0.56 6.16
N HIS F 98 -48.60 -1.55 6.20
CA HIS F 98 -47.26 -1.35 5.66
C HIS F 98 -46.99 -2.22 4.44
N ALA F 99 -47.98 -3.01 4.07
CA ALA F 99 -47.80 -4.00 3.02
C ALA F 99 -47.40 -3.48 1.65
N VAL F 100 -46.50 -4.22 1.01
CA VAL F 100 -46.02 -3.94 -0.33
C VAL F 100 -46.20 -5.22 -1.14
N GLN F 101 -46.75 -5.10 -2.34
CA GLN F 101 -47.05 -6.26 -3.15
C GLN F 101 -45.79 -7.00 -3.59
N GLU F 102 -44.66 -6.36 -3.34
CA GLU F 102 -43.37 -6.93 -3.67
C GLU F 102 -42.99 -8.03 -2.68
N THR F 103 -43.46 -7.90 -1.45
CA THR F 103 -43.18 -8.92 -0.43
C THR F 103 -43.64 -10.34 -0.85
N PHE F 104 -44.68 -10.44 -1.65
CA PHE F 104 -45.14 -11.77 -2.10
C PHE F 104 -44.90 -12.02 -3.58
N LYS F 105 -44.65 -10.96 -4.33
CA LYS F 105 -44.37 -11.14 -5.76
C LYS F 105 -42.89 -11.44 -6.03
N ARG F 106 -42.01 -10.97 -5.14
CA ARG F 106 -40.57 -11.11 -5.33
C ARG F 106 -39.89 -11.76 -4.12
N VAL F 107 -39.66 -13.08 -4.19
CA VAL F 107 -39.10 -13.78 -3.05
C VAL F 107 -37.89 -14.59 -3.51
N LEU F 108 -36.77 -14.46 -2.80
CA LEU F 108 -35.54 -15.16 -3.15
C LEU F 108 -35.70 -16.67 -3.10
N ILE F 109 -35.23 -17.37 -4.13
CA ILE F 109 -35.28 -18.83 -4.15
C ILE F 109 -33.88 -19.42 -3.92
N LYS F 110 -33.02 -19.31 -4.93
CA LYS F 110 -31.67 -19.85 -4.85
C LYS F 110 -30.67 -18.74 -4.58
N GLU F 111 -29.95 -18.32 -5.61
CA GLU F 111 -28.95 -17.26 -5.44
C GLU F 111 -29.34 -15.97 -6.15
N GLU F 112 -29.68 -16.04 -7.42
CA GLU F 112 -30.07 -14.84 -8.13
C GLU F 112 -31.55 -14.85 -8.51
N GLU F 113 -32.15 -16.03 -8.49
CA GLU F 113 -33.53 -16.18 -8.93
C GLU F 113 -34.54 -15.75 -7.87
N TYR F 114 -35.63 -15.10 -8.31
CA TYR F 114 -36.72 -14.64 -7.45
C TYR F 114 -38.05 -15.13 -8.05
N ASP F 115 -39.06 -15.36 -7.21
CA ASP F 115 -40.35 -15.86 -7.68
C ASP F 115 -41.44 -15.53 -6.66
N SER F 116 -42.66 -16.01 -6.90
CA SER F 116 -43.78 -15.76 -6.00
C SER F 116 -43.55 -16.44 -4.67
N ILE F 117 -44.38 -16.10 -3.68
CA ILE F 117 -44.27 -16.69 -2.34
C ILE F 117 -44.67 -18.17 -2.36
N ILE F 118 -45.48 -18.54 -3.35
CA ILE F 118 -45.91 -19.93 -3.48
C ILE F 118 -44.71 -20.79 -3.91
N VAL F 119 -44.03 -20.33 -4.95
CA VAL F 119 -42.87 -21.05 -5.43
C VAL F 119 -41.87 -21.04 -4.30
N PHE F 120 -41.92 -20.03 -3.43
CA PHE F 120 -40.99 -20.02 -2.31
C PHE F 120 -41.38 -21.07 -1.30
N TYR F 121 -42.67 -21.12 -0.99
CA TYR F 121 -43.18 -22.11 -0.05
C TYR F 121 -42.84 -23.55 -0.46
N ASN F 122 -43.14 -23.91 -1.71
CA ASN F 122 -42.89 -25.26 -2.20
C ASN F 122 -41.47 -25.61 -2.60
N SER F 123 -40.61 -24.60 -2.76
CA SER F 123 -39.23 -24.86 -3.19
C SER F 123 -38.21 -24.78 -2.08
N VAL F 124 -38.51 -23.98 -1.05
CA VAL F 124 -37.55 -23.72 -0.01
C VAL F 124 -38.09 -23.88 1.42
N PHE F 125 -39.12 -23.12 1.77
CA PHE F 125 -39.65 -23.22 3.13
C PHE F 125 -39.88 -24.67 3.55
N MET F 126 -40.81 -25.32 2.88
CA MET F 126 -41.19 -26.72 3.11
C MET F 126 -40.01 -27.68 3.31
N GLN F 127 -39.08 -27.70 2.37
CA GLN F 127 -37.94 -28.61 2.47
C GLN F 127 -37.20 -28.50 3.80
N ARG F 128 -36.96 -27.28 4.24
CA ARG F 128 -36.17 -27.04 5.44
C ARG F 128 -36.95 -27.37 6.72
N LEU F 129 -38.24 -27.10 6.71
CA LEU F 129 -39.03 -27.27 7.93
C LEU F 129 -40.08 -28.37 7.86
N LYS F 130 -40.08 -29.13 6.77
CA LYS F 130 -41.04 -30.22 6.58
C LYS F 130 -41.17 -31.12 7.82
N THR F 131 -40.05 -31.70 8.27
CA THR F 131 -40.09 -32.58 9.43
C THR F 131 -40.55 -31.86 10.68
N ASN F 132 -40.26 -30.57 10.77
CA ASN F 132 -40.72 -29.79 11.92
C ASN F 132 -42.24 -29.64 11.87
N ILE F 133 -42.76 -29.36 10.67
CA ILE F 133 -44.17 -29.21 10.44
C ILE F 133 -44.90 -30.53 10.66
N LEU F 134 -44.30 -31.63 10.24
CA LEU F 134 -44.91 -32.95 10.42
C LEU F 134 -45.20 -33.25 11.90
N GLN F 135 -44.33 -32.75 12.77
CA GLN F 135 -44.47 -32.96 14.20
C GLN F 135 -45.82 -32.46 14.73
N TYR F 136 -46.50 -31.61 13.96
CA TYR F 136 -47.80 -31.05 14.37
C TYR F 136 -48.96 -31.91 13.92
N ALA F 137 -48.65 -33.02 13.24
CA ALA F 137 -49.68 -33.94 12.79
C ALA F 137 -50.04 -34.88 13.93
N SER F 138 -50.95 -34.42 14.79
CA SER F 138 -51.41 -35.17 15.96
C SER F 138 -50.24 -35.89 16.63
N THR F 139 -50.51 -37.07 17.18
CA THR F 139 -49.48 -37.86 17.85
C THR F 139 -48.74 -37.03 18.89
N ARG F 140 -49.47 -36.15 19.58
CA ARG F 140 -48.86 -35.28 20.59
C ARG F 140 -48.03 -34.15 19.98
N PRO F 141 -48.69 -33.19 19.35
CA PRO F 141 -48.01 -32.02 18.79
C PRO F 141 -47.70 -30.84 19.74
N PRO F 142 -48.72 -30.10 20.21
CA PRO F 142 -48.53 -28.90 21.02
C PRO F 142 -47.42 -28.93 22.07
N THR F 143 -46.50 -27.98 21.90
CA THR F 143 -45.37 -27.73 22.78
C THR F 143 -45.16 -26.23 22.67
N LEU F 144 -46.23 -25.58 22.28
CA LEU F 144 -46.35 -24.15 22.04
C LEU F 144 -45.35 -23.24 22.77
N SER F 145 -45.00 -22.15 22.10
CA SER F 145 -44.06 -21.17 22.64
C SER F 145 -44.80 -20.01 23.28
N PRO F 146 -44.28 -19.47 24.37
CA PRO F 146 -44.94 -18.36 25.07
C PRO F 146 -45.17 -17.14 24.17
N ILE F 147 -46.42 -16.71 24.06
CA ILE F 147 -46.80 -15.55 23.23
C ILE F 147 -46.09 -14.29 23.72
N PRO F 148 -45.72 -13.42 22.79
CA PRO F 148 -45.09 -12.14 23.14
C PRO F 148 -45.95 -11.22 24.02
N HIS F 149 -45.29 -10.55 24.95
CA HIS F 149 -45.91 -9.63 25.90
C HIS F 149 -47.00 -8.77 25.23
N ILE F 150 -48.24 -9.02 25.67
CA ILE F 150 -49.42 -8.38 25.10
C ILE F 150 -49.58 -6.86 25.31
N PRO F 151 -49.16 -6.31 26.45
CA PRO F 151 -49.37 -4.89 26.76
C PRO F 151 -49.54 -3.96 25.54
N ARG F 152 -50.78 -3.48 25.37
CA ARG F 152 -51.13 -2.62 24.24
C ARG F 152 -50.74 -1.16 24.48
N MET G 8 8.38 21.37 -27.11
CA MET G 8 8.89 22.39 -26.15
C MET G 8 7.77 22.84 -25.22
N ASN G 9 6.64 23.24 -25.81
CA ASN G 9 5.47 23.67 -25.07
C ASN G 9 4.19 23.17 -25.73
N THR G 10 3.85 21.92 -25.48
CA THR G 10 2.66 21.32 -26.07
C THR G 10 1.37 22.12 -25.86
N ILE G 11 1.21 22.71 -24.67
CA ILE G 11 0.00 23.47 -24.36
C ILE G 11 -0.26 24.62 -25.33
N GLN G 12 0.71 25.49 -25.51
CA GLN G 12 0.54 26.63 -26.41
C GLN G 12 0.48 26.16 -27.85
N GLN G 13 1.22 25.09 -28.15
CA GLN G 13 1.26 24.48 -29.47
C GLN G 13 -0.13 24.04 -29.90
N LEU G 14 -1.02 23.93 -28.94
CA LEU G 14 -2.39 23.55 -29.24
C LEU G 14 -3.22 24.81 -29.31
N MET G 15 -2.99 25.72 -28.36
CA MET G 15 -3.71 26.99 -28.31
C MET G 15 -3.51 27.71 -29.62
N MET G 16 -2.32 27.59 -30.19
CA MET G 16 -2.02 28.21 -31.46
C MET G 16 -3.06 27.81 -32.49
N ILE G 17 -2.87 26.65 -33.08
CA ILE G 17 -3.80 26.15 -34.07
C ILE G 17 -5.14 25.93 -33.40
N LEU G 18 -5.83 27.03 -33.13
CA LEU G 18 -7.13 27.03 -32.46
C LEU G 18 -7.44 28.49 -32.25
N ASN G 19 -6.56 29.32 -32.79
CA ASN G 19 -6.66 30.78 -32.71
C ASN G 19 -7.93 31.39 -33.26
N SER G 20 -8.29 31.02 -34.50
CA SER G 20 -9.48 31.56 -35.15
C SER G 20 -10.62 30.55 -35.01
N ALA G 21 -10.56 29.81 -33.90
CA ALA G 21 -11.55 28.79 -33.62
C ALA G 21 -12.49 29.26 -32.51
N SER G 22 -13.78 29.22 -32.80
CA SER G 22 -14.76 29.66 -31.82
C SER G 22 -15.33 28.44 -31.13
N ASP G 23 -16.07 28.67 -30.05
CA ASP G 23 -16.74 27.60 -29.31
C ASP G 23 -18.20 27.54 -29.78
N GLN G 24 -18.46 28.18 -30.90
CA GLN G 24 -19.78 28.21 -31.51
C GLN G 24 -19.59 27.81 -32.98
N PRO G 25 -20.51 27.02 -33.55
CA PRO G 25 -20.37 26.61 -34.95
C PRO G 25 -20.02 27.80 -35.82
N SER G 26 -19.07 27.63 -36.74
CA SER G 26 -18.64 28.71 -37.62
C SER G 26 -19.72 29.05 -38.65
N GLU G 27 -19.72 30.30 -39.11
CA GLU G 27 -20.72 30.72 -40.08
C GLU G 27 -20.77 29.74 -41.25
N ASN G 28 -19.60 29.22 -41.61
CA ASN G 28 -19.54 28.24 -42.68
C ASN G 28 -20.20 26.88 -42.34
N LEU G 29 -20.14 26.48 -41.07
CA LEU G 29 -20.81 25.26 -40.64
C LEU G 29 -22.33 25.46 -40.67
N ILE G 30 -22.77 26.65 -40.29
CA ILE G 30 -24.20 26.93 -40.31
C ILE G 30 -24.68 26.70 -41.74
N SER G 31 -23.92 27.19 -42.68
CA SER G 31 -24.29 27.04 -44.06
C SER G 31 -24.50 25.56 -44.42
N TYR G 32 -23.72 24.66 -43.80
CA TYR G 32 -23.93 23.25 -44.07
C TYR G 32 -25.21 22.79 -43.40
N PHE G 33 -25.42 23.23 -42.16
CA PHE G 33 -26.61 22.79 -41.42
C PHE G 33 -27.88 23.14 -42.22
N ASN G 34 -27.95 24.37 -42.74
CA ASN G 34 -29.07 24.84 -43.54
C ASN G 34 -29.25 24.10 -44.88
N ASN G 35 -28.29 23.27 -45.23
CA ASN G 35 -28.41 22.53 -46.47
C ASN G 35 -28.91 21.11 -46.27
N CYS G 36 -29.04 20.69 -45.02
CA CYS G 36 -29.49 19.34 -44.75
C CYS G 36 -31.01 19.25 -44.87
N THR G 37 -31.49 18.06 -45.24
CA THR G 37 -32.91 17.81 -45.29
C THR G 37 -33.49 18.08 -43.90
N VAL G 38 -32.82 17.60 -42.86
CA VAL G 38 -33.25 17.81 -41.49
C VAL G 38 -32.25 18.76 -40.83
N ASN G 39 -32.68 19.93 -40.39
CA ASN G 39 -31.73 20.89 -39.81
C ASN G 39 -31.21 20.40 -38.49
N PRO G 40 -29.89 20.21 -38.39
CA PRO G 40 -29.25 19.82 -37.14
C PRO G 40 -28.76 20.92 -36.22
N LYS G 41 -28.82 22.18 -36.62
CA LYS G 41 -28.33 23.23 -35.71
C LYS G 41 -28.71 23.06 -34.20
N GLU G 42 -29.99 22.88 -33.87
CA GLU G 42 -30.46 22.78 -32.48
C GLU G 42 -29.92 21.61 -31.65
N SER G 43 -29.87 20.43 -32.25
CA SER G 43 -29.39 19.24 -31.57
C SER G 43 -27.91 19.43 -31.29
N ILE G 44 -27.21 20.02 -32.24
CA ILE G 44 -25.77 20.18 -32.08
C ILE G 44 -25.35 21.10 -30.94
N LEU G 45 -26.05 22.23 -30.84
CA LEU G 45 -25.76 23.23 -29.81
C LEU G 45 -26.13 22.68 -28.45
N LYS G 46 -27.32 22.09 -28.37
CA LYS G 46 -27.81 21.56 -27.11
C LYS G 46 -26.99 20.36 -26.63
N ARG G 47 -26.51 19.55 -27.55
CA ARG G 47 -25.68 18.42 -27.15
C ARG G 47 -24.38 18.92 -26.53
N VAL G 48 -23.75 19.88 -27.20
CA VAL G 48 -22.51 20.48 -26.70
C VAL G 48 -22.70 21.04 -25.30
N LYS G 49 -23.88 21.57 -25.03
CA LYS G 49 -24.16 22.10 -23.70
C LYS G 49 -24.42 21.00 -22.64
N ASP G 50 -25.31 20.06 -22.93
CA ASP G 50 -25.59 18.95 -22.02
C ASP G 50 -24.31 18.15 -21.68
N ILE G 51 -23.56 17.78 -22.72
CA ILE G 51 -22.30 17.10 -22.56
C ILE G 51 -21.40 17.91 -21.65
N GLY G 52 -21.39 19.23 -21.82
CA GLY G 52 -20.54 20.09 -21.02
C GLY G 52 -20.85 20.03 -19.53
N TYR G 53 -22.11 19.77 -19.21
CA TYR G 53 -22.55 19.69 -17.84
C TYR G 53 -22.00 18.42 -17.21
N ILE G 54 -22.00 17.33 -17.96
CA ILE G 54 -21.52 16.07 -17.47
C ILE G 54 -19.99 16.07 -17.30
N PHE G 55 -19.30 16.51 -18.32
CA PHE G 55 -17.86 16.58 -18.29
C PHE G 55 -17.30 17.42 -17.13
N LYS G 56 -17.95 18.53 -16.83
CA LYS G 56 -17.45 19.39 -15.77
C LYS G 56 -17.57 18.71 -14.41
N GLU G 57 -18.65 17.95 -14.24
CA GLU G 57 -18.91 17.23 -13.00
C GLU G 57 -17.95 16.04 -12.82
N LYS G 58 -17.85 15.20 -13.84
CA LYS G 58 -16.98 14.03 -13.75
C LYS G 58 -15.50 14.45 -13.54
N PHE G 59 -15.04 15.38 -14.36
CA PHE G 59 -13.69 15.89 -14.26
C PHE G 59 -13.38 16.32 -12.83
N ALA G 60 -14.28 17.09 -12.24
CA ALA G 60 -14.08 17.62 -10.89
C ALA G 60 -14.17 16.52 -9.85
N LYS G 61 -15.00 15.54 -10.09
CA LYS G 61 -15.13 14.48 -9.12
C LYS G 61 -13.95 13.62 -9.32
N ALA G 62 -13.34 13.71 -10.50
CA ALA G 62 -12.22 12.86 -10.83
C ALA G 62 -10.91 13.40 -10.31
N VAL G 63 -10.79 14.72 -10.24
CA VAL G 63 -9.51 15.27 -9.80
C VAL G 63 -9.62 16.23 -8.60
N GLY G 64 -10.83 16.66 -8.30
CA GLY G 64 -10.98 17.55 -7.16
C GLY G 64 -11.91 18.73 -7.35
N GLN G 65 -12.72 18.98 -6.34
CA GLN G 65 -13.70 20.05 -6.35
C GLN G 65 -13.10 21.42 -6.69
N GLY G 66 -11.83 21.63 -6.42
CA GLY G 66 -11.23 22.91 -6.75
C GLY G 66 -10.66 22.88 -8.16
N CYS G 67 -11.21 22.00 -9.00
CA CYS G 67 -10.75 21.89 -10.38
C CYS G 67 -11.85 22.20 -11.38
N VAL G 68 -13.03 22.55 -10.89
CA VAL G 68 -14.15 22.89 -11.74
C VAL G 68 -13.83 23.82 -12.91
N GLU G 69 -13.26 24.98 -12.64
CA GLU G 69 -12.97 25.91 -13.75
C GLU G 69 -11.86 25.45 -14.71
N ILE G 70 -10.88 24.71 -14.21
CA ILE G 70 -9.87 24.16 -15.09
C ILE G 70 -10.59 23.21 -16.07
N GLY G 71 -11.54 22.44 -15.52
CA GLY G 71 -12.32 21.52 -16.32
C GLY G 71 -13.15 22.19 -17.39
N SER G 72 -13.79 23.29 -17.03
CA SER G 72 -14.60 24.03 -17.99
C SER G 72 -13.73 24.55 -19.13
N GLN G 73 -12.55 25.05 -18.78
CA GLN G 73 -11.67 25.57 -19.80
C GLN G 73 -11.19 24.47 -20.74
N ARG G 74 -10.99 23.25 -20.25
CA ARG G 74 -10.50 22.20 -21.14
C ARG G 74 -11.58 21.72 -22.09
N TYR G 75 -12.80 21.61 -21.56
CA TYR G 75 -13.92 21.24 -22.39
C TYR G 75 -14.02 22.20 -23.57
N LYS G 76 -13.83 23.50 -23.29
CA LYS G 76 -13.97 24.51 -24.34
C LYS G 76 -12.91 24.29 -25.41
N LEU G 77 -11.69 23.98 -24.99
CA LEU G 77 -10.66 23.65 -25.96
C LEU G 77 -11.13 22.50 -26.83
N GLY G 78 -11.77 21.50 -26.22
CA GLY G 78 -12.25 20.36 -26.98
C GLY G 78 -13.37 20.70 -27.98
N VAL G 79 -14.30 21.57 -27.57
CA VAL G 79 -15.43 21.97 -28.40
C VAL G 79 -14.93 22.74 -29.61
N ARG G 80 -13.95 23.59 -29.38
CA ARG G 80 -13.36 24.33 -30.48
C ARG G 80 -12.62 23.45 -31.46
N LEU G 81 -11.89 22.45 -30.95
CA LEU G 81 -11.15 21.56 -31.84
C LEU G 81 -12.18 20.74 -32.61
N TYR G 82 -13.34 20.53 -32.01
CA TYR G 82 -14.43 19.69 -32.56
C TYR G 82 -15.11 20.34 -33.74
N TYR G 83 -15.45 21.61 -33.61
CA TYR G 83 -16.09 22.36 -34.69
C TYR G 83 -15.11 22.55 -35.85
N ARG G 84 -13.83 22.76 -35.52
CA ARG G 84 -12.81 22.92 -36.53
C ARG G 84 -12.65 21.60 -37.32
N VAL G 85 -12.51 20.48 -36.62
CA VAL G 85 -12.43 19.21 -37.31
C VAL G 85 -13.69 18.92 -38.16
N MET G 86 -14.88 19.20 -37.61
CA MET G 86 -16.14 18.98 -38.33
C MET G 86 -16.17 19.74 -39.67
N GLU G 87 -15.79 21.02 -39.65
CA GLU G 87 -15.78 21.84 -40.87
C GLU G 87 -14.78 21.30 -41.89
N SER G 88 -13.69 20.75 -41.41
CA SER G 88 -12.72 20.24 -42.34
C SER G 88 -13.17 18.94 -43.01
N MET G 89 -13.95 18.11 -42.30
CA MET G 89 -14.46 16.88 -42.92
C MET G 89 -15.55 17.18 -43.94
N LEU G 90 -16.41 18.12 -43.62
CA LEU G 90 -17.52 18.44 -44.49
C LEU G 90 -17.06 19.00 -45.84
N LYS G 91 -16.02 19.84 -45.82
CA LYS G 91 -15.46 20.40 -47.03
C LYS G 91 -14.81 19.30 -47.84
N SER G 92 -14.01 18.48 -47.17
CA SER G 92 -13.35 17.37 -47.81
C SER G 92 -14.37 16.41 -48.42
N GLU G 93 -15.42 16.06 -47.68
CA GLU G 93 -16.44 15.15 -48.19
C GLU G 93 -17.15 15.79 -49.36
N GLU G 94 -17.31 17.10 -49.31
CA GLU G 94 -17.99 17.84 -50.34
C GLU G 94 -17.17 17.73 -51.61
N GLU G 95 -15.88 17.89 -51.46
CA GLU G 95 -15.01 17.72 -52.58
C GLU G 95 -14.97 16.26 -53.03
N ARG G 96 -14.78 15.36 -52.07
CA ARG G 96 -14.71 13.94 -52.40
C ARG G 96 -15.92 13.52 -53.21
N LEU G 97 -17.09 13.51 -52.59
CA LEU G 97 -18.32 13.21 -53.30
C LEU G 97 -18.64 14.50 -54.03
N SER G 98 -19.87 14.67 -54.46
CA SER G 98 -20.20 15.95 -55.07
C SER G 98 -21.54 16.42 -54.54
N ILE G 99 -21.67 16.46 -53.21
CA ILE G 99 -22.91 16.90 -52.58
C ILE G 99 -22.73 17.95 -51.49
N GLN G 100 -23.80 18.66 -51.20
CA GLN G 100 -23.77 19.69 -50.17
C GLN G 100 -24.71 19.35 -49.00
N ASN G 101 -25.44 18.25 -49.12
CA ASN G 101 -26.44 17.89 -48.12
C ASN G 101 -26.03 16.66 -47.32
N PHE G 102 -25.54 16.91 -46.12
CA PHE G 102 -25.08 15.83 -45.24
C PHE G 102 -26.04 15.53 -44.08
N SER G 103 -27.33 15.69 -44.31
CA SER G 103 -28.37 15.40 -43.32
C SER G 103 -28.17 14.16 -42.44
N LYS G 104 -28.09 12.99 -43.06
CA LYS G 104 -27.92 11.76 -42.32
C LYS G 104 -26.73 11.78 -41.38
N LEU G 105 -25.56 12.14 -41.92
CA LEU G 105 -24.34 12.22 -41.11
C LEU G 105 -24.44 13.23 -39.98
N LEU G 106 -24.99 14.41 -40.26
CA LEU G 106 -25.05 15.46 -39.23
C LEU G 106 -26.18 15.33 -38.22
N ASN G 107 -27.04 14.33 -38.37
CA ASN G 107 -28.11 14.14 -37.40
C ASN G 107 -27.85 12.83 -36.65
N ASP G 108 -26.66 12.29 -36.83
CA ASP G 108 -26.28 11.04 -36.21
C ASP G 108 -25.59 11.32 -34.86
N ASN G 109 -26.26 10.99 -33.76
CA ASN G 109 -25.74 11.25 -32.43
C ASN G 109 -24.39 10.55 -32.17
N ILE G 110 -24.23 9.32 -32.68
CA ILE G 110 -22.97 8.60 -32.48
C ILE G 110 -21.82 9.28 -33.21
N PHE G 111 -22.08 9.79 -34.40
CA PHE G 111 -21.02 10.52 -35.06
C PHE G 111 -20.52 11.70 -34.21
N HIS G 112 -21.44 12.54 -33.78
CA HIS G 112 -21.07 13.70 -32.99
C HIS G 112 -20.40 13.32 -31.69
N MET G 113 -20.96 12.35 -30.99
CA MET G 113 -20.46 11.90 -29.70
C MET G 113 -19.00 11.44 -29.81
N SER G 114 -18.68 10.73 -30.90
CA SER G 114 -17.32 10.26 -31.13
C SER G 114 -16.37 11.36 -31.55
N LEU G 115 -16.81 12.28 -32.39
CA LEU G 115 -15.92 13.36 -32.81
C LEU G 115 -15.50 14.21 -31.59
N LEU G 116 -16.47 14.55 -30.75
CA LEU G 116 -16.19 15.35 -29.57
C LEU G 116 -15.21 14.62 -28.64
N ALA G 117 -15.50 13.36 -28.33
CA ALA G 117 -14.63 12.53 -27.48
C ALA G 117 -13.19 12.52 -27.97
N CYS G 118 -13.06 12.36 -29.28
CA CYS G 118 -11.77 12.35 -29.91
C CYS G 118 -11.13 13.74 -29.84
N ALA G 119 -11.95 14.79 -29.82
CA ALA G 119 -11.37 16.14 -29.70
C ALA G 119 -10.96 16.39 -28.28
N LEU G 120 -11.76 15.88 -27.34
CA LEU G 120 -11.45 15.98 -25.92
C LEU G 120 -10.22 15.13 -25.59
N GLU G 121 -10.03 14.06 -26.35
CA GLU G 121 -8.88 13.19 -26.15
C GLU G 121 -7.57 13.95 -26.43
N VAL G 122 -7.53 14.60 -27.58
CA VAL G 122 -6.35 15.38 -27.95
C VAL G 122 -6.04 16.37 -26.83
N VAL G 123 -7.06 17.06 -26.33
CA VAL G 123 -6.84 18.05 -25.28
C VAL G 123 -6.40 17.42 -23.94
N MET G 124 -6.98 16.29 -23.54
CA MET G 124 -6.57 15.70 -22.26
C MET G 124 -5.11 15.26 -22.28
N ALA G 125 -4.76 14.53 -23.34
CA ALA G 125 -3.40 14.02 -23.55
C ALA G 125 -2.36 15.11 -23.80
N THR G 126 -2.77 16.26 -24.30
CA THR G 126 -1.77 17.28 -24.49
C THR G 126 -1.52 17.95 -23.16
N TYR G 127 -2.35 17.65 -22.19
CA TYR G 127 -2.19 18.24 -20.87
C TYR G 127 -1.57 17.30 -19.84
N SER G 128 -1.97 16.03 -19.84
CA SER G 128 -1.53 15.03 -18.86
C SER G 128 -0.02 14.96 -18.61
N ARG G 129 0.75 14.77 -19.66
CA ARG G 129 2.20 14.71 -19.50
C ARG G 129 2.64 13.63 -18.50
N SER G 130 2.80 12.39 -18.99
CA SER G 130 3.23 11.28 -18.15
C SER G 130 2.84 11.44 -16.68
N SER G 137 -3.78 4.66 -17.53
CA SER G 137 -4.53 3.87 -16.55
C SER G 137 -5.17 4.77 -15.48
N GLY G 138 -4.34 5.57 -14.80
CA GLY G 138 -4.85 6.40 -13.74
C GLY G 138 -4.61 7.88 -13.98
N THR G 139 -4.49 8.25 -15.24
CA THR G 139 -4.22 9.63 -15.59
C THR G 139 -5.51 10.39 -15.77
N ASP G 140 -5.41 11.71 -15.60
CA ASP G 140 -6.52 12.63 -15.74
C ASP G 140 -7.35 12.26 -16.95
N LEU G 141 -6.80 11.37 -17.76
CA LEU G 141 -7.46 10.91 -18.95
C LEU G 141 -6.52 10.11 -19.81
N SER G 142 -6.54 8.80 -19.61
CA SER G 142 -5.84 7.95 -20.53
C SER G 142 -6.93 7.86 -21.57
N PHE G 143 -6.68 7.21 -22.69
CA PHE G 143 -7.71 7.17 -23.70
C PHE G 143 -9.02 6.68 -23.12
N PRO G 144 -8.96 5.69 -22.23
CA PRO G 144 -10.19 5.06 -21.76
C PRO G 144 -11.13 6.05 -21.05
N TRP G 145 -10.57 6.85 -20.15
CA TRP G 145 -11.35 7.72 -19.28
C TRP G 145 -12.56 8.40 -19.94
N ILE G 146 -12.29 9.13 -21.02
CA ILE G 146 -13.32 9.83 -21.75
C ILE G 146 -14.45 8.91 -22.24
N LEU G 147 -14.17 7.63 -22.48
CA LEU G 147 -15.22 6.73 -22.97
C LEU G 147 -16.30 6.62 -21.94
N ASN G 148 -15.86 6.43 -20.71
CA ASN G 148 -16.76 6.33 -19.59
C ASN G 148 -17.53 7.64 -19.36
N VAL G 149 -16.81 8.76 -19.33
CA VAL G 149 -17.43 10.07 -19.11
C VAL G 149 -18.58 10.33 -20.07
N LEU G 150 -18.46 9.92 -21.32
CA LEU G 150 -19.54 10.16 -22.29
C LEU G 150 -20.44 8.96 -22.60
N ASN G 151 -20.36 7.89 -21.82
CA ASN G 151 -21.18 6.72 -22.16
C ASN G 151 -21.06 6.33 -23.65
N LEU G 152 -19.83 6.26 -24.17
CA LEU G 152 -19.62 5.90 -25.55
C LEU G 152 -18.82 4.59 -25.61
N LYS G 153 -19.12 3.73 -26.57
CA LYS G 153 -18.43 2.43 -26.67
C LYS G 153 -17.15 2.58 -27.44
N ALA G 154 -16.16 1.77 -27.08
CA ALA G 154 -14.85 1.80 -27.73
C ALA G 154 -14.89 1.72 -29.26
N PHE G 155 -15.81 0.93 -29.81
CA PHE G 155 -15.84 0.72 -31.26
C PHE G 155 -16.33 1.96 -32.04
N ASP G 156 -17.27 2.69 -31.46
CA ASP G 156 -17.78 3.86 -32.15
C ASP G 156 -16.68 4.92 -32.22
N PHE G 157 -15.98 5.09 -31.11
CA PHE G 157 -14.85 6.02 -31.00
C PHE G 157 -13.89 5.72 -32.11
N TYR G 158 -13.51 4.45 -32.20
CA TYR G 158 -12.57 4.00 -33.22
C TYR G 158 -12.95 4.51 -34.62
N LYS G 159 -14.23 4.48 -34.95
CA LYS G 159 -14.73 4.90 -36.27
C LYS G 159 -14.31 6.29 -36.77
N VAL G 160 -13.93 7.18 -35.87
CA VAL G 160 -13.61 8.52 -36.29
C VAL G 160 -12.10 8.76 -36.37
N ILE G 161 -11.29 7.89 -35.76
CA ILE G 161 -9.84 8.18 -35.64
C ILE G 161 -9.08 8.46 -36.94
N GLU G 162 -9.05 7.52 -37.88
CA GLU G 162 -8.33 7.76 -39.14
C GLU G 162 -8.82 9.03 -39.82
N SER G 163 -10.12 9.31 -39.70
CA SER G 163 -10.65 10.51 -40.35
C SER G 163 -10.26 11.76 -39.56
N PHE G 164 -10.20 11.67 -38.23
CA PHE G 164 -9.77 12.80 -37.43
C PHE G 164 -8.34 13.17 -37.81
N ILE G 165 -7.50 12.17 -38.02
CA ILE G 165 -6.10 12.44 -38.37
C ILE G 165 -5.98 13.13 -39.71
N LYS G 166 -6.50 12.51 -40.76
CA LYS G 166 -6.51 13.17 -42.06
C LYS G 166 -7.01 14.64 -41.98
N ALA G 167 -8.14 14.86 -41.32
CA ALA G 167 -8.76 16.18 -41.24
C ALA G 167 -7.99 17.31 -40.52
N GLU G 168 -7.12 16.95 -39.58
CA GLU G 168 -6.38 17.94 -38.80
C GLU G 168 -4.87 17.83 -39.03
N GLY G 169 -4.40 18.38 -40.13
CA GLY G 169 -2.98 18.36 -40.43
C GLY G 169 -1.99 18.90 -39.39
N ASN G 170 -2.40 19.89 -38.60
CA ASN G 170 -1.50 20.46 -37.61
C ASN G 170 -1.32 19.58 -36.34
N LEU G 171 -1.65 18.30 -36.39
CA LEU G 171 -1.38 17.48 -35.21
C LEU G 171 0.12 17.22 -35.06
N THR G 172 0.60 17.09 -33.83
CA THR G 172 1.99 16.74 -33.60
C THR G 172 2.19 15.21 -33.71
N ARG G 173 3.36 14.80 -34.17
CA ARG G 173 3.68 13.39 -34.29
C ARG G 173 3.32 12.66 -33.00
N GLU G 174 3.61 13.29 -31.86
CA GLU G 174 3.33 12.70 -30.57
C GLU G 174 1.83 12.46 -30.41
N MET G 175 1.05 13.42 -30.87
CA MET G 175 -0.38 13.27 -30.77
C MET G 175 -0.94 12.19 -31.73
N ILE G 176 -0.28 11.97 -32.88
CA ILE G 176 -0.73 10.92 -33.76
C ILE G 176 -0.40 9.58 -33.12
N LYS G 177 0.80 9.49 -32.55
CA LYS G 177 1.20 8.29 -31.87
C LYS G 177 0.24 7.92 -30.75
N HIS G 178 -0.31 8.91 -30.07
CA HIS G 178 -1.29 8.66 -29.00
C HIS G 178 -2.58 8.09 -29.58
N LEU G 179 -3.17 8.80 -30.52
CA LEU G 179 -4.37 8.32 -31.18
C LEU G 179 -4.18 6.92 -31.72
N GLU G 180 -3.02 6.63 -32.28
CA GLU G 180 -2.75 5.30 -32.81
C GLU G 180 -2.66 4.29 -31.67
N ARG G 181 -2.14 4.73 -30.55
CA ARG G 181 -2.07 3.92 -29.36
C ARG G 181 -3.49 3.52 -28.90
N CYS G 182 -4.45 4.44 -28.99
CA CYS G 182 -5.82 4.18 -28.58
C CYS G 182 -6.45 3.20 -29.57
N GLU G 183 -6.11 3.40 -30.83
CA GLU G 183 -6.63 2.56 -31.89
C GLU G 183 -6.27 1.11 -31.54
N HIS G 184 -5.03 0.89 -31.14
CA HIS G 184 -4.54 -0.43 -30.77
C HIS G 184 -5.19 -1.01 -29.51
N ARG G 185 -5.51 -0.17 -28.52
CA ARG G 185 -6.19 -0.66 -27.33
C ARG G 185 -7.61 -1.12 -27.65
N ILE G 186 -8.23 -0.47 -28.62
CA ILE G 186 -9.59 -0.83 -28.96
C ILE G 186 -9.61 -2.15 -29.71
N MET G 187 -8.62 -2.33 -30.59
CA MET G 187 -8.57 -3.51 -31.45
C MET G 187 -8.18 -4.79 -30.75
N GLU G 188 -7.23 -4.69 -29.83
CA GLU G 188 -6.73 -5.84 -29.10
C GLU G 188 -7.71 -6.32 -28.02
N SER G 189 -8.63 -5.46 -27.57
CA SER G 189 -9.59 -5.89 -26.52
C SER G 189 -10.88 -5.08 -26.31
N LEU G 190 -10.77 -3.76 -26.15
CA LEU G 190 -11.93 -2.97 -25.79
C LEU G 190 -13.12 -3.20 -26.70
N ALA G 191 -12.88 -3.31 -28.00
CA ALA G 191 -13.96 -3.53 -28.98
C ALA G 191 -14.51 -4.96 -28.95
N TRP G 192 -13.85 -5.85 -28.22
CA TRP G 192 -14.30 -7.21 -28.16
C TRP G 192 -15.08 -7.50 -26.87
N LEU G 193 -15.34 -6.44 -26.09
CA LEU G 193 -16.08 -6.58 -24.84
C LEU G 193 -17.53 -6.92 -25.15
N SER G 194 -18.21 -7.61 -24.24
CA SER G 194 -19.59 -8.06 -24.48
C SER G 194 -20.60 -6.96 -24.74
N ASP G 195 -20.17 -5.72 -24.49
CA ASP G 195 -21.07 -4.61 -24.66
C ASP G 195 -20.72 -3.86 -25.92
N SER G 196 -19.91 -4.47 -26.78
CA SER G 196 -19.46 -3.81 -28.00
C SER G 196 -20.37 -3.98 -29.23
N PRO G 197 -20.74 -2.88 -29.87
CA PRO G 197 -21.54 -2.92 -31.11
C PRO G 197 -20.94 -3.79 -32.22
N LEU G 198 -19.65 -4.07 -32.13
CA LEU G 198 -18.97 -4.93 -33.10
C LEU G 198 -19.73 -6.25 -33.36
N PHE G 199 -20.21 -6.87 -32.29
CA PHE G 199 -20.83 -8.19 -32.42
C PHE G 199 -22.11 -8.18 -33.20
N ASP G 200 -22.82 -7.06 -33.18
CA ASP G 200 -24.04 -7.00 -33.96
C ASP G 200 -23.65 -6.76 -35.39
N LEU G 201 -22.57 -6.01 -35.58
CA LEU G 201 -22.09 -5.71 -36.91
C LEU G 201 -21.62 -6.98 -37.62
N ILE G 202 -21.13 -7.94 -36.85
CA ILE G 202 -20.64 -9.19 -37.42
C ILE G 202 -21.81 -10.10 -37.79
N LYS G 203 -22.88 -10.05 -37.00
CA LYS G 203 -24.05 -10.87 -37.27
C LYS G 203 -24.73 -10.45 -38.56
N GLN G 204 -24.84 -9.15 -38.77
CA GLN G 204 -25.47 -8.65 -39.98
C GLN G 204 -24.70 -9.06 -41.22
N SER G 205 -23.45 -9.46 -41.04
CA SER G 205 -22.66 -9.92 -42.18
C SER G 205 -22.88 -11.40 -42.42
N LYS G 206 -22.72 -12.22 -41.37
CA LYS G 206 -22.91 -13.66 -41.47
C LYS G 206 -24.25 -13.98 -42.14
N ASP G 207 -25.29 -13.28 -41.70
CA ASP G 207 -26.61 -13.47 -42.28
C ASP G 207 -26.62 -12.99 -43.72
N SER H 9 -20.17 -3.32 -45.28
CA SER H 9 -19.85 -2.34 -44.20
C SER H 9 -18.39 -1.92 -44.18
N THR H 10 -18.15 -0.70 -44.65
CA THR H 10 -16.82 -0.12 -44.63
C THR H 10 -16.22 -0.17 -43.23
N SER H 11 -17.04 0.14 -42.23
CA SER H 11 -16.57 0.17 -40.86
C SER H 11 -16.04 -1.17 -40.39
N LEU H 12 -16.72 -2.24 -40.76
CA LEU H 12 -16.35 -3.58 -40.33
C LEU H 12 -15.10 -4.05 -41.05
N SER H 13 -15.03 -3.78 -42.35
CA SER H 13 -13.86 -4.18 -43.11
C SER H 13 -12.63 -3.29 -42.80
N LEU H 14 -12.88 -2.05 -42.42
CA LEU H 14 -11.80 -1.16 -42.06
C LEU H 14 -11.22 -1.66 -40.75
N PHE H 15 -12.10 -2.11 -39.86
CA PHE H 15 -11.70 -2.63 -38.56
C PHE H 15 -10.86 -3.89 -38.74
N TYR H 16 -11.44 -4.89 -39.40
CA TYR H 16 -10.72 -6.15 -39.62
C TYR H 16 -9.39 -5.98 -40.36
N LYS H 17 -9.31 -5.06 -41.30
CA LYS H 17 -8.06 -4.89 -42.02
C LYS H 17 -6.98 -4.40 -41.08
N LYS H 18 -7.36 -3.48 -40.19
CA LYS H 18 -6.43 -2.97 -39.20
C LYS H 18 -6.08 -4.01 -38.13
N VAL H 19 -7.07 -4.80 -37.70
CA VAL H 19 -6.84 -5.86 -36.72
C VAL H 19 -5.85 -6.91 -37.27
N TYR H 20 -5.95 -7.22 -38.57
CA TYR H 20 -5.03 -8.17 -39.24
C TYR H 20 -3.58 -7.67 -39.27
N ARG H 21 -3.40 -6.40 -39.58
CA ARG H 21 -2.04 -5.85 -39.55
C ARG H 21 -1.46 -5.83 -38.12
N LEU H 22 -2.27 -5.52 -37.11
CA LEU H 22 -1.78 -5.50 -35.73
C LEU H 22 -1.48 -6.92 -35.24
N ALA H 23 -2.31 -7.89 -35.60
CA ALA H 23 -2.05 -9.28 -35.21
C ALA H 23 -0.84 -9.89 -35.92
N TYR H 24 -0.78 -9.75 -37.24
CA TYR H 24 0.34 -10.29 -37.97
C TYR H 24 1.69 -9.80 -37.46
N LEU H 25 1.86 -8.48 -37.36
CA LEU H 25 3.13 -7.88 -36.94
C LEU H 25 3.62 -8.38 -35.60
N ARG H 26 2.69 -8.64 -34.70
CA ARG H 26 3.04 -9.13 -33.40
C ARG H 26 3.49 -10.59 -33.48
N LEU H 27 2.86 -11.34 -34.38
CA LEU H 27 3.15 -12.75 -34.61
C LEU H 27 4.56 -12.88 -35.14
N ASN H 28 4.82 -12.04 -36.14
CA ASN H 28 6.09 -12.04 -36.82
C ASN H 28 7.21 -11.85 -35.82
N THR H 29 7.06 -10.86 -34.93
CA THR H 29 8.06 -10.60 -33.91
C THR H 29 8.30 -11.80 -33.00
N LEU H 30 7.24 -12.42 -32.51
CA LEU H 30 7.41 -13.62 -31.68
C LEU H 30 7.99 -14.77 -32.48
N CYS H 31 7.72 -14.81 -33.78
CA CYS H 31 8.19 -15.91 -34.61
C CYS H 31 9.66 -15.72 -35.02
N GLU H 32 10.06 -14.46 -35.22
CA GLU H 32 11.44 -14.16 -35.60
C GLU H 32 12.34 -14.11 -34.37
N ARG H 33 11.92 -14.79 -33.32
CA ARG H 33 12.64 -14.78 -32.05
C ARG H 33 12.57 -16.14 -31.37
N LEU H 34 11.47 -16.85 -31.59
CA LEU H 34 11.30 -18.16 -30.97
C LEU H 34 11.30 -19.32 -31.95
N LEU H 35 11.16 -19.05 -33.24
CA LEU H 35 11.06 -20.14 -34.20
C LEU H 35 11.98 -19.93 -35.41
N SER H 36 13.09 -19.23 -35.17
CA SER H 36 14.06 -18.93 -36.21
C SER H 36 14.48 -20.17 -37.00
N GLU H 37 14.30 -21.34 -36.40
CA GLU H 37 14.69 -22.58 -37.06
C GLU H 37 13.55 -23.40 -37.66
N HIS H 38 12.35 -22.85 -37.69
CA HIS H 38 11.20 -23.55 -38.28
C HIS H 38 10.38 -22.55 -39.10
N PRO H 39 11.04 -21.94 -40.08
CA PRO H 39 10.46 -20.84 -40.87
C PRO H 39 9.08 -21.12 -41.44
N GLU H 40 8.72 -22.38 -41.63
CA GLU H 40 7.43 -22.74 -42.22
C GLU H 40 6.25 -22.49 -41.29
N LEU H 41 6.51 -22.53 -39.99
CA LEU H 41 5.48 -22.31 -38.98
C LEU H 41 4.72 -20.96 -39.08
N GLU H 42 5.43 -19.84 -38.94
CA GLU H 42 4.80 -18.50 -38.95
C GLU H 42 3.55 -18.35 -39.82
N HIS H 43 3.68 -18.75 -41.08
CA HIS H 43 2.58 -18.62 -42.04
C HIS H 43 1.46 -19.61 -41.76
N ILE H 44 1.77 -20.73 -41.12
CA ILE H 44 0.75 -21.72 -40.79
C ILE H 44 0.04 -21.24 -39.55
N ILE H 45 0.80 -20.70 -38.61
CA ILE H 45 0.18 -20.11 -37.43
C ILE H 45 -0.78 -18.99 -37.85
N TRP H 46 -0.31 -18.12 -38.74
CA TRP H 46 -1.12 -17.02 -39.22
C TRP H 46 -2.44 -17.49 -39.85
N THR H 47 -2.44 -18.72 -40.36
CA THR H 47 -3.65 -19.26 -40.99
C THR H 47 -4.70 -19.68 -39.95
N LEU H 48 -4.24 -20.24 -38.83
CA LEU H 48 -5.14 -20.62 -37.74
C LEU H 48 -5.60 -19.31 -37.05
N PHE H 49 -4.65 -18.43 -36.77
CA PHE H 49 -4.92 -17.15 -36.08
C PHE H 49 -6.01 -16.34 -36.82
N GLN H 50 -5.82 -16.23 -38.12
CA GLN H 50 -6.73 -15.53 -39.00
C GLN H 50 -8.08 -16.23 -39.10
N HIS H 51 -8.04 -17.54 -39.32
CA HIS H 51 -9.26 -18.31 -39.46
C HIS H 51 -10.09 -18.17 -38.20
N THR H 52 -9.40 -18.17 -37.06
CA THR H 52 -10.06 -18.01 -35.76
C THR H 52 -10.79 -16.68 -35.67
N LEU H 53 -10.06 -15.59 -35.86
CA LEU H 53 -10.62 -14.26 -35.83
C LEU H 53 -11.80 -14.05 -36.79
N GLN H 54 -11.77 -14.78 -37.90
CA GLN H 54 -12.80 -14.62 -38.91
C GLN H 54 -14.00 -15.54 -38.71
N ASN H 55 -13.75 -16.79 -38.35
CA ASN H 55 -14.84 -17.77 -38.16
C ASN H 55 -15.11 -18.20 -36.72
N GLU H 56 -14.20 -17.89 -35.80
CA GLU H 56 -14.43 -18.26 -34.41
C GLU H 56 -14.32 -17.02 -33.53
N TYR H 57 -14.94 -15.93 -33.96
CA TYR H 57 -14.85 -14.64 -33.27
C TYR H 57 -15.40 -14.60 -31.84
N GLU H 58 -16.28 -15.54 -31.50
CA GLU H 58 -16.83 -15.58 -30.14
C GLU H 58 -15.71 -15.90 -29.17
N LEU H 59 -14.63 -16.49 -29.68
CA LEU H 59 -13.47 -16.77 -28.86
C LEU H 59 -12.90 -15.45 -28.33
N MET H 60 -13.15 -14.37 -29.06
CA MET H 60 -12.62 -13.08 -28.67
C MET H 60 -13.43 -12.35 -27.60
N ARG H 61 -14.68 -12.76 -27.40
CA ARG H 61 -15.57 -12.09 -26.45
C ARG H 61 -15.01 -11.98 -25.03
N ASP H 62 -14.72 -10.76 -24.61
CA ASP H 62 -14.21 -10.50 -23.28
C ASP H 62 -12.81 -11.07 -23.08
N ARG H 63 -12.11 -11.26 -24.17
CA ARG H 63 -10.78 -11.81 -24.10
C ARG H 63 -9.82 -10.90 -24.91
N HIS H 64 -8.56 -11.25 -25.00
CA HIS H 64 -7.54 -10.41 -25.66
C HIS H 64 -6.92 -11.08 -26.91
N LEU H 65 -6.75 -10.29 -27.98
CA LEU H 65 -6.14 -10.71 -29.26
C LEU H 65 -4.83 -11.50 -29.10
N ASP H 66 -3.94 -11.01 -28.24
CA ASP H 66 -2.70 -11.71 -27.97
C ASP H 66 -2.91 -13.06 -27.30
N GLN H 67 -4.06 -13.25 -26.68
CA GLN H 67 -4.30 -14.55 -26.09
C GLN H 67 -4.49 -15.55 -27.23
N ILE H 68 -5.30 -15.18 -28.22
CA ILE H 68 -5.53 -16.03 -29.38
C ILE H 68 -4.22 -16.24 -30.10
N MET H 69 -3.44 -15.18 -30.26
CA MET H 69 -2.13 -15.32 -30.92
C MET H 69 -1.24 -16.39 -30.30
N MET H 70 -0.94 -16.21 -29.01
CA MET H 70 -0.09 -17.14 -28.29
C MET H 70 -0.63 -18.56 -28.35
N CYS H 71 -1.95 -18.72 -28.26
CA CYS H 71 -2.53 -20.05 -28.27
C CYS H 71 -2.45 -20.65 -29.66
N SER H 72 -2.45 -19.80 -30.68
CA SER H 72 -2.37 -20.27 -32.06
C SER H 72 -1.00 -20.80 -32.29
N MET H 73 -0.04 -20.21 -31.60
CA MET H 73 1.35 -20.62 -31.74
C MET H 73 1.56 -21.98 -31.08
N TYR H 74 1.01 -22.13 -29.88
CA TYR H 74 1.14 -23.35 -29.10
C TYR H 74 0.42 -24.53 -29.75
N GLY H 75 -0.78 -24.26 -30.26
CA GLY H 75 -1.59 -25.28 -30.89
C GLY H 75 -0.89 -25.87 -32.11
N ILE H 76 -0.33 -25.01 -32.94
CA ILE H 76 0.33 -25.46 -34.16
C ILE H 76 1.67 -26.13 -33.92
N CYS H 77 2.34 -25.73 -32.85
CA CYS H 77 3.62 -26.35 -32.54
C CYS H 77 3.41 -27.73 -31.91
N LYS H 78 2.25 -27.94 -31.31
CA LYS H 78 1.93 -29.21 -30.69
C LYS H 78 1.62 -30.23 -31.76
N VAL H 79 0.87 -29.83 -32.79
CA VAL H 79 0.52 -30.73 -33.87
C VAL H 79 1.71 -31.05 -34.75
N LYS H 80 2.59 -30.07 -34.96
CA LYS H 80 3.77 -30.24 -35.77
C LYS H 80 4.87 -30.81 -34.89
N ASN H 81 4.48 -31.53 -33.85
CA ASN H 81 5.42 -32.16 -32.92
C ASN H 81 6.70 -31.37 -32.58
N ILE H 82 6.60 -30.04 -32.47
CA ILE H 82 7.72 -29.21 -32.06
C ILE H 82 7.66 -29.05 -30.55
N ASP H 83 8.72 -28.56 -29.94
CA ASP H 83 8.72 -28.40 -28.49
C ASP H 83 8.88 -26.93 -28.07
N LEU H 84 7.76 -26.24 -27.97
CA LEU H 84 7.76 -24.83 -27.59
C LEU H 84 6.81 -24.62 -26.41
N LYS H 85 7.31 -24.82 -25.20
CA LYS H 85 6.50 -24.64 -24.00
C LYS H 85 5.90 -23.22 -23.88
N PHE H 86 4.73 -23.14 -23.26
CA PHE H 86 4.07 -21.85 -23.07
C PHE H 86 4.96 -20.95 -22.22
N LYS H 87 5.64 -21.56 -21.26
CA LYS H 87 6.55 -20.83 -20.41
C LYS H 87 7.53 -20.03 -21.30
N ILE H 88 7.88 -20.59 -22.45
CA ILE H 88 8.83 -19.92 -23.33
C ILE H 88 8.16 -18.79 -24.12
N ILE H 89 6.94 -19.04 -24.55
CA ILE H 89 6.18 -18.04 -25.27
C ILE H 89 5.97 -16.78 -24.44
N VAL H 90 5.48 -16.96 -23.21
CA VAL H 90 5.21 -15.82 -22.34
C VAL H 90 6.42 -14.96 -22.08
N THR H 91 7.56 -15.61 -21.85
CA THR H 91 8.81 -14.91 -21.58
C THR H 91 9.12 -14.01 -22.76
N ALA H 92 8.74 -14.46 -23.94
CA ALA H 92 8.99 -13.66 -25.12
C ALA H 92 7.91 -12.61 -25.20
N TYR H 93 6.69 -13.00 -24.89
CA TYR H 93 5.56 -12.08 -24.90
C TYR H 93 5.87 -10.89 -23.98
N LYS H 94 6.35 -11.18 -22.78
CA LYS H 94 6.67 -10.11 -21.82
C LYS H 94 7.64 -9.08 -22.37
N ASP H 95 8.10 -9.26 -23.60
CA ASP H 95 9.07 -8.33 -24.18
C ASP H 95 8.51 -7.33 -25.20
N LEU H 96 7.25 -7.50 -25.57
CA LEU H 96 6.62 -6.56 -26.50
C LEU H 96 6.37 -5.26 -25.75
N PRO H 97 6.52 -4.13 -26.40
CA PRO H 97 6.39 -2.83 -25.72
C PRO H 97 5.07 -2.60 -25.00
N HIS H 98 3.97 -3.23 -25.43
CA HIS H 98 2.68 -2.96 -24.80
C HIS H 98 2.29 -4.04 -23.79
N ALA H 99 3.07 -5.11 -23.72
CA ALA H 99 2.71 -6.28 -22.92
C ALA H 99 2.45 -6.06 -21.43
N VAL H 100 1.35 -6.64 -20.97
CA VAL H 100 0.94 -6.59 -19.57
C VAL H 100 0.84 -8.05 -19.10
N GLN H 101 1.37 -8.33 -17.92
CA GLN H 101 1.38 -9.71 -17.43
C GLN H 101 -0.04 -10.24 -17.25
N GLU H 102 -0.96 -9.35 -16.95
CA GLU H 102 -2.36 -9.72 -16.76
C GLU H 102 -2.84 -10.51 -17.97
N THR H 103 -2.33 -10.16 -19.14
CA THR H 103 -2.77 -10.82 -20.36
C THR H 103 -2.59 -12.35 -20.39
N PHE H 104 -1.56 -12.87 -19.72
CA PHE H 104 -1.41 -14.32 -19.72
C PHE H 104 -1.79 -14.96 -18.37
N LYS H 105 -2.06 -14.12 -17.38
CA LYS H 105 -2.41 -14.62 -16.04
C LYS H 105 -3.91 -14.59 -15.70
N ARG H 106 -4.66 -13.80 -16.46
CA ARG H 106 -6.08 -13.61 -16.18
C ARG H 106 -6.87 -13.81 -17.48
N VAL H 107 -7.15 -15.07 -17.84
CA VAL H 107 -7.86 -15.36 -19.08
C VAL H 107 -9.25 -15.92 -18.81
N LEU H 108 -10.25 -15.39 -19.49
CA LEU H 108 -11.61 -15.87 -19.27
C LEU H 108 -11.75 -17.34 -19.62
N ILE H 109 -12.31 -18.12 -18.71
CA ILE H 109 -12.57 -19.54 -18.96
C ILE H 109 -14.06 -19.73 -19.22
N LYS H 110 -14.82 -19.87 -18.14
CA LYS H 110 -16.28 -20.03 -18.19
C LYS H 110 -16.93 -18.76 -17.68
N GLU H 111 -18.26 -18.72 -17.69
CA GLU H 111 -19.01 -17.52 -17.30
C GLU H 111 -18.20 -16.40 -16.68
N GLU H 112 -17.81 -16.54 -15.41
CA GLU H 112 -17.07 -15.46 -14.78
C GLU H 112 -15.79 -15.87 -14.10
N GLU H 113 -15.31 -17.07 -14.40
CA GLU H 113 -14.10 -17.57 -13.79
C GLU H 113 -12.89 -17.35 -14.70
N TYR H 114 -11.78 -16.98 -14.09
CA TYR H 114 -10.54 -16.63 -14.79
C TYR H 114 -9.43 -17.58 -14.42
N ASP H 115 -8.39 -17.63 -15.26
CA ASP H 115 -7.25 -18.55 -15.04
C ASP H 115 -6.14 -18.27 -16.04
N SER H 116 -4.97 -18.89 -15.80
CA SER H 116 -3.80 -18.71 -16.66
C SER H 116 -4.10 -19.07 -18.10
N ILE H 117 -3.17 -18.78 -19.01
CA ILE H 117 -3.37 -19.03 -20.43
C ILE H 117 -3.26 -20.51 -20.84
N ILE H 118 -2.51 -21.29 -20.09
CA ILE H 118 -2.37 -22.71 -20.39
C ILE H 118 -3.69 -23.42 -20.09
N VAL H 119 -4.33 -23.05 -18.99
CA VAL H 119 -5.60 -23.67 -18.63
C VAL H 119 -6.62 -23.22 -19.66
N PHE H 120 -6.45 -22.00 -20.16
CA PHE H 120 -7.36 -21.52 -21.21
C PHE H 120 -7.22 -22.42 -22.43
N TYR H 121 -5.98 -22.69 -22.81
CA TYR H 121 -5.68 -23.52 -23.97
C TYR H 121 -6.28 -24.92 -23.88
N ASN H 122 -5.98 -25.64 -22.80
CA ASN H 122 -6.48 -27.00 -22.63
C ASN H 122 -7.97 -27.16 -22.35
N SER H 123 -8.63 -26.09 -21.88
CA SER H 123 -10.04 -26.17 -21.51
C SER H 123 -11.01 -25.52 -22.47
N VAL H 124 -10.51 -24.54 -23.24
CA VAL H 124 -11.37 -23.79 -24.15
C VAL H 124 -10.85 -23.73 -25.58
N PHE H 125 -9.70 -23.08 -25.77
CA PHE H 125 -9.07 -22.93 -27.08
C PHE H 125 -8.89 -24.24 -27.86
N MET H 126 -8.25 -25.21 -27.24
CA MET H 126 -8.00 -26.47 -27.91
C MET H 126 -9.31 -27.22 -28.19
N GLN H 127 -10.30 -27.03 -27.32
CA GLN H 127 -11.57 -27.72 -27.45
C GLN H 127 -12.39 -27.24 -28.65
N ARG H 128 -12.50 -25.93 -28.78
CA ARG H 128 -13.29 -25.32 -29.84
C ARG H 128 -12.62 -25.43 -31.21
N LEU H 129 -11.30 -25.57 -31.20
CA LEU H 129 -10.52 -25.63 -32.45
C LEU H 129 -9.80 -26.96 -32.73
N LYS H 130 -10.04 -27.97 -31.89
CA LYS H 130 -9.40 -29.28 -32.05
C LYS H 130 -9.39 -29.79 -33.48
N THR H 131 -10.57 -30.14 -34.00
CA THR H 131 -10.67 -30.65 -35.36
C THR H 131 -10.02 -29.73 -36.39
N ASN H 132 -10.13 -28.42 -36.20
CA ASN H 132 -9.54 -27.48 -37.14
C ASN H 132 -8.00 -27.52 -37.10
N ILE H 133 -7.48 -27.84 -35.93
CA ILE H 133 -6.05 -27.87 -35.72
C ILE H 133 -5.40 -29.14 -36.30
N LEU H 134 -6.15 -30.23 -36.32
CA LEU H 134 -5.63 -31.49 -36.83
C LEU H 134 -5.36 -31.47 -38.35
N GLN H 135 -6.03 -30.60 -39.07
CA GLN H 135 -5.85 -30.53 -40.53
C GLN H 135 -4.44 -30.20 -40.98
N TYR H 136 -3.59 -29.77 -40.05
CA TYR H 136 -2.21 -29.45 -40.43
C TYR H 136 -1.33 -30.67 -40.27
N ALA H 137 -1.98 -31.78 -39.93
CA ALA H 137 -1.31 -33.07 -39.76
C ALA H 137 -1.00 -33.74 -41.10
N SER H 138 -2.04 -34.03 -41.89
CA SER H 138 -1.85 -34.67 -43.18
C SER H 138 -1.07 -33.76 -44.13
N THR H 139 -0.38 -34.34 -45.11
CA THR H 139 0.36 -33.57 -46.11
C THR H 139 -0.62 -32.81 -46.99
N ARG H 140 -1.90 -32.94 -46.66
CA ARG H 140 -2.98 -32.26 -47.36
C ARG H 140 -3.69 -31.29 -46.41
N PRO H 141 -2.98 -30.27 -45.91
CA PRO H 141 -3.55 -29.29 -44.97
C PRO H 141 -4.35 -28.16 -45.65
N PRO H 142 -4.99 -27.28 -44.87
CA PRO H 142 -5.74 -26.16 -45.44
C PRO H 142 -4.88 -25.12 -46.17
N THR H 143 -5.58 -24.22 -46.86
CA THR H 143 -4.93 -23.18 -47.65
C THR H 143 -4.40 -22.06 -46.79
N LEU H 144 -3.10 -21.82 -46.86
CA LEU H 144 -2.48 -20.73 -46.12
C LEU H 144 -3.20 -19.38 -46.35
N SER H 145 -3.32 -18.58 -45.31
CA SER H 145 -3.97 -17.27 -45.40
C SER H 145 -2.99 -16.20 -45.84
N PRO H 146 -3.43 -15.28 -46.71
CA PRO H 146 -2.59 -14.18 -47.20
C PRO H 146 -1.99 -13.30 -46.10
N ILE H 147 -0.74 -12.91 -46.30
CA ILE H 147 0.00 -12.08 -45.37
C ILE H 147 -0.40 -10.64 -45.54
N PRO H 148 -0.83 -9.99 -44.46
CA PRO H 148 -1.24 -8.60 -44.54
C PRO H 148 -0.18 -7.80 -45.28
N HIS H 149 -0.56 -7.27 -46.44
CA HIS H 149 0.35 -6.48 -47.26
C HIS H 149 0.85 -5.30 -46.47
N ILE H 150 1.93 -5.50 -45.72
CA ILE H 150 2.52 -4.46 -44.89
C ILE H 150 3.81 -3.90 -45.49
N PRO H 151 3.67 -2.89 -46.35
CA PRO H 151 4.85 -2.21 -46.91
C PRO H 151 5.59 -1.37 -45.86
N ARG H 152 6.91 -1.27 -46.01
CA ARG H 152 7.75 -0.54 -45.09
C ARG H 152 7.49 -0.93 -43.64
N LEU I 1 17.13 -8.99 4.13
CA LEU I 1 16.54 -9.12 5.50
C LEU I 1 16.99 -7.97 6.42
N ASP I 2 17.48 -8.30 7.62
CA ASP I 2 17.91 -7.29 8.59
C ASP I 2 16.72 -6.58 9.25
N TYR I 3 15.52 -7.11 9.00
CA TYR I 3 14.31 -6.55 9.56
C TYR I 3 13.83 -7.54 10.60
N HIS I 4 13.38 -7.04 11.75
CA HIS I 4 12.93 -7.92 12.83
C HIS I 4 11.48 -8.39 12.66
N PHE I 5 11.31 -9.68 12.33
CA PHE I 5 9.96 -10.24 12.23
C PHE I 5 9.58 -10.83 13.58
N GLY I 6 8.65 -10.19 14.28
CA GLY I 6 8.27 -10.62 15.61
C GLY I 6 7.15 -11.64 15.64
N LEU I 7 6.46 -11.80 14.53
CA LEU I 7 5.41 -12.80 14.45
C LEU I 7 6.05 -14.17 14.43
N GLU I 8 5.40 -15.13 15.09
CA GLU I 8 5.85 -16.50 15.12
C GLU I 8 4.97 -17.34 14.19
N GLU I 9 5.48 -18.49 13.74
CA GLU I 9 4.76 -19.36 12.79
C GLU I 9 3.28 -19.58 13.14
N GLY I 10 2.97 -19.75 14.40
CA GLY I 10 1.58 -19.90 14.76
C GLY I 10 0.79 -18.60 14.81
N GLU I 11 1.38 -17.51 14.30
CA GLU I 11 0.71 -16.21 14.31
C GLU I 11 0.52 -15.61 12.92
N GLY I 12 -0.59 -14.92 12.72
CA GLY I 12 -0.81 -14.30 11.44
C GLY I 12 -1.65 -13.06 11.57
N ILE I 13 -1.63 -12.24 10.55
CA ILE I 13 -2.37 -10.98 10.53
C ILE I 13 -3.77 -11.11 11.14
N ARG I 14 -4.38 -12.26 11.00
CA ARG I 14 -5.74 -12.44 11.50
C ARG I 14 -5.86 -12.43 13.03
N ASP I 15 -4.80 -12.81 13.72
CA ASP I 15 -4.82 -12.81 15.17
C ASP I 15 -4.65 -11.40 15.72
N LEU I 16 -4.09 -10.51 14.91
CA LEU I 16 -3.82 -9.15 15.37
C LEU I 16 -5.12 -8.38 15.56
N PHE I 17 -6.13 -8.77 14.79
CA PHE I 17 -7.47 -8.21 14.86
C PHE I 17 -8.37 -9.37 15.18
N ASP I 18 -8.12 -10.00 16.32
CA ASP I 18 -8.86 -11.21 16.72
C ASP I 18 -9.17 -11.19 18.21
N LEU J 1 24.83 -10.10 12.19
CA LEU J 1 25.97 -10.13 11.22
C LEU J 1 25.81 -9.04 10.16
N ASP J 2 24.86 -9.24 9.25
CA ASP J 2 24.56 -8.32 8.15
C ASP J 2 25.81 -7.90 7.38
N TYR J 3 26.97 -8.19 7.94
CA TYR J 3 28.24 -7.90 7.31
C TYR J 3 28.37 -8.65 5.98
N HIS J 4 28.96 -7.99 4.98
CA HIS J 4 29.15 -8.60 3.66
C HIS J 4 30.46 -9.38 3.61
N PHE J 5 30.38 -10.70 3.73
CA PHE J 5 31.56 -11.55 3.69
C PHE J 5 31.92 -11.82 2.23
N GLY J 6 33.03 -11.26 1.76
CA GLY J 6 33.40 -11.39 0.37
C GLY J 6 34.11 -12.66 0.01
N LEU J 7 34.97 -13.13 0.89
CA LEU J 7 35.67 -14.37 0.64
C LEU J 7 34.67 -15.51 0.48
N GLU J 8 35.00 -16.48 -0.37
CA GLU J 8 34.13 -17.64 -0.54
C GLU J 8 34.51 -18.75 0.44
N GLU J 9 34.30 -19.99 0.00
CA GLU J 9 34.62 -21.14 0.84
C GLU J 9 35.90 -21.79 0.37
N GLY J 10 36.45 -21.24 -0.70
CA GLY J 10 37.71 -21.68 -1.24
C GLY J 10 38.76 -20.60 -1.04
N GLU J 11 38.53 -19.76 -0.05
CA GLU J 11 39.46 -18.67 0.24
C GLU J 11 39.70 -18.52 1.74
N GLY J 12 40.89 -18.09 2.09
CA GLY J 12 41.25 -17.88 3.47
C GLY J 12 42.26 -16.75 3.54
N ILE J 13 42.62 -16.34 4.76
CA ILE J 13 43.54 -15.22 4.92
C ILE J 13 44.86 -15.55 4.25
N ARG J 14 45.16 -16.84 4.26
CA ARG J 14 46.41 -17.35 3.72
C ARG J 14 46.56 -17.04 2.23
N ASP J 15 45.44 -16.84 1.54
CA ASP J 15 45.46 -16.50 0.12
C ASP J 15 45.62 -14.99 -0.09
N LEU J 16 45.17 -14.18 0.86
CA LEU J 16 45.27 -12.74 0.70
C LEU J 16 46.72 -12.24 0.68
N PHE J 17 47.59 -12.97 1.37
CA PHE J 17 49.02 -12.66 1.40
C PHE J 17 49.68 -13.84 0.72
N ASP J 18 49.05 -14.32 -0.33
CA ASP J 18 49.51 -15.50 -1.06
C ASP J 18 49.81 -15.16 -2.51
N LEU K 1 -48.17 7.56 20.61
CA LEU K 1 -48.45 7.20 22.04
C LEU K 1 -47.91 5.87 22.59
N ASP K 2 -47.55 4.91 21.75
CA ASP K 2 -47.19 3.61 22.33
C ASP K 2 -45.95 3.00 21.75
N TYR K 3 -44.82 3.47 22.23
CA TYR K 3 -43.58 2.98 21.73
C TYR K 3 -43.04 1.93 22.71
N HIS K 4 -42.79 0.72 22.22
CA HIS K 4 -42.31 -0.40 23.05
C HIS K 4 -40.87 -0.27 23.48
N PHE K 5 -40.66 0.05 24.75
CA PHE K 5 -39.32 0.14 25.32
C PHE K 5 -38.84 -1.26 25.66
N GLY K 6 -37.84 -1.74 24.92
CA GLY K 6 -37.38 -3.10 25.09
C GLY K 6 -36.31 -3.31 26.15
N LEU K 7 -35.69 -2.24 26.62
CA LEU K 7 -34.63 -2.38 27.62
C LEU K 7 -35.13 -2.68 29.05
N GLU K 8 -34.60 -3.76 29.64
CA GLU K 8 -34.95 -4.19 31.00
C GLU K 8 -35.31 -3.07 31.94
N GLU K 9 -34.30 -2.54 32.63
CA GLU K 9 -34.52 -1.46 33.57
C GLU K 9 -33.19 -1.04 34.18
N GLY K 10 -32.19 -1.87 33.96
CA GLY K 10 -30.85 -1.60 34.46
C GLY K 10 -29.89 -1.59 33.29
N GLU K 11 -30.44 -1.52 32.09
CA GLU K 11 -29.65 -1.52 30.89
C GLU K 11 -29.55 -0.10 30.36
N GLY K 12 -28.43 0.23 29.72
CA GLY K 12 -28.24 1.55 29.15
C GLY K 12 -27.54 1.43 27.82
N ILE K 13 -27.21 2.56 27.21
CA ILE K 13 -26.54 2.53 25.92
C ILE K 13 -25.24 1.77 26.02
N ARG K 14 -24.56 1.89 27.15
CA ARG K 14 -23.24 1.29 27.32
C ARG K 14 -23.22 -0.25 27.18
N ASP K 15 -24.27 -0.92 27.68
CA ASP K 15 -24.37 -2.38 27.59
C ASP K 15 -24.61 -2.87 26.16
N LEU K 16 -24.84 -1.95 25.24
CA LEU K 16 -25.17 -2.32 23.87
C LEU K 16 -23.96 -2.34 22.95
N PHE K 17 -22.84 -1.84 23.45
CA PHE K 17 -21.65 -1.73 22.62
C PHE K 17 -20.42 -2.45 23.19
N ASP K 18 -19.72 -3.14 22.31
CA ASP K 18 -18.51 -3.87 22.68
C ASP K 18 -17.56 -3.90 21.48
N LEU L 1 8.08 7.66 -37.76
CA LEU L 1 6.87 7.88 -38.61
C LEU L 1 6.06 6.60 -38.75
N ASP L 2 5.16 6.58 -39.72
CA ASP L 2 4.37 5.38 -40.00
C ASP L 2 3.05 5.30 -39.24
N TYR L 3 1.97 5.64 -39.93
CA TYR L 3 0.64 5.47 -39.40
C TYR L 3 -0.13 4.75 -40.51
N HIS L 4 -0.77 3.65 -40.18
CA HIS L 4 -1.51 2.85 -41.17
C HIS L 4 -2.86 3.46 -41.53
N PHE L 5 -2.94 4.10 -42.69
CA PHE L 5 -4.22 4.54 -43.21
C PHE L 5 -4.86 3.36 -43.92
N GLY L 6 -5.97 2.86 -43.40
CA GLY L 6 -6.57 1.70 -44.03
C GLY L 6 -7.70 1.99 -44.99
N LEU L 7 -7.91 3.24 -45.36
CA LEU L 7 -9.01 3.58 -46.25
C LEU L 7 -8.63 3.67 -47.74
N GLU L 8 -9.57 3.27 -48.61
CA GLU L 8 -9.37 3.35 -50.05
C GLU L 8 -9.49 4.81 -50.45
N GLU L 9 -8.73 5.22 -51.46
CA GLU L 9 -8.71 6.62 -51.85
C GLU L 9 -10.10 7.21 -52.08
N GLY L 10 -11.10 6.35 -52.19
CA GLY L 10 -12.45 6.84 -52.42
C GLY L 10 -13.33 6.82 -51.19
N GLU L 11 -12.88 6.10 -50.16
CA GLU L 11 -13.67 5.99 -48.94
C GLU L 11 -13.53 7.27 -48.12
N GLY L 12 -14.58 7.62 -47.37
CA GLY L 12 -14.55 8.80 -46.54
C GLY L 12 -15.38 8.62 -45.29
N ILE L 13 -15.27 9.57 -44.36
CA ILE L 13 -15.98 9.53 -43.07
C ILE L 13 -17.46 9.17 -43.23
N ARG L 14 -18.11 9.80 -44.19
CA ARG L 14 -19.53 9.53 -44.40
C ARG L 14 -19.84 8.04 -44.46
N ASP L 15 -19.01 7.28 -45.18
CA ASP L 15 -19.24 5.84 -45.38
C ASP L 15 -19.16 5.01 -44.11
N LEU L 16 -18.65 5.60 -43.04
CA LEU L 16 -18.53 4.92 -41.76
C LEU L 16 -19.79 5.11 -40.93
N PHE L 17 -20.70 5.91 -41.45
CA PHE L 17 -21.96 6.23 -40.80
C PHE L 17 -23.00 6.32 -41.90
N ASP L 18 -22.74 5.62 -42.98
CA ASP L 18 -23.59 5.66 -44.16
C ASP L 18 -24.38 4.37 -44.32
#